data_7M7W
#
_entry.id   7M7W
#
_cell.length_a   86.185
_cell.length_b   66.402
_cell.length_c   237.659
_cell.angle_alpha   90.000
_cell.angle_beta   94.340
_cell.angle_gamma   90.000
#
_symmetry.space_group_name_H-M   'P 1 21 1'
#
loop_
_entity.id
_entity.type
_entity.pdbx_description
1 polymer 'Monoclonal antibody S2X259 Fab light chain'
2 polymer 'Monoclonal antibody S2X259 Fab heavy chain'
3 polymer 'Monoclonal antibody S2H97 Fab light chain'
4 polymer 'Monoclonal antibody S2H97 Fab heavy chain'
5 polymer 'Spike protein S1'
6 non-polymer 2-acetamido-2-deoxy-beta-D-glucopyranose
7 water water
#
loop_
_entity_poly.entity_id
_entity_poly.type
_entity_poly.pdbx_seq_one_letter_code
_entity_poly.pdbx_strand_id
1 'polypeptide(L)'
;QTVLTQPPSVSGAPGQRVTISCTGSNSNIGAGYDVHWYQQLPGTAPKLLICGNSNRPSGVPDRFSGSKSGTSASLAITGL
QAEDEADYYCQSYDSSLSGPNWVFGGGTKLTVLGQPKAAPSVTLFPPSSEELQANKATLVCLISDFYPGAVTVAWKADSS
PVKAGVETTTPSKQSNNKYAASSYLSLTPEQWKSHRSYSCQVTHEGSTVEKTVAPTECS
;
B,L
2 'polypeptide(L)'
;QVQLVQSGAEVKKPGSSVKVSCKASGGIFNTYTISWVRQAPGQGLEWMGRIILMSGMANYAQKIQGRVTITADKSTSTAY
MELTSLRSDDTAVYYCARGFNGNYYGWGDDDAFDIWGQGTLVTVYSASTKGPSVFPLAPSSKSTSGGTAALGCLVKDYFP
EPVTVSWNSGALTSGVHTFPAVLQSSGLYSLSSVVTVPSSSLGTQTYICNVNHKPSNTKVDKRVEPKSC
;
A,H
3 'polypeptide(L)'
;QSVLTQPASVSGSPGQSITISCTGISSDVGGYNSVSWYQQHPGKAPKLMIYDVTNRPSGVSNRFSGSKSGNTASLTISGL
QAEDEADYYCSSYTSSSTPPYVFGTGTKVSVLGQPKAAPSVTLFPPSSEELQANKATLVCLISDFYPGAVTVAWKADSSP
VKAGVETTTPSKQSNNKYAASSYLSLTPEQWKSHRSYSCQVTHEGSTVEKTVAPTECS
;
D,F
4 'polypeptide(L)'
;QVRLVQSGAEVKKSGESLKISCKGSGYSFTSYWIGWVRQMPGKGLEWMGIIYPGDSDTRYSPSFQGQVTISADKSISTVY
LQWSSLKASDTAMYYCARQWSHYTYDYYYWGQGTLVTISSASTKGPSVFPLAPSSKSTSGGTAALGCLVKDYFPEPVTVS
WNSGALTSGVHTFPAVLQSSGLYSLSSVVTVPSSSLGTQTYICNVNHKPSNTKVDKKVEPKSC
;
C,E
5 'polypeptide(L)'
;ETGTRFPNITNLCPFGEVFNATRFASVYAWNRKRISNCVADYSVLYNSASFSTFKCYGVSPTKLNDLCFTNVYADSFVIR
GDEVRQIAPGQTGKIADYNYKLPDDFTGCVIAWNSNNLDSKVGGNYNYLYRLFRKSNLKPFERDISTEIYQAGSTPCNGV
EGFNCYFPLQSYGFQPTNGVGYQPYRVVVLSFELLHAPATVCGPKKSTHHHHHHHH
;
S,R
#
loop_
_chem_comp.id
_chem_comp.type
_chem_comp.name
_chem_comp.formula
NAG D-saccharide, beta linking 2-acetamido-2-deoxy-beta-D-glucopyranose 'C8 H15 N O6'
#
# COMPACT_ATOMS: atom_id res chain seq x y z
N THR A 2 -12.14 7.65 -70.30
CA THR A 2 -13.27 8.42 -69.69
C THR A 2 -13.22 9.86 -70.19
N VAL A 3 -14.40 10.49 -70.28
CA VAL A 3 -14.50 11.87 -70.74
C VAL A 3 -15.57 12.59 -69.94
N LEU A 4 -15.40 13.92 -69.81
CA LEU A 4 -16.43 14.81 -69.33
C LEU A 4 -17.17 15.37 -70.54
N THR A 5 -18.45 15.69 -70.37
CA THR A 5 -19.32 16.05 -71.48
C THR A 5 -19.56 17.56 -71.50
N GLN A 6 -18.93 18.21 -72.48
CA GLN A 6 -19.11 19.64 -72.76
C GLN A 6 -19.92 19.77 -74.04
N PRO A 7 -20.65 20.90 -74.24
CA PRO A 7 -21.21 21.20 -75.56
C PRO A 7 -20.03 21.49 -76.51
N PRO A 8 -20.11 21.09 -77.80
CA PRO A 8 -18.98 21.27 -78.71
C PRO A 8 -18.78 22.74 -79.09
N SER A 9 -19.89 23.49 -79.05
CA SER A 9 -19.92 24.86 -79.54
C SER A 9 -20.83 25.72 -78.68
N VAL A 10 -20.41 26.98 -78.46
CA VAL A 10 -21.19 27.99 -77.76
C VAL A 10 -20.94 29.34 -78.44
N SER A 11 -21.97 30.17 -78.55
CA SER A 11 -21.81 31.46 -79.21
C SER A 11 -22.48 32.58 -78.41
N GLY A 12 -21.96 33.80 -78.62
CA GLY A 12 -22.49 35.00 -77.98
C GLY A 12 -22.00 36.26 -78.70
N ALA A 13 -22.81 37.33 -78.59
CA ALA A 13 -22.46 38.62 -79.15
C ALA A 13 -21.68 39.43 -78.10
N PRO A 14 -20.85 40.42 -78.51
CA PRO A 14 -20.12 41.24 -77.54
C PRO A 14 -21.04 41.80 -76.46
N GLY A 15 -20.66 41.63 -75.20
CA GLY A 15 -21.39 42.20 -74.08
C GLY A 15 -22.33 41.19 -73.41
N GLN A 16 -22.65 40.10 -74.12
CA GLN A 16 -23.57 39.09 -73.63
C GLN A 16 -22.89 38.19 -72.59
N ARG A 17 -23.67 37.22 -72.07
CA ARG A 17 -23.23 36.22 -71.11
C ARG A 17 -23.55 34.83 -71.66
N VAL A 18 -22.53 33.96 -71.69
CA VAL A 18 -22.72 32.57 -72.10
C VAL A 18 -22.30 31.66 -70.96
N THR A 19 -22.75 30.41 -71.01
CA THR A 19 -22.37 29.38 -70.07
C THR A 19 -21.88 28.15 -70.83
N ILE A 20 -20.94 27.42 -70.22
CA ILE A 20 -20.47 26.15 -70.75
C ILE A 20 -20.64 25.09 -69.67
N SER A 21 -21.34 24.01 -70.01
CA SER A 21 -21.63 22.97 -69.03
C SER A 21 -20.60 21.85 -69.13
N CYS A 22 -20.36 21.20 -67.98
CA CYS A 22 -19.45 20.08 -67.88
C CYS A 22 -20.17 18.96 -67.12
N THR A 23 -20.43 17.85 -67.81
CA THR A 23 -21.16 16.74 -67.21
C THR A 23 -20.22 15.55 -67.03
N GLY A 24 -20.29 14.93 -65.85
CA GLY A 24 -19.50 13.75 -65.54
C GLY A 24 -20.36 12.66 -64.89
N SER A 25 -19.74 11.92 -63.97
CA SER A 25 -20.38 10.80 -63.29
C SER A 25 -19.96 10.77 -61.83
N ASN A 26 -20.29 9.68 -61.14
CA ASN A 26 -20.05 9.56 -59.71
C ASN A 26 -18.61 9.16 -59.43
N SER A 27 -17.80 9.04 -60.50
CA SER A 27 -16.39 8.71 -60.39
C SER A 27 -15.53 9.97 -60.43
N ASN A 28 -16.17 11.12 -60.71
CA ASN A 28 -15.45 12.36 -60.87
C ASN A 28 -16.17 13.48 -60.13
N ILE A 29 -16.86 14.35 -60.87
CA ILE A 29 -17.54 15.48 -60.26
C ILE A 29 -18.46 14.98 -59.14
N GLY A 30 -19.21 13.92 -59.42
CA GLY A 30 -20.18 13.34 -58.50
C GLY A 30 -19.55 12.84 -57.20
N ALA A 31 -18.25 12.49 -57.25
CA ALA A 31 -17.52 12.00 -56.10
C ALA A 31 -17.08 13.17 -55.21
N GLY A 32 -17.01 14.36 -55.81
CA GLY A 32 -16.69 15.57 -55.07
C GLY A 32 -15.33 16.14 -55.48
N TYR A 33 -14.75 15.61 -56.57
CA TYR A 33 -13.46 16.07 -57.04
C TYR A 33 -13.60 17.47 -57.62
N ASP A 34 -12.60 18.32 -57.34
CA ASP A 34 -12.56 19.69 -57.82
C ASP A 34 -12.58 19.69 -59.34
N VAL A 35 -13.26 20.70 -59.91
CA VAL A 35 -13.29 20.88 -61.35
C VAL A 35 -12.46 22.11 -61.70
N HIS A 36 -11.57 21.95 -62.68
CA HIS A 36 -10.73 23.05 -63.13
C HIS A 36 -11.08 23.40 -64.58
N TRP A 37 -11.03 24.70 -64.91
CA TRP A 37 -11.34 25.18 -66.25
C TRP A 37 -10.09 25.73 -66.91
N TYR A 38 -9.99 25.52 -68.23
CA TYR A 38 -8.82 25.94 -68.99
C TYR A 38 -9.27 26.69 -70.24
N GLN A 39 -8.50 27.74 -70.58
CA GLN A 39 -8.75 28.57 -71.74
C GLN A 39 -7.58 28.43 -72.72
N GLN A 40 -7.89 28.01 -73.95
CA GLN A 40 -6.88 27.89 -74.98
C GLN A 40 -7.24 28.80 -76.16
N LEU A 41 -6.49 29.90 -76.28
CA LEU A 41 -6.59 30.79 -77.43
C LEU A 41 -5.96 30.12 -78.64
N PRO A 42 -6.38 30.46 -79.89
CA PRO A 42 -5.91 29.85 -81.12
C PRO A 42 -4.61 29.04 -81.12
N GLY A 43 -3.47 29.74 -81.21
CA GLY A 43 -2.19 29.07 -81.35
C GLY A 43 -1.32 29.20 -80.11
N THR A 44 -1.90 28.86 -78.95
CA THR A 44 -1.23 29.05 -77.68
C THR A 44 -1.53 27.84 -76.78
N ALA A 45 -0.73 27.73 -75.70
CA ALA A 45 -0.91 26.69 -74.71
C ALA A 45 -2.12 27.00 -73.84
N PRO A 46 -2.77 25.99 -73.21
CA PRO A 46 -3.87 26.23 -72.28
C PRO A 46 -3.46 27.06 -71.07
N LYS A 47 -4.44 27.79 -70.54
CA LYS A 47 -4.27 28.69 -69.41
C LYS A 47 -5.27 28.27 -68.34
N LEU A 48 -4.82 28.19 -67.09
CA LEU A 48 -5.73 27.93 -65.98
C LEU A 48 -6.64 29.14 -65.83
N LEU A 49 -7.95 28.90 -65.93
CA LEU A 49 -8.96 29.95 -65.91
C LEU A 49 -9.71 29.90 -64.59
N ILE A 50 -10.12 28.69 -64.18
CA ILE A 50 -10.79 28.46 -62.92
C ILE A 50 -10.16 27.22 -62.27
N CYS A 51 -9.73 27.37 -61.01
CA CYS A 51 -9.26 26.25 -60.21
C CYS A 51 -10.18 26.05 -59.02
N GLY A 52 -10.47 24.79 -58.70
CA GLY A 52 -11.31 24.44 -57.56
C GLY A 52 -12.70 25.07 -57.68
N ASN A 53 -13.41 24.73 -58.75
CA ASN A 53 -14.83 24.99 -58.94
C ASN A 53 -15.09 26.46 -59.28
N SER A 54 -14.70 27.40 -58.41
CA SER A 54 -15.16 28.78 -58.55
C SER A 54 -14.07 29.82 -58.29
N ASN A 55 -12.85 29.39 -57.94
CA ASN A 55 -11.78 30.31 -57.58
C ASN A 55 -10.97 30.70 -58.82
N ARG A 56 -10.56 31.97 -58.87
CA ARG A 56 -9.85 32.52 -60.02
C ARG A 56 -8.39 32.79 -59.66
N PRO A 57 -7.43 32.39 -60.52
CA PRO A 57 -6.05 32.84 -60.39
C PRO A 57 -5.95 34.33 -60.71
N SER A 58 -4.92 34.98 -60.15
CA SER A 58 -4.63 36.38 -60.41
C SER A 58 -4.34 36.57 -61.89
N GLY A 59 -4.92 37.63 -62.47
CA GLY A 59 -4.77 37.93 -63.89
C GLY A 59 -5.82 37.24 -64.76
N VAL A 60 -6.91 36.77 -64.11
CA VAL A 60 -8.07 36.25 -64.81
C VAL A 60 -9.25 37.18 -64.51
N PRO A 61 -9.84 37.82 -65.55
CA PRO A 61 -10.92 38.81 -65.35
C PRO A 61 -12.06 38.33 -64.46
N ASP A 62 -12.70 39.32 -63.79
CA ASP A 62 -13.77 39.12 -62.82
C ASP A 62 -14.97 38.42 -63.47
N ARG A 63 -15.09 38.56 -64.79
CA ARG A 63 -16.30 38.19 -65.53
C ARG A 63 -16.37 36.68 -65.73
N PHE A 64 -15.26 35.97 -65.53
CA PHE A 64 -15.24 34.52 -65.52
C PHE A 64 -15.64 34.03 -64.13
N SER A 65 -16.51 33.00 -64.08
CA SER A 65 -16.93 32.39 -62.82
C SER A 65 -17.33 30.95 -63.04
N GLY A 66 -17.04 30.10 -62.05
CA GLY A 66 -17.35 28.68 -62.13
C GLY A 66 -18.25 28.23 -60.99
N SER A 67 -19.06 27.20 -61.26
CA SER A 67 -19.91 26.61 -60.23
C SER A 67 -20.02 25.11 -60.46
N LYS A 68 -20.20 24.36 -59.37
CA LYS A 68 -20.29 22.91 -59.39
C LYS A 68 -21.55 22.51 -58.61
N SER A 69 -22.26 21.48 -59.11
CA SER A 69 -23.49 21.02 -58.49
C SER A 69 -23.85 19.61 -59.00
N GLY A 70 -23.82 18.64 -58.09
CA GLY A 70 -24.16 17.26 -58.39
C GLY A 70 -23.09 16.58 -59.23
N THR A 71 -23.45 16.22 -60.47
CA THR A 71 -22.52 15.59 -61.40
C THR A 71 -22.11 16.60 -62.47
N SER A 72 -22.45 17.88 -62.25
CA SER A 72 -22.33 18.91 -63.27
C SER A 72 -21.54 20.11 -62.76
N ALA A 73 -20.72 20.66 -63.68
CA ALA A 73 -20.03 21.92 -63.48
C ALA A 73 -20.45 22.89 -64.59
N SER A 74 -20.18 24.17 -64.39
CA SER A 74 -20.58 25.20 -65.33
C SER A 74 -19.64 26.40 -65.25
N LEU A 75 -19.24 26.90 -66.43
CA LEU A 75 -18.45 28.12 -66.55
C LEU A 75 -19.34 29.21 -67.12
N ALA A 76 -19.23 30.41 -66.55
CA ALA A 76 -20.01 31.56 -66.99
C ALA A 76 -19.07 32.70 -67.37
N ILE A 77 -19.26 33.22 -68.59
CA ILE A 77 -18.54 34.39 -69.06
C ILE A 77 -19.56 35.50 -69.31
N THR A 78 -19.47 36.57 -68.51
CA THR A 78 -20.30 37.76 -68.71
C THR A 78 -19.54 38.75 -69.58
N GLY A 79 -20.28 39.69 -70.18
CA GLY A 79 -19.73 40.74 -71.04
C GLY A 79 -18.51 40.27 -71.82
N LEU A 80 -18.70 39.24 -72.66
CA LEU A 80 -17.57 38.67 -73.40
C LEU A 80 -17.14 39.63 -74.50
N GLN A 81 -15.88 39.52 -74.89
CA GLN A 81 -15.27 40.36 -75.92
C GLN A 81 -14.40 39.51 -76.82
N ALA A 82 -13.78 40.16 -77.82
CA ALA A 82 -12.99 39.49 -78.84
C ALA A 82 -11.95 38.56 -78.22
N GLU A 83 -11.36 38.99 -77.10
CA GLU A 83 -10.25 38.29 -76.47
C GLU A 83 -10.70 36.95 -75.91
N ASP A 84 -12.02 36.72 -75.86
CA ASP A 84 -12.59 35.58 -75.18
C ASP A 84 -12.81 34.41 -76.14
N GLU A 85 -12.64 34.66 -77.45
CA GLU A 85 -12.82 33.63 -78.46
C GLU A 85 -11.69 32.61 -78.34
N ALA A 86 -12.05 31.41 -77.87
CA ALA A 86 -11.07 30.37 -77.58
C ALA A 86 -11.79 29.05 -77.33
N ASP A 87 -10.99 28.01 -77.04
CA ASP A 87 -11.48 26.71 -76.62
C ASP A 87 -11.39 26.62 -75.09
N TYR A 88 -12.48 26.12 -74.48
CA TYR A 88 -12.60 26.04 -73.04
C TYR A 88 -12.73 24.58 -72.61
N TYR A 89 -11.81 24.15 -71.74
CA TYR A 89 -11.80 22.77 -71.26
C TYR A 89 -12.10 22.73 -69.76
N CYS A 90 -13.00 21.83 -69.38
CA CYS A 90 -13.17 21.48 -67.97
C CYS A 90 -12.33 20.24 -67.66
N GLN A 91 -11.94 20.10 -66.40
CA GLN A 91 -11.01 19.06 -65.99
C GLN A 91 -11.26 18.70 -64.52
N SER A 92 -11.29 17.40 -64.23
CA SER A 92 -11.31 16.94 -62.85
C SER A 92 -10.53 15.63 -62.74
N TYR A 93 -10.77 14.91 -61.64
CA TYR A 93 -10.12 13.65 -61.37
C TYR A 93 -11.14 12.54 -61.56
N ASP A 94 -10.66 11.33 -61.85
CA ASP A 94 -11.54 10.20 -62.06
C ASP A 94 -10.97 8.96 -61.36
N SER A 95 -11.85 8.21 -60.69
CA SER A 95 -11.41 7.12 -59.84
C SER A 95 -12.08 5.80 -60.23
N SER A 96 -12.41 5.65 -61.52
CA SER A 96 -13.13 4.49 -62.02
C SER A 96 -12.18 3.32 -62.26
N LEU A 97 -10.96 3.64 -62.71
CA LEU A 97 -10.05 2.62 -63.21
C LEU A 97 -9.13 2.14 -62.09
N SER A 98 -8.15 1.31 -62.46
CA SER A 98 -7.31 0.65 -61.48
C SER A 98 -6.16 1.58 -61.06
N GLY A 99 -6.09 2.75 -61.71
CA GLY A 99 -5.02 3.69 -61.43
C GLY A 99 -5.54 5.13 -61.39
N PRO A 100 -4.72 6.08 -60.87
CA PRO A 100 -5.11 7.49 -60.87
C PRO A 100 -5.40 7.93 -62.30
N ASN A 101 -6.35 8.84 -62.46
CA ASN A 101 -6.80 9.25 -63.77
C ASN A 101 -7.24 10.72 -63.74
N TRP A 102 -6.51 11.56 -64.48
CA TRP A 102 -6.91 12.95 -64.66
C TRP A 102 -7.58 13.10 -66.02
N VAL A 103 -8.71 13.83 -66.04
CA VAL A 103 -9.68 13.69 -67.11
C VAL A 103 -10.15 15.07 -67.56
N PHE A 104 -10.15 15.28 -68.87
CA PHE A 104 -10.55 16.53 -69.50
C PHE A 104 -11.89 16.34 -70.20
N GLY A 105 -12.61 17.46 -70.39
CA GLY A 105 -13.76 17.52 -71.27
C GLY A 105 -13.31 17.60 -72.74
N GLY A 106 -14.27 17.45 -73.65
CA GLY A 106 -14.01 17.44 -75.08
C GLY A 106 -13.59 18.82 -75.60
N GLY A 107 -13.93 19.86 -74.83
CA GLY A 107 -13.66 21.24 -75.23
C GLY A 107 -14.92 21.90 -75.81
N THR A 108 -15.00 23.22 -75.61
CA THR A 108 -16.09 24.01 -76.16
C THR A 108 -15.49 25.15 -76.97
N LYS A 109 -15.85 25.22 -78.26
CA LYS A 109 -15.51 26.35 -79.10
C LYS A 109 -16.48 27.49 -78.79
N LEU A 110 -15.92 28.65 -78.41
CA LEU A 110 -16.71 29.83 -78.13
C LEU A 110 -16.49 30.87 -79.22
N THR A 111 -17.56 31.16 -79.96
CA THR A 111 -17.52 32.19 -80.99
C THR A 111 -18.06 33.50 -80.42
N VAL A 112 -17.24 34.54 -80.49
CA VAL A 112 -17.69 35.91 -80.34
C VAL A 112 -18.25 36.33 -81.68
N LEU A 113 -19.55 36.67 -81.71
CA LEU A 113 -20.26 36.89 -82.96
C LEU A 113 -19.85 38.23 -83.57
N GLY A 114 -19.19 38.16 -84.73
CA GLY A 114 -18.72 39.34 -85.42
C GLY A 114 -19.53 39.60 -86.68
N GLN A 115 -20.67 38.89 -86.80
CA GLN A 115 -21.36 38.73 -88.06
C GLN A 115 -22.71 38.06 -87.79
N PRO A 116 -23.78 38.37 -88.54
CA PRO A 116 -25.08 37.72 -88.36
C PRO A 116 -25.04 36.23 -88.69
N LYS A 117 -25.84 35.43 -87.96
CA LYS A 117 -25.83 33.98 -88.07
C LYS A 117 -26.32 33.56 -89.46
N ALA A 118 -25.69 32.51 -90.00
CA ALA A 118 -26.08 31.93 -91.27
C ALA A 118 -26.33 30.44 -91.10
N ALA A 119 -27.50 29.98 -91.55
CA ALA A 119 -27.93 28.60 -91.43
C ALA A 119 -27.25 27.76 -92.51
N PRO A 120 -26.96 26.47 -92.26
CA PRO A 120 -26.24 25.65 -93.24
C PRO A 120 -27.12 25.13 -94.38
N SER A 121 -26.48 24.92 -95.54
CA SER A 121 -27.02 24.16 -96.65
C SER A 121 -26.42 22.77 -96.59
N VAL A 122 -27.30 21.77 -96.72
CA VAL A 122 -26.87 20.37 -96.62
C VAL A 122 -27.20 19.63 -97.92
N THR A 123 -26.19 18.93 -98.45
CA THR A 123 -26.39 18.00 -99.55
C THR A 123 -25.92 16.61 -99.10
N LEU A 124 -26.76 15.60 -99.31
CA LEU A 124 -26.42 14.23 -98.97
C LEU A 124 -26.44 13.37 -100.23
N PHE A 125 -25.27 12.78 -100.54
CA PHE A 125 -25.13 11.80 -101.62
C PHE A 125 -25.08 10.39 -101.05
N PRO A 126 -25.84 9.43 -101.63
CA PRO A 126 -25.75 8.02 -101.26
C PRO A 126 -24.54 7.40 -101.96
N PRO A 127 -24.17 6.14 -101.65
CA PRO A 127 -23.08 5.49 -102.37
C PRO A 127 -23.43 5.29 -103.84
N SER A 128 -22.42 5.49 -104.70
CA SER A 128 -22.55 5.25 -106.14
C SER A 128 -22.57 3.75 -106.41
N SER A 129 -23.10 3.36 -107.57
CA SER A 129 -23.06 1.97 -108.00
C SER A 129 -21.62 1.52 -108.17
N GLU A 130 -20.78 2.43 -108.66
CA GLU A 130 -19.38 2.14 -108.93
C GLU A 130 -18.71 1.71 -107.62
N GLU A 131 -19.01 2.45 -106.55
CA GLU A 131 -18.42 2.15 -105.26
C GLU A 131 -18.94 0.80 -104.73
N LEU A 132 -20.24 0.55 -104.92
CA LEU A 132 -20.85 -0.68 -104.45
C LEU A 132 -20.25 -1.88 -105.18
N GLN A 133 -19.85 -1.66 -106.43
CA GLN A 133 -19.25 -2.70 -107.25
C GLN A 133 -17.82 -2.98 -106.77
N ALA A 134 -17.16 -1.94 -106.28
CA ALA A 134 -15.82 -2.05 -105.70
C ALA A 134 -15.90 -2.57 -104.27
N ASN A 135 -17.11 -2.95 -103.85
CA ASN A 135 -17.39 -3.59 -102.58
C ASN A 135 -17.09 -2.65 -101.41
N LYS A 136 -17.46 -1.38 -101.58
CA LYS A 136 -17.40 -0.35 -100.55
C LYS A 136 -18.67 0.49 -100.62
N ALA A 137 -18.83 1.46 -99.71
CA ALA A 137 -19.98 2.33 -99.66
C ALA A 137 -19.70 3.53 -98.73
N THR A 138 -19.80 4.73 -99.28
CA THR A 138 -19.67 5.97 -98.52
C THR A 138 -20.90 6.85 -98.76
N LEU A 139 -21.45 7.40 -97.67
CA LEU A 139 -22.42 8.47 -97.76
C LEU A 139 -21.68 9.79 -97.61
N VAL A 140 -22.03 10.77 -98.44
CA VAL A 140 -21.34 12.06 -98.41
C VAL A 140 -22.34 13.13 -98.00
N CYS A 141 -22.02 13.81 -96.89
CA CYS A 141 -22.79 14.94 -96.40
C CYS A 141 -21.96 16.21 -96.54
N LEU A 142 -22.48 17.18 -97.30
CA LEU A 142 -21.76 18.42 -97.56
C LEU A 142 -22.52 19.58 -96.95
N ILE A 143 -21.83 20.36 -96.09
CA ILE A 143 -22.42 21.43 -95.32
C ILE A 143 -21.69 22.72 -95.67
N SER A 144 -22.45 23.77 -96.01
CA SER A 144 -21.83 25.00 -96.50
C SER A 144 -22.64 26.25 -96.10
N ASP A 145 -21.95 27.39 -96.18
CA ASP A 145 -22.52 28.73 -96.08
C ASP A 145 -23.08 29.01 -94.69
N PHE A 146 -22.43 28.48 -93.65
CA PHE A 146 -22.93 28.66 -92.30
C PHE A 146 -21.98 29.55 -91.48
N TYR A 147 -22.55 30.20 -90.47
CA TYR A 147 -21.83 30.98 -89.48
C TYR A 147 -22.66 30.99 -88.20
N PRO A 148 -22.08 30.73 -87.01
CA PRO A 148 -20.64 30.58 -86.82
C PRO A 148 -20.09 29.26 -87.36
N GLY A 149 -18.76 29.18 -87.47
CA GLY A 149 -18.08 28.02 -88.02
C GLY A 149 -17.98 26.87 -87.02
N ALA A 150 -19.13 26.44 -86.50
CA ALA A 150 -19.17 25.28 -85.61
C ALA A 150 -20.49 24.54 -85.82
N VAL A 151 -20.36 23.27 -86.19
CA VAL A 151 -21.52 22.45 -86.50
C VAL A 151 -21.28 21.04 -85.97
N THR A 152 -22.36 20.31 -85.65
CA THR A 152 -22.22 18.93 -85.24
C THR A 152 -23.13 18.05 -86.08
N VAL A 153 -22.65 16.85 -86.41
CA VAL A 153 -23.28 15.96 -87.38
C VAL A 153 -23.58 14.63 -86.70
N ALA A 154 -24.81 14.14 -86.87
CA ALA A 154 -25.21 12.84 -86.33
C ALA A 154 -25.79 11.98 -87.46
N TRP A 155 -25.24 10.78 -87.63
CA TRP A 155 -25.74 9.85 -88.63
C TRP A 155 -26.76 8.91 -87.99
N LYS A 156 -27.71 8.46 -88.81
CA LYS A 156 -28.76 7.55 -88.35
C LYS A 156 -28.98 6.46 -89.40
N ALA A 157 -29.23 5.24 -88.90
CA ALA A 157 -29.70 4.13 -89.72
C ALA A 157 -31.11 3.79 -89.27
N ASP A 158 -32.07 3.94 -90.19
CA ASP A 158 -33.47 4.06 -89.80
C ASP A 158 -33.56 5.10 -88.68
N SER A 159 -34.03 4.69 -87.51
CA SER A 159 -34.12 5.58 -86.37
C SER A 159 -32.78 5.64 -85.64
N SER A 160 -32.07 4.50 -85.60
CA SER A 160 -30.94 4.27 -84.71
C SER A 160 -29.74 5.12 -85.09
N PRO A 161 -29.05 5.77 -84.12
CA PRO A 161 -27.81 6.49 -84.42
C PRO A 161 -26.67 5.51 -84.72
N VAL A 162 -25.77 5.95 -85.60
CA VAL A 162 -24.55 5.21 -85.91
C VAL A 162 -23.36 6.11 -85.68
N LYS A 163 -22.37 5.60 -84.94
CA LYS A 163 -21.22 6.38 -84.51
C LYS A 163 -19.95 5.83 -85.17
N ALA A 164 -20.03 4.60 -85.70
CA ALA A 164 -18.91 3.91 -86.31
C ALA A 164 -18.75 4.32 -87.77
N GLY A 165 -17.50 4.52 -88.18
CA GLY A 165 -17.16 4.79 -89.57
C GLY A 165 -17.54 6.19 -90.03
N VAL A 166 -17.51 7.15 -89.09
CA VAL A 166 -17.86 8.54 -89.37
C VAL A 166 -16.59 9.38 -89.29
N GLU A 167 -16.35 10.18 -90.33
CA GLU A 167 -15.27 11.16 -90.34
C GLU A 167 -15.87 12.51 -90.69
N THR A 168 -15.57 13.52 -89.88
CA THR A 168 -16.12 14.86 -90.08
C THR A 168 -14.99 15.88 -90.00
N THR A 169 -15.07 16.90 -90.86
CA THR A 169 -14.05 17.93 -90.95
C THR A 169 -14.31 18.99 -89.87
N THR A 170 -13.22 19.62 -89.42
CA THR A 170 -13.33 20.91 -88.76
C THR A 170 -13.76 21.90 -89.82
N PRO A 171 -14.80 22.73 -89.57
CA PRO A 171 -15.25 23.74 -90.54
C PRO A 171 -14.13 24.72 -90.91
N SER A 172 -14.18 25.24 -92.14
CA SER A 172 -13.21 26.23 -92.57
C SER A 172 -13.87 27.33 -93.42
N LYS A 173 -13.33 28.55 -93.28
CA LYS A 173 -13.84 29.73 -93.95
C LYS A 173 -13.83 29.51 -95.47
N GLN A 174 -14.96 29.84 -96.11
CA GLN A 174 -15.03 30.05 -97.54
C GLN A 174 -14.59 31.49 -97.81
N SER A 175 -14.54 31.87 -99.08
CA SER A 175 -14.12 33.22 -99.43
C SER A 175 -15.17 34.25 -98.99
N ASN A 176 -16.41 33.79 -98.80
CA ASN A 176 -17.53 34.65 -98.49
C ASN A 176 -17.63 34.89 -96.98
N ASN A 177 -16.70 34.29 -96.22
CA ASN A 177 -16.56 34.49 -94.79
C ASN A 177 -17.47 33.56 -93.99
N LYS A 178 -18.32 32.79 -94.68
CA LYS A 178 -19.07 31.72 -94.04
C LYS A 178 -18.21 30.46 -94.08
N TYR A 179 -18.73 29.36 -93.52
CA TYR A 179 -17.90 28.18 -93.30
C TYR A 179 -18.44 26.98 -94.08
N ALA A 180 -17.52 26.07 -94.45
CA ALA A 180 -17.89 24.81 -95.06
C ALA A 180 -17.34 23.65 -94.24
N ALA A 181 -18.07 22.54 -94.25
CA ALA A 181 -17.63 21.31 -93.59
C ALA A 181 -18.28 20.12 -94.30
N SER A 182 -17.71 18.93 -94.09
CA SER A 182 -18.27 17.74 -94.69
C SER A 182 -18.12 16.55 -93.74
N SER A 183 -18.99 15.55 -93.91
CA SER A 183 -19.01 14.37 -93.07
C SER A 183 -19.25 13.12 -93.91
N TYR A 184 -18.49 12.05 -93.64
CA TYR A 184 -18.56 10.82 -94.41
C TYR A 184 -18.92 9.64 -93.50
N LEU A 185 -19.83 8.78 -93.98
CA LEU A 185 -20.19 7.55 -93.29
C LEU A 185 -19.80 6.34 -94.14
N SER A 186 -18.88 5.53 -93.62
CA SER A 186 -18.43 4.32 -94.29
C SER A 186 -19.34 3.15 -93.89
N LEU A 187 -19.79 2.40 -94.89
CA LEU A 187 -20.57 1.19 -94.69
C LEU A 187 -19.98 0.09 -95.56
N THR A 188 -20.30 -1.16 -95.21
CA THR A 188 -20.22 -2.25 -96.15
C THR A 188 -21.44 -2.19 -97.06
N PRO A 189 -21.35 -2.62 -98.34
CA PRO A 189 -22.52 -2.65 -99.22
C PRO A 189 -23.66 -3.42 -98.56
N GLU A 190 -23.30 -4.37 -97.69
CA GLU A 190 -24.28 -5.24 -97.07
C GLU A 190 -24.98 -4.52 -95.92
N GLN A 191 -24.29 -3.57 -95.28
CA GLN A 191 -24.90 -2.73 -94.26
C GLN A 191 -25.88 -1.74 -94.92
N TRP A 192 -25.40 -1.05 -95.95
CA TRP A 192 -26.19 -0.11 -96.74
C TRP A 192 -27.54 -0.73 -97.14
N LYS A 193 -27.50 -1.99 -97.60
CA LYS A 193 -28.65 -2.65 -98.19
C LYS A 193 -29.66 -3.10 -97.13
N SER A 194 -29.25 -3.13 -95.85
CA SER A 194 -30.04 -3.81 -94.84
C SER A 194 -30.76 -2.83 -93.92
N HIS A 195 -30.78 -1.56 -94.32
CA HIS A 195 -31.63 -0.57 -93.66
C HIS A 195 -32.54 0.08 -94.70
N ARG A 196 -33.65 0.64 -94.22
CA ARG A 196 -34.66 1.24 -95.08
C ARG A 196 -34.14 2.57 -95.60
N SER A 197 -33.27 3.23 -94.81
CA SER A 197 -32.71 4.52 -95.16
C SER A 197 -31.59 4.92 -94.19
N TYR A 198 -30.78 5.91 -94.62
CA TYR A 198 -29.75 6.50 -93.79
C TYR A 198 -29.92 8.01 -93.77
N SER A 199 -29.63 8.62 -92.61
CA SER A 199 -29.83 10.06 -92.44
C SER A 199 -28.54 10.74 -92.01
N CYS A 200 -28.29 11.91 -92.59
CA CYS A 200 -27.31 12.86 -92.10
C CYS A 200 -28.06 14.00 -91.40
N GLN A 201 -27.78 14.20 -90.12
CA GLN A 201 -28.49 15.18 -89.32
C GLN A 201 -27.49 16.23 -88.81
N VAL A 202 -27.70 17.48 -89.24
CA VAL A 202 -26.74 18.56 -89.03
C VAL A 202 -27.35 19.56 -88.06
N THR A 203 -26.63 19.85 -86.97
CA THR A 203 -27.10 20.77 -85.94
C THR A 203 -26.21 22.00 -85.91
N HIS A 204 -26.85 23.17 -85.99
CA HIS A 204 -26.17 24.45 -86.01
C HIS A 204 -27.02 25.47 -85.25
N GLU A 205 -26.44 26.00 -84.16
CA GLU A 205 -27.08 27.01 -83.33
C GLU A 205 -28.52 26.58 -83.02
N GLY A 206 -28.67 25.36 -82.49
CA GLY A 206 -29.94 24.89 -81.97
C GLY A 206 -30.96 24.50 -83.04
N SER A 207 -30.60 24.65 -84.32
CA SER A 207 -31.46 24.22 -85.41
C SER A 207 -30.85 23.03 -86.13
N THR A 208 -31.70 22.26 -86.84
CA THR A 208 -31.29 20.98 -87.38
C THR A 208 -31.84 20.77 -88.79
N VAL A 209 -30.95 20.32 -89.69
CA VAL A 209 -31.34 19.84 -91.00
C VAL A 209 -31.01 18.35 -91.06
N GLU A 210 -32.00 17.56 -91.48
CA GLU A 210 -31.81 16.14 -91.73
C GLU A 210 -32.18 15.82 -93.18
N LYS A 211 -31.20 15.32 -93.94
CA LYS A 211 -31.41 14.77 -95.27
C LYS A 211 -31.33 13.24 -95.18
N THR A 212 -32.16 12.56 -95.97
CA THR A 212 -32.26 11.10 -95.91
C THR A 212 -32.11 10.51 -97.31
N VAL A 213 -31.33 9.43 -97.42
CA VAL A 213 -31.19 8.66 -98.64
C VAL A 213 -31.56 7.21 -98.34
N ALA A 214 -32.03 6.51 -99.37
CA ALA A 214 -32.40 5.10 -99.25
C ALA A 214 -31.77 4.29 -100.38
N PRO A 215 -31.48 2.99 -100.15
CA PRO A 215 -30.94 2.12 -101.20
C PRO A 215 -31.94 1.91 -102.32
N THR A 216 -33.21 1.73 -101.95
CA THR A 216 -34.26 1.30 -102.85
C THR A 216 -34.89 2.49 -103.58
N GLU A 217 -34.07 3.51 -103.87
CA GLU A 217 -34.48 4.65 -104.69
C GLU A 217 -33.24 5.26 -105.37
N VAL B 2 8.11 31.48 -62.56
CA VAL B 2 8.25 30.00 -62.72
C VAL B 2 7.97 29.61 -64.17
N GLN B 3 9.01 29.10 -64.85
CA GLN B 3 8.96 28.78 -66.27
C GLN B 3 9.05 27.26 -66.45
N LEU B 4 8.33 26.75 -67.45
CA LEU B 4 8.55 25.39 -67.94
C LEU B 4 9.02 25.47 -69.38
N VAL B 5 10.24 25.00 -69.64
CA VAL B 5 10.89 25.12 -70.94
C VAL B 5 11.06 23.73 -71.53
N GLN B 6 10.40 23.48 -72.67
CA GLN B 6 10.38 22.18 -73.32
C GLN B 6 11.37 22.15 -74.47
N SER B 7 11.86 20.95 -74.80
CA SER B 7 12.80 20.76 -75.89
C SER B 7 12.11 20.97 -77.23
N GLY B 8 12.92 21.22 -78.26
CA GLY B 8 12.47 21.63 -79.59
C GLY B 8 11.66 20.55 -80.30
N ALA B 9 11.01 20.95 -81.40
CA ALA B 9 10.10 20.11 -82.16
C ALA B 9 10.84 18.88 -82.71
N GLU B 10 10.09 17.80 -82.92
CA GLU B 10 10.65 16.54 -83.38
C GLU B 10 9.88 16.05 -84.61
N VAL B 11 10.64 15.55 -85.59
CA VAL B 11 10.10 14.89 -86.76
C VAL B 11 10.64 13.46 -86.76
N LYS B 12 9.75 12.48 -86.56
CA LYS B 12 10.14 11.10 -86.39
C LYS B 12 9.41 10.23 -87.41
N LYS B 13 9.95 9.03 -87.66
CA LYS B 13 9.29 8.03 -88.50
C LYS B 13 8.52 7.06 -87.62
N PRO B 14 7.46 6.39 -88.14
CA PRO B 14 6.68 5.43 -87.35
C PRO B 14 7.52 4.29 -86.78
N GLY B 15 7.13 3.81 -85.59
CA GLY B 15 7.83 2.74 -84.90
C GLY B 15 9.12 3.23 -84.24
N SER B 16 9.26 4.56 -84.16
CA SER B 16 10.45 5.20 -83.60
C SER B 16 10.23 5.58 -82.14
N SER B 17 11.20 6.29 -81.56
CA SER B 17 11.17 6.72 -80.17
C SER B 17 11.52 8.21 -80.09
N VAL B 18 10.86 8.92 -79.17
CA VAL B 18 11.09 10.33 -78.96
C VAL B 18 11.08 10.63 -77.47
N LYS B 19 12.13 11.30 -76.98
CA LYS B 19 12.25 11.69 -75.59
C LYS B 19 12.21 13.22 -75.49
N VAL B 20 11.06 13.75 -75.08
CA VAL B 20 10.84 15.18 -74.90
C VAL B 20 11.24 15.58 -73.48
N SER B 21 11.70 16.83 -73.35
CA SER B 21 12.24 17.37 -72.10
C SER B 21 11.38 18.52 -71.61
N CYS B 22 11.52 18.84 -70.31
CA CYS B 22 10.79 19.92 -69.65
C CYS B 22 11.54 20.31 -68.37
N LYS B 23 12.12 21.52 -68.39
CA LYS B 23 12.90 22.01 -67.25
C LYS B 23 12.10 23.10 -66.52
N ALA B 24 12.16 23.05 -65.19
CA ALA B 24 11.56 24.07 -64.34
C ALA B 24 12.58 25.18 -64.06
N SER B 25 12.07 26.39 -63.84
CA SER B 25 12.91 27.56 -63.63
C SER B 25 12.27 28.46 -62.56
N GLY B 26 12.87 28.47 -61.37
CA GLY B 26 12.32 29.17 -60.22
C GLY B 26 12.67 28.46 -58.91
N GLY B 27 12.11 27.26 -58.72
CA GLY B 27 12.41 26.43 -57.57
C GLY B 27 11.39 25.30 -57.36
N ILE B 28 11.81 24.28 -56.59
CA ILE B 28 10.96 23.17 -56.18
C ILE B 28 10.09 23.63 -55.01
N PHE B 29 10.27 24.89 -54.59
CA PHE B 29 9.64 25.45 -53.41
C PHE B 29 8.11 25.39 -53.51
N ASN B 30 7.61 25.09 -54.72
CA ASN B 30 6.18 24.92 -54.95
C ASN B 30 5.93 24.11 -56.22
N THR B 31 6.91 23.27 -56.61
CA THR B 31 6.78 22.42 -57.78
C THR B 31 7.04 20.97 -57.39
N TYR B 32 5.98 20.15 -57.38
CA TYR B 32 6.04 18.82 -56.79
C TYR B 32 5.73 17.74 -57.81
N THR B 33 4.83 18.03 -58.76
CA THR B 33 4.48 17.05 -59.78
C THR B 33 4.61 17.65 -61.18
N ILE B 34 5.00 16.80 -62.14
CA ILE B 34 4.95 17.16 -63.55
C ILE B 34 4.02 16.19 -64.27
N SER B 35 3.08 16.76 -65.04
CA SER B 35 2.17 15.98 -65.86
C SER B 35 2.41 16.29 -67.34
N TRP B 36 2.22 15.28 -68.19
CA TRP B 36 2.26 15.45 -69.63
C TRP B 36 0.85 15.34 -70.20
N VAL B 37 0.49 16.32 -71.04
CA VAL B 37 -0.82 16.38 -71.68
C VAL B 37 -0.61 16.59 -73.18
N ARG B 38 -1.25 15.75 -74.00
CA ARG B 38 -1.06 15.82 -75.44
C ARG B 38 -2.33 16.29 -76.14
N GLN B 39 -2.13 16.88 -77.34
CA GLN B 39 -3.21 17.43 -78.14
C GLN B 39 -2.91 17.21 -79.61
N ALA B 40 -3.61 16.24 -80.22
CA ALA B 40 -3.59 16.02 -81.66
C ALA B 40 -4.15 17.25 -82.37
N PRO B 41 -3.63 17.61 -83.56
CA PRO B 41 -4.06 18.83 -84.27
C PRO B 41 -5.58 18.95 -84.38
N GLY B 42 -6.10 20.10 -83.90
CA GLY B 42 -7.52 20.41 -83.93
C GLY B 42 -8.35 19.49 -83.05
N GLN B 43 -7.77 19.08 -81.91
CA GLN B 43 -8.40 18.11 -81.02
C GLN B 43 -8.33 18.61 -79.58
N GLY B 44 -8.91 17.83 -78.66
CA GLY B 44 -8.91 18.15 -77.24
C GLY B 44 -7.60 17.77 -76.56
N LEU B 45 -7.58 17.88 -75.22
CA LEU B 45 -6.40 17.58 -74.42
C LEU B 45 -6.54 16.18 -73.83
N GLU B 46 -5.41 15.45 -73.76
CA GLU B 46 -5.39 14.12 -73.16
C GLU B 46 -4.24 14.03 -72.17
N TRP B 47 -4.58 13.88 -70.87
CA TRP B 47 -3.59 13.59 -69.85
C TRP B 47 -2.91 12.26 -70.20
N MET B 48 -1.58 12.24 -70.04
CA MET B 48 -0.77 11.11 -70.46
C MET B 48 -0.12 10.44 -69.26
N GLY B 49 0.36 11.25 -68.31
CA GLY B 49 1.07 10.75 -67.15
C GLY B 49 1.49 11.86 -66.17
N ARG B 50 1.77 11.45 -64.93
CA ARG B 50 2.29 12.35 -63.91
C ARG B 50 3.47 11.69 -63.23
N ILE B 51 4.48 12.49 -62.89
CA ILE B 51 5.57 12.04 -62.04
C ILE B 51 5.60 12.90 -60.78
N ILE B 52 5.82 12.24 -59.65
CA ILE B 52 6.02 12.92 -58.37
C ILE B 52 7.52 13.20 -58.23
N LEU B 53 7.86 14.49 -58.23
CA LEU B 53 9.22 14.97 -58.43
C LEU B 53 10.15 14.51 -57.30
N MET B 54 9.60 14.37 -56.10
CA MET B 54 10.41 14.09 -54.92
C MET B 54 10.75 12.60 -54.85
N SER B 55 9.91 11.76 -55.46
CA SER B 55 9.97 10.33 -55.26
C SER B 55 10.16 9.58 -56.58
N GLY B 56 9.81 10.23 -57.69
CA GLY B 56 9.97 9.64 -59.01
C GLY B 56 8.94 8.58 -59.32
N MET B 57 7.82 8.60 -58.59
CA MET B 57 6.70 7.70 -58.85
C MET B 57 5.88 8.26 -60.00
N ALA B 58 5.68 7.43 -61.03
CA ALA B 58 5.00 7.84 -62.25
C ALA B 58 3.71 7.04 -62.45
N ASN B 59 2.68 7.74 -62.95
CA ASN B 59 1.37 7.17 -63.19
C ASN B 59 0.93 7.56 -64.60
N TYR B 60 0.54 6.55 -65.40
CA TYR B 60 0.30 6.73 -66.83
C TYR B 60 -1.16 6.45 -67.17
N ALA B 61 -1.63 7.15 -68.22
CA ALA B 61 -2.94 6.93 -68.81
C ALA B 61 -3.01 5.55 -69.44
N GLN B 62 -4.18 4.91 -69.27
CA GLN B 62 -4.45 3.56 -69.72
C GLN B 62 -4.11 3.41 -71.21
N LYS B 63 -4.29 4.51 -71.96
CA LYS B 63 -4.18 4.55 -73.40
C LYS B 63 -2.73 4.28 -73.87
N ILE B 64 -1.74 4.67 -73.05
CA ILE B 64 -0.36 4.65 -73.49
C ILE B 64 0.51 3.78 -72.58
N GLN B 65 -0.12 3.07 -71.64
CA GLN B 65 0.57 2.14 -70.75
C GLN B 65 1.44 1.19 -71.56
N GLY B 66 2.73 1.18 -71.27
CA GLY B 66 3.68 0.29 -71.90
C GLY B 66 4.39 0.92 -73.10
N ARG B 67 3.93 2.11 -73.50
CA ARG B 67 4.53 2.82 -74.62
C ARG B 67 5.23 4.08 -74.14
N VAL B 68 4.95 4.47 -72.89
CA VAL B 68 5.49 5.69 -72.32
C VAL B 68 6.20 5.36 -71.01
N THR B 69 7.34 6.04 -70.79
CA THR B 69 7.89 6.16 -69.45
C THR B 69 8.20 7.63 -69.18
N ILE B 70 7.96 8.06 -67.94
CA ILE B 70 8.26 9.41 -67.48
C ILE B 70 9.30 9.32 -66.37
N THR B 71 10.42 10.00 -66.59
CA THR B 71 11.51 10.07 -65.63
C THR B 71 11.70 11.53 -65.22
N ALA B 72 12.44 11.74 -64.14
CA ALA B 72 12.78 13.09 -63.71
C ALA B 72 14.21 13.09 -63.16
N ASP B 73 14.84 14.27 -63.20
CA ASP B 73 16.18 14.46 -62.68
C ASP B 73 16.09 15.58 -61.63
N LYS B 74 16.15 15.18 -60.36
CA LYS B 74 15.82 16.06 -59.25
C LYS B 74 16.87 17.17 -59.12
N SER B 75 18.05 16.94 -59.69
CA SER B 75 19.16 17.88 -59.59
C SER B 75 19.01 19.03 -60.59
N THR B 76 18.53 18.72 -61.80
CA THR B 76 18.44 19.70 -62.87
C THR B 76 17.01 20.24 -62.97
N SER B 77 16.11 19.71 -62.14
CA SER B 77 14.69 20.04 -62.11
C SER B 77 14.03 19.77 -63.47
N THR B 78 14.51 18.72 -64.14
CA THR B 78 14.06 18.37 -65.48
C THR B 78 13.28 17.06 -65.41
N ALA B 79 12.15 17.03 -66.11
CA ALA B 79 11.37 15.82 -66.30
C ALA B 79 11.42 15.41 -67.77
N TYR B 80 11.35 14.10 -68.02
CA TYR B 80 11.44 13.56 -69.36
C TYR B 80 10.23 12.70 -69.67
N MET B 81 9.87 12.61 -70.96
CA MET B 81 8.76 11.81 -71.41
C MET B 81 9.18 11.08 -72.68
N GLU B 82 9.40 9.76 -72.55
CA GLU B 82 9.83 8.94 -73.67
C GLU B 82 8.64 8.17 -74.21
N LEU B 83 8.33 8.38 -75.50
CA LEU B 83 7.25 7.70 -76.18
C LEU B 83 7.84 6.75 -77.23
N THR B 84 7.60 5.44 -77.03
CA THR B 84 8.18 4.41 -77.87
C THR B 84 7.12 3.91 -78.86
N SER B 85 7.59 3.24 -79.93
CA SER B 85 6.74 2.61 -80.92
C SER B 85 5.70 3.61 -81.43
N LEU B 86 6.19 4.61 -82.15
CA LEU B 86 5.37 5.75 -82.56
C LEU B 86 4.42 5.34 -83.68
N ARG B 87 3.27 6.02 -83.72
CA ARG B 87 2.22 5.83 -84.72
C ARG B 87 1.87 7.18 -85.33
N SER B 88 1.14 7.16 -86.44
CA SER B 88 0.72 8.38 -87.14
C SER B 88 -0.10 9.28 -86.23
N ASP B 89 -0.99 8.68 -85.43
CA ASP B 89 -1.88 9.43 -84.57
C ASP B 89 -1.18 9.81 -83.27
N ASP B 90 0.15 9.68 -83.25
CA ASP B 90 0.96 10.22 -82.16
C ASP B 90 1.33 11.67 -82.47
N THR B 91 1.11 12.09 -83.71
CA THR B 91 1.33 13.47 -84.11
C THR B 91 0.44 14.37 -83.24
N ALA B 92 1.08 15.24 -82.45
CA ALA B 92 0.39 16.08 -81.50
C ALA B 92 1.37 17.11 -80.92
N VAL B 93 0.82 18.11 -80.23
CA VAL B 93 1.60 18.98 -79.37
C VAL B 93 1.62 18.35 -77.97
N TYR B 94 2.83 18.20 -77.42
CA TYR B 94 3.00 17.58 -76.11
C TYR B 94 3.37 18.65 -75.08
N TYR B 95 2.47 18.86 -74.13
CA TYR B 95 2.65 19.87 -73.09
C TYR B 95 3.05 19.21 -71.77
N CYS B 96 4.05 19.80 -71.10
CA CYS B 96 4.31 19.51 -69.70
C CYS B 96 3.64 20.58 -68.85
N ALA B 97 3.25 20.20 -67.63
CA ALA B 97 2.61 21.09 -66.67
C ALA B 97 2.82 20.58 -65.25
N ARG B 98 2.88 21.50 -64.28
CA ARG B 98 3.08 21.15 -62.89
C ARG B 98 1.74 21.21 -62.15
N GLY B 99 1.55 20.30 -61.20
CA GLY B 99 0.37 20.28 -60.34
C GLY B 99 0.37 21.44 -59.36
N PHE B 100 -0.82 21.97 -59.08
CA PHE B 100 -0.99 23.05 -58.12
C PHE B 100 -2.38 23.00 -57.49
N ASN B 101 -2.45 23.48 -56.24
CA ASN B 101 -3.68 23.62 -55.49
C ASN B 101 -3.44 24.66 -54.40
N GLY B 102 -4.36 25.62 -54.29
CA GLY B 102 -4.18 26.77 -53.42
C GLY B 102 -4.64 26.51 -51.99
N ASN B 103 -4.83 25.23 -51.65
CA ASN B 103 -5.33 24.82 -50.35
C ASN B 103 -4.20 24.24 -49.50
N TYR B 104 -3.27 23.54 -50.16
CA TYR B 104 -2.19 22.84 -49.48
C TYR B 104 -0.89 22.99 -50.27
N TYR B 105 0.23 22.75 -49.57
CA TYR B 105 1.51 22.56 -50.23
C TYR B 105 1.76 21.05 -50.38
N GLY B 106 2.19 20.65 -51.57
CA GLY B 106 2.49 19.26 -51.86
C GLY B 106 1.68 18.76 -53.06
N TRP B 107 1.34 17.47 -53.03
CA TRP B 107 0.61 16.87 -54.14
C TRP B 107 -0.66 16.18 -53.63
N GLY B 108 -1.66 16.14 -54.52
CA GLY B 108 -2.95 15.52 -54.24
C GLY B 108 -3.73 15.29 -55.53
N ASP B 109 -4.91 14.69 -55.39
CA ASP B 109 -5.73 14.29 -56.53
C ASP B 109 -6.36 15.52 -57.18
N ASP B 110 -6.47 16.62 -56.41
CA ASP B 110 -7.18 17.81 -56.85
C ASP B 110 -6.24 18.82 -57.48
N ASP B 111 -5.08 18.35 -57.96
CA ASP B 111 -4.06 19.25 -58.48
C ASP B 111 -4.44 19.72 -59.89
N ALA B 112 -4.54 21.05 -60.04
CA ALA B 112 -4.75 21.69 -61.32
C ALA B 112 -3.39 22.07 -61.93
N PHE B 113 -3.34 22.09 -63.27
CA PHE B 113 -2.13 22.48 -63.98
C PHE B 113 -2.11 23.99 -64.14
N ASP B 114 -1.25 24.66 -63.36
CA ASP B 114 -1.25 26.11 -63.25
C ASP B 114 -0.26 26.73 -64.24
N ILE B 115 0.94 26.14 -64.33
CA ILE B 115 1.97 26.61 -65.23
C ILE B 115 2.16 25.57 -66.33
N TRP B 116 2.22 26.05 -67.58
CA TRP B 116 2.38 25.19 -68.73
C TRP B 116 3.69 25.50 -69.46
N GLY B 117 4.24 24.47 -70.10
CA GLY B 117 5.32 24.66 -71.07
C GLY B 117 4.75 25.29 -72.35
N GLN B 118 5.65 25.69 -73.25
CA GLN B 118 5.24 26.31 -74.50
C GLN B 118 4.67 25.26 -75.44
N GLY B 119 5.12 24.01 -75.28
CA GLY B 119 4.65 22.88 -76.07
C GLY B 119 5.74 22.33 -76.98
N THR B 120 5.72 21.01 -77.19
CA THR B 120 6.57 20.37 -78.17
C THR B 120 5.68 19.65 -79.19
N LEU B 121 5.73 20.12 -80.46
CA LEU B 121 5.03 19.43 -81.53
C LEU B 121 5.89 18.26 -81.98
N VAL B 122 5.30 17.06 -81.95
CA VAL B 122 5.95 15.86 -82.45
C VAL B 122 5.16 15.38 -83.66
N THR B 123 5.85 15.31 -84.80
CA THR B 123 5.25 14.90 -86.06
C THR B 123 5.81 13.54 -86.46
N VAL B 124 4.91 12.56 -86.60
CA VAL B 124 5.26 11.21 -87.02
C VAL B 124 5.02 11.09 -88.53
N TYR B 125 6.11 11.20 -89.30
CA TYR B 125 6.04 11.43 -90.73
C TYR B 125 6.40 10.16 -91.49
N SER B 126 5.47 9.71 -92.33
CA SER B 126 5.70 8.63 -93.27
C SER B 126 5.77 9.21 -94.67
N ALA B 127 6.86 8.91 -95.39
CA ALA B 127 7.10 9.48 -96.70
C ALA B 127 6.39 8.67 -97.78
N SER B 128 5.26 8.05 -97.40
CA SER B 128 4.52 7.16 -98.28
C SER B 128 3.57 7.96 -99.17
N THR B 129 3.09 7.30 -100.24
CA THR B 129 2.07 7.85 -101.12
C THR B 129 0.98 6.82 -101.39
N LYS B 130 -0.25 7.32 -101.62
CA LYS B 130 -1.37 6.51 -102.07
C LYS B 130 -2.25 7.34 -102.99
N GLY B 131 -2.65 6.76 -104.12
CA GLY B 131 -3.47 7.44 -105.11
C GLY B 131 -4.95 7.37 -104.78
N PRO B 132 -5.76 8.38 -105.15
CA PRO B 132 -7.19 8.37 -104.82
C PRO B 132 -8.01 7.43 -105.69
N SER B 133 -9.06 6.86 -105.09
CA SER B 133 -10.16 6.28 -105.83
C SER B 133 -11.21 7.35 -106.06
N VAL B 134 -11.73 7.43 -107.29
CA VAL B 134 -12.63 8.51 -107.67
C VAL B 134 -13.98 7.92 -108.07
N PHE B 135 -15.05 8.45 -107.46
CA PHE B 135 -16.39 7.93 -107.66
C PHE B 135 -17.35 9.07 -108.03
N PRO B 136 -18.33 8.81 -108.92
CA PRO B 136 -19.28 9.85 -109.34
C PRO B 136 -20.42 10.01 -108.34
N LEU B 137 -20.70 11.26 -107.96
CA LEU B 137 -21.87 11.56 -107.16
C LEU B 137 -22.96 12.09 -108.09
N ALA B 138 -23.80 11.16 -108.58
CA ALA B 138 -24.82 11.45 -109.57
C ALA B 138 -25.87 12.41 -109.01
N PRO B 139 -26.52 13.23 -109.87
CA PRO B 139 -27.70 14.00 -109.46
C PRO B 139 -28.95 13.13 -109.43
N SER B 140 -30.01 13.63 -108.76
CA SER B 140 -31.29 12.96 -108.64
C SER B 140 -31.94 12.79 -110.02
N GLY B 147 -35.12 22.79 -112.69
CA GLY B 147 -34.32 23.81 -111.96
C GLY B 147 -32.82 23.56 -112.11
N THR B 148 -32.14 23.43 -110.98
CA THR B 148 -30.71 23.11 -110.95
C THR B 148 -30.50 21.74 -110.32
N ALA B 149 -29.33 21.15 -110.58
CA ALA B 149 -28.97 19.87 -109.99
C ALA B 149 -27.55 19.92 -109.42
N ALA B 150 -27.38 19.31 -108.24
CA ALA B 150 -26.04 19.09 -107.69
C ALA B 150 -25.51 17.73 -108.16
N LEU B 151 -24.30 17.74 -108.72
CA LEU B 151 -23.55 16.51 -108.96
C LEU B 151 -22.10 16.73 -108.57
N GLY B 152 -21.35 15.64 -108.36
CA GLY B 152 -20.00 15.79 -107.85
C GLY B 152 -19.11 14.56 -108.00
N CYS B 153 -17.89 14.69 -107.48
CA CYS B 153 -16.93 13.60 -107.39
C CYS B 153 -16.54 13.38 -105.93
N LEU B 154 -16.44 12.11 -105.54
CA LEU B 154 -15.83 11.73 -104.29
C LEU B 154 -14.40 11.24 -104.57
N VAL B 155 -13.43 11.88 -103.91
CA VAL B 155 -12.02 11.58 -104.05
C VAL B 155 -11.55 10.98 -102.73
N LYS B 156 -11.23 9.68 -102.75
CA LYS B 156 -11.26 8.83 -101.57
C LYS B 156 -9.90 8.18 -101.33
N ASP B 157 -9.37 8.34 -100.10
CA ASP B 157 -8.26 7.58 -99.54
C ASP B 157 -6.94 7.85 -100.27
N TYR B 158 -6.52 9.12 -100.32
CA TYR B 158 -5.26 9.48 -100.94
C TYR B 158 -4.32 10.03 -99.87
N PHE B 159 -3.01 10.03 -100.18
CA PHE B 159 -1.99 10.56 -99.29
C PHE B 159 -0.71 10.85 -100.06
N PRO B 160 -0.04 12.00 -99.83
CA PRO B 160 -0.54 13.04 -98.93
C PRO B 160 -1.36 14.10 -99.69
N GLU B 161 -1.49 15.28 -99.09
CA GLU B 161 -2.09 16.43 -99.76
C GLU B 161 -1.10 16.94 -100.80
N PRO B 162 -1.57 17.68 -101.83
CA PRO B 162 -2.99 17.90 -102.08
C PRO B 162 -3.51 17.11 -103.26
N VAL B 163 -4.83 17.15 -103.45
CA VAL B 163 -5.40 16.88 -104.76
C VAL B 163 -6.00 18.18 -105.29
N THR B 164 -6.00 18.33 -106.61
CA THR B 164 -6.65 19.47 -107.26
C THR B 164 -7.81 18.91 -108.09
N VAL B 165 -8.93 19.64 -108.08
CA VAL B 165 -10.11 19.22 -108.82
C VAL B 165 -10.52 20.34 -109.78
N SER B 166 -10.91 19.95 -110.99
CA SER B 166 -11.54 20.86 -111.95
C SER B 166 -12.67 20.13 -112.67
N TRP B 167 -13.54 20.91 -113.30
CA TRP B 167 -14.66 20.35 -114.05
C TRP B 167 -14.51 20.72 -115.52
N ASN B 168 -14.73 19.72 -116.40
CA ASN B 168 -14.63 19.89 -117.84
C ASN B 168 -13.37 20.67 -118.18
N SER B 169 -12.23 20.19 -117.68
CA SER B 169 -10.90 20.72 -117.97
C SER B 169 -10.80 22.21 -117.62
N GLY B 170 -11.74 22.71 -116.81
CA GLY B 170 -11.70 24.10 -116.37
C GLY B 170 -12.69 24.96 -117.14
N ALA B 171 -13.50 24.31 -118.00
CA ALA B 171 -14.53 24.98 -118.77
C ALA B 171 -15.73 25.30 -117.87
N LEU B 172 -15.81 24.62 -116.73
CA LEU B 172 -16.90 24.79 -115.78
C LEU B 172 -16.31 25.33 -114.48
N THR B 173 -16.65 26.59 -114.16
CA THR B 173 -16.12 27.26 -112.99
C THR B 173 -17.27 27.70 -112.09
N SER B 174 -18.41 28.01 -112.70
CA SER B 174 -19.56 28.55 -112.00
C SER B 174 -20.24 27.46 -111.18
N GLY B 175 -20.35 27.71 -109.87
CA GLY B 175 -21.06 26.85 -108.95
C GLY B 175 -20.27 25.62 -108.54
N VAL B 176 -18.93 25.67 -108.68
CA VAL B 176 -18.07 24.60 -108.23
C VAL B 176 -17.65 24.86 -106.79
N HIS B 177 -17.87 23.86 -105.93
CA HIS B 177 -17.37 23.86 -104.56
C HIS B 177 -16.55 22.60 -104.33
N THR B 178 -15.22 22.76 -104.25
CA THR B 178 -14.37 21.67 -103.78
C THR B 178 -14.14 21.84 -102.28
N PHE B 179 -14.62 20.87 -101.50
CA PHE B 179 -14.57 20.94 -100.05
C PHE B 179 -13.17 20.61 -99.55
N PRO B 180 -12.67 21.31 -98.50
CA PRO B 180 -11.44 20.89 -97.84
C PRO B 180 -11.53 19.44 -97.37
N ALA B 181 -10.41 18.72 -97.50
CA ALA B 181 -10.36 17.29 -97.30
C ALA B 181 -10.52 16.94 -95.82
N VAL B 182 -10.92 15.69 -95.56
CA VAL B 182 -10.98 15.15 -94.22
C VAL B 182 -9.76 14.26 -94.01
N LEU B 183 -9.13 14.38 -92.83
CA LEU B 183 -8.08 13.47 -92.43
C LEU B 183 -8.70 12.33 -91.63
N GLN B 184 -8.79 11.15 -92.28
CA GLN B 184 -9.31 9.94 -91.67
C GLN B 184 -8.34 9.47 -90.59
N SER B 185 -8.83 8.63 -89.66
CA SER B 185 -7.98 8.12 -88.60
C SER B 185 -7.04 7.04 -89.14
N SER B 186 -7.24 6.66 -90.40
CA SER B 186 -6.33 5.76 -91.09
C SER B 186 -5.11 6.53 -91.60
N GLY B 187 -5.14 7.86 -91.47
CA GLY B 187 -4.04 8.70 -91.90
C GLY B 187 -4.20 9.20 -93.34
N LEU B 188 -5.15 8.59 -94.08
CA LEU B 188 -5.43 8.97 -95.46
C LEU B 188 -6.44 10.12 -95.51
N TYR B 189 -6.48 10.79 -96.67
CA TYR B 189 -7.37 11.91 -96.91
C TYR B 189 -8.49 11.54 -97.87
N SER B 190 -9.64 12.21 -97.70
CA SER B 190 -10.78 12.10 -98.59
C SER B 190 -11.39 13.47 -98.80
N LEU B 191 -11.92 13.68 -100.01
CA LEU B 191 -12.30 15.00 -100.51
C LEU B 191 -13.51 14.84 -101.40
N SER B 192 -14.34 15.89 -101.46
CA SER B 192 -15.51 15.93 -102.32
C SER B 192 -15.57 17.27 -103.04
N SER B 193 -15.94 17.20 -104.32
CA SER B 193 -16.14 18.39 -105.15
C SER B 193 -17.51 18.30 -105.79
N VAL B 194 -18.32 19.33 -105.58
CA VAL B 194 -19.69 19.34 -106.05
C VAL B 194 -19.88 20.56 -106.95
N VAL B 195 -20.72 20.41 -107.98
CA VAL B 195 -21.04 21.50 -108.88
C VAL B 195 -22.55 21.57 -109.09
N THR B 196 -23.07 22.80 -109.16
CA THR B 196 -24.48 23.05 -109.42
C THR B 196 -24.65 23.48 -110.88
N VAL B 197 -25.47 22.71 -111.61
CA VAL B 197 -25.64 22.89 -113.03
C VAL B 197 -27.14 22.93 -113.34
N PRO B 198 -27.55 23.50 -114.51
CA PRO B 198 -28.93 23.40 -114.98
C PRO B 198 -29.43 21.97 -115.21
N SER B 199 -30.66 21.70 -114.78
CA SER B 199 -31.30 20.39 -114.91
C SER B 199 -31.53 20.02 -116.37
N SER B 200 -31.74 21.03 -117.22
CA SER B 200 -32.02 20.82 -118.63
C SER B 200 -30.75 20.40 -119.39
N SER B 201 -29.58 20.68 -118.81
CA SER B 201 -28.31 20.40 -119.44
C SER B 201 -27.88 18.95 -119.19
N LEU B 202 -28.47 18.32 -118.16
CA LEU B 202 -28.22 16.92 -117.87
C LEU B 202 -28.61 16.09 -119.10
N GLY B 203 -27.78 15.09 -119.41
CA GLY B 203 -28.05 14.23 -120.55
C GLY B 203 -28.01 14.98 -121.89
N THR B 204 -27.31 16.13 -121.90
CA THR B 204 -26.93 16.82 -123.12
C THR B 204 -25.54 17.46 -122.95
N GLN B 205 -25.23 17.84 -121.71
CA GLN B 205 -23.88 18.23 -121.31
C GLN B 205 -23.24 17.07 -120.56
N THR B 206 -22.08 16.63 -121.05
CA THR B 206 -21.29 15.65 -120.32
C THR B 206 -20.49 16.38 -119.24
N TYR B 207 -20.50 15.80 -118.03
CA TYR B 207 -19.79 16.39 -116.90
C TYR B 207 -18.68 15.45 -116.47
N ILE B 208 -17.43 15.87 -116.75
CA ILE B 208 -16.24 15.16 -116.31
C ILE B 208 -15.58 15.99 -115.21
N CYS B 209 -15.18 15.34 -114.13
CA CYS B 209 -14.34 16.02 -113.15
C CYS B 209 -12.91 15.48 -113.26
N ASN B 210 -11.94 16.39 -113.21
CA ASN B 210 -10.53 16.10 -113.40
C ASN B 210 -9.81 16.18 -112.06
N VAL B 211 -9.43 15.01 -111.52
CA VAL B 211 -8.69 14.92 -110.28
C VAL B 211 -7.20 14.70 -110.61
N ASN B 212 -6.34 15.57 -110.07
CA ASN B 212 -4.90 15.37 -110.16
C ASN B 212 -4.33 15.13 -108.77
N HIS B 213 -3.46 14.12 -108.65
CA HIS B 213 -2.74 13.84 -107.42
C HIS B 213 -1.27 13.65 -107.75
N LYS B 214 -0.55 14.78 -107.87
CA LYS B 214 0.85 14.83 -108.27
C LYS B 214 1.69 13.85 -107.45
N PRO B 215 1.55 13.79 -106.11
CA PRO B 215 2.37 12.88 -105.28
C PRO B 215 2.41 11.43 -105.74
N SER B 216 1.28 10.93 -106.28
CA SER B 216 1.20 9.54 -106.68
C SER B 216 1.21 9.40 -108.20
N ASN B 217 1.35 10.53 -108.90
CA ASN B 217 1.40 10.54 -110.36
C ASN B 217 0.12 9.92 -110.92
N THR B 218 -1.02 10.36 -110.39
CA THR B 218 -2.31 9.84 -110.78
C THR B 218 -3.17 11.00 -111.27
N LYS B 219 -3.81 10.80 -112.42
CA LYS B 219 -4.87 11.68 -112.88
C LYS B 219 -6.10 10.81 -113.16
N VAL B 220 -7.27 11.27 -112.70
CA VAL B 220 -8.52 10.63 -113.07
C VAL B 220 -9.45 11.68 -113.68
N ASP B 221 -9.98 11.37 -114.87
CA ASP B 221 -11.08 12.12 -115.47
C ASP B 221 -12.35 11.28 -115.34
N LYS B 222 -13.25 11.72 -114.46
CA LYS B 222 -14.38 10.91 -114.06
C LYS B 222 -15.66 11.51 -114.64
N ARG B 223 -16.40 10.67 -115.37
CA ARG B 223 -17.61 11.05 -116.06
C ARG B 223 -18.78 10.86 -115.10
N VAL B 224 -19.49 11.95 -114.79
CA VAL B 224 -20.60 11.95 -113.85
C VAL B 224 -21.90 12.06 -114.64
N GLU B 225 -22.63 10.95 -114.75
CA GLU B 225 -23.83 10.89 -115.57
C GLU B 225 -25.05 10.69 -114.68
N PRO B 226 -26.25 11.13 -115.12
CA PRO B 226 -27.48 10.93 -114.34
C PRO B 226 -27.81 9.44 -114.30
N LYS B 227 -28.29 8.98 -113.13
CA LYS B 227 -28.67 7.58 -112.97
C LYS B 227 -29.98 7.32 -113.70
N SER B 228 -30.22 6.04 -114.04
CA SER B 228 -31.30 5.65 -114.94
C SER B 228 -32.49 5.10 -114.15
N SER C 2 -11.10 12.72 -8.94
CA SER C 2 -12.39 12.85 -8.18
C SER C 2 -12.36 14.12 -7.32
N VAL C 3 -11.38 14.19 -6.40
CA VAL C 3 -11.02 15.39 -5.66
C VAL C 3 -9.54 15.31 -5.33
N LEU C 4 -8.81 16.40 -5.59
CA LEU C 4 -7.37 16.43 -5.42
C LEU C 4 -7.02 17.25 -4.18
N THR C 5 -6.27 16.63 -3.25
CA THR C 5 -5.98 17.25 -1.97
C THR C 5 -4.54 17.74 -1.93
N GLN C 6 -4.38 19.03 -1.62
CA GLN C 6 -3.09 19.65 -1.37
C GLN C 6 -3.04 20.09 0.10
N PRO C 7 -1.85 20.29 0.71
CA PRO C 7 -1.74 20.91 2.02
C PRO C 7 -2.21 22.36 1.96
N ALA C 8 -2.90 22.81 3.01
CA ALA C 8 -3.43 24.16 3.05
C ALA C 8 -2.32 25.18 2.78
N SER C 9 -1.16 25.01 3.44
CA SER C 9 -0.03 25.90 3.22
C SER C 9 1.31 25.20 3.42
N VAL C 10 2.35 25.75 2.77
CA VAL C 10 3.75 25.43 3.01
C VAL C 10 4.52 26.75 3.07
N SER C 11 5.76 26.68 3.60
CA SER C 11 6.61 27.85 3.70
C SER C 11 8.08 27.47 3.67
N GLY C 12 8.91 28.47 3.34
CA GLY C 12 10.35 28.38 3.37
C GLY C 12 10.95 29.79 3.34
N SER C 13 12.27 29.86 3.55
CA SER C 13 12.97 31.14 3.47
C SER C 13 13.73 31.20 2.14
N PRO C 14 14.14 32.41 1.67
CA PRO C 14 14.87 32.53 0.41
C PRO C 14 16.01 31.53 0.33
N GLY C 15 16.03 30.74 -0.75
CA GLY C 15 17.12 29.82 -1.03
C GLY C 15 16.72 28.36 -0.81
N GLN C 16 15.68 28.13 -0.01
CA GLN C 16 15.26 26.78 0.36
C GLN C 16 14.40 26.16 -0.72
N SER C 17 14.20 24.84 -0.61
CA SER C 17 13.33 24.07 -1.49
C SER C 17 12.13 23.54 -0.71
N ILE C 18 10.93 23.78 -1.25
CA ILE C 18 9.70 23.28 -0.67
C ILE C 18 9.06 22.30 -1.66
N THR C 19 8.10 21.52 -1.18
CA THR C 19 7.40 20.55 -2.00
C THR C 19 5.92 20.54 -1.66
N ILE C 20 5.09 20.92 -2.64
CA ILE C 20 3.65 20.80 -2.51
C ILE C 20 3.24 19.43 -3.07
N SER C 21 2.53 18.65 -2.25
CA SER C 21 1.98 17.37 -2.68
C SER C 21 0.57 17.57 -3.21
N CYS C 22 0.01 16.51 -3.79
CA CYS C 22 -1.31 16.55 -4.41
C CYS C 22 -1.81 15.13 -4.58
N THR C 23 -2.96 14.82 -3.95
CA THR C 23 -3.34 13.44 -3.73
C THR C 23 -4.75 13.19 -4.29
N GLY C 24 -4.95 12.02 -4.90
CA GLY C 24 -6.26 11.53 -5.26
C GLY C 24 -6.53 11.61 -6.76
N ILE C 25 -5.49 11.35 -7.56
CA ILE C 25 -5.58 11.46 -9.01
C ILE C 25 -5.93 10.09 -9.60
N SER C 26 -7.09 10.02 -10.25
CA SER C 26 -7.47 8.87 -11.05
C SER C 26 -7.14 9.15 -12.52
N SER C 27 -7.27 8.13 -13.37
CA SER C 27 -6.87 8.21 -14.76
C SER C 27 -7.64 7.18 -15.60
N ASP C 28 -7.61 7.39 -16.93
CA ASP C 28 -8.17 6.44 -17.88
C ASP C 28 -7.23 6.34 -19.09
N VAL C 29 -6.79 5.11 -19.39
CA VAL C 29 -5.92 4.86 -20.52
C VAL C 29 -6.73 4.92 -21.82
N GLY C 30 -8.05 4.78 -21.70
CA GLY C 30 -8.98 4.82 -22.83
C GLY C 30 -9.04 6.21 -23.47
N GLY C 31 -8.82 7.25 -22.66
CA GLY C 31 -8.81 8.63 -23.12
C GLY C 31 -7.49 9.33 -22.80
N TYR C 32 -7.45 10.65 -23.08
CA TYR C 32 -6.28 11.47 -22.81
C TYR C 32 -6.28 11.90 -21.33
N ASN C 33 -5.09 12.19 -20.81
CA ASN C 33 -4.92 12.62 -19.42
C ASN C 33 -3.85 13.70 -19.36
N SER C 34 -3.85 14.47 -18.26
CA SER C 34 -2.84 15.49 -18.01
C SER C 34 -2.96 16.01 -16.59
N VAL C 35 -1.79 16.23 -15.96
CA VAL C 35 -1.70 16.81 -14.64
C VAL C 35 -0.91 18.11 -14.74
N SER C 36 -1.53 19.22 -14.33
CA SER C 36 -0.91 20.53 -14.46
C SER C 36 -0.84 21.25 -13.10
N TRP C 37 0.14 22.15 -12.99
CA TRP C 37 0.28 23.05 -11.84
C TRP C 37 0.11 24.49 -12.29
N TYR C 38 -0.62 25.27 -11.48
CA TYR C 38 -0.86 26.68 -11.73
C TYR C 38 -0.39 27.49 -10.53
N GLN C 39 0.04 28.72 -10.79
CA GLN C 39 0.45 29.67 -9.76
C GLN C 39 -0.39 30.94 -9.90
N GLN C 40 -0.97 31.39 -8.78
CA GLN C 40 -1.85 32.55 -8.80
C GLN C 40 -1.39 33.55 -7.76
N HIS C 41 -0.94 34.72 -8.23
CA HIS C 41 -0.67 35.86 -7.38
C HIS C 41 -1.99 36.57 -7.07
N PRO C 42 -2.10 37.30 -5.93
CA PRO C 42 -3.33 37.99 -5.57
C PRO C 42 -3.93 38.83 -6.71
N GLY C 43 -5.24 38.64 -6.93
CA GLY C 43 -6.01 39.43 -7.87
C GLY C 43 -5.66 39.19 -9.33
N LYS C 44 -5.01 38.05 -9.61
CA LYS C 44 -4.51 37.75 -10.94
C LYS C 44 -4.97 36.35 -11.38
N ALA C 45 -5.02 36.15 -12.71
CA ALA C 45 -5.38 34.86 -13.29
C ALA C 45 -4.25 33.86 -13.05
N PRO C 46 -4.57 32.57 -12.84
CA PRO C 46 -3.54 31.55 -12.65
C PRO C 46 -2.63 31.43 -13.87
N LYS C 47 -1.35 31.19 -13.62
CA LYS C 47 -0.37 30.98 -14.67
C LYS C 47 0.06 29.51 -14.65
N LEU C 48 0.09 28.89 -15.83
CA LEU C 48 0.52 27.50 -15.95
C LEU C 48 2.02 27.42 -15.68
N MET C 49 2.39 26.56 -14.73
CA MET C 49 3.77 26.43 -14.31
C MET C 49 4.33 25.07 -14.76
N ILE C 50 3.48 24.05 -14.71
CA ILE C 50 3.84 22.69 -15.09
C ILE C 50 2.67 22.09 -15.87
N TYR C 51 2.93 21.66 -17.11
CA TYR C 51 1.95 20.96 -17.92
C TYR C 51 2.45 19.56 -18.22
N ASP C 52 1.52 18.63 -18.46
CA ASP C 52 1.84 17.25 -18.81
C ASP C 52 2.76 16.64 -17.77
N VAL C 53 2.44 16.89 -16.49
CA VAL C 53 3.04 16.24 -15.33
C VAL C 53 4.41 16.84 -14.99
N THR C 54 5.28 17.00 -16.01
CA THR C 54 6.67 17.35 -15.79
C THR C 54 7.11 18.52 -16.64
N ASN C 55 6.45 18.71 -17.80
CA ASN C 55 6.89 19.65 -18.81
C ASN C 55 6.64 21.09 -18.36
N ARG C 56 7.53 21.98 -18.79
CA ARG C 56 7.54 23.35 -18.30
C ARG C 56 7.49 24.32 -19.49
N PRO C 57 6.61 25.33 -19.45
CA PRO C 57 6.57 26.35 -20.50
C PRO C 57 7.85 27.18 -20.54
N SER C 58 8.09 27.79 -21.70
CA SER C 58 9.10 28.84 -21.81
C SER C 58 8.63 30.05 -21.00
N GLY C 59 9.59 30.78 -20.43
CA GLY C 59 9.26 31.96 -19.64
C GLY C 59 8.97 31.62 -18.18
N VAL C 60 8.69 30.34 -17.91
CA VAL C 60 8.58 29.83 -16.56
C VAL C 60 9.97 29.36 -16.13
N SER C 61 10.47 29.95 -15.03
CA SER C 61 11.81 29.73 -14.50
C SER C 61 12.07 28.24 -14.34
N ASN C 62 13.35 27.86 -14.29
CA ASN C 62 13.72 26.56 -13.76
C ASN C 62 13.16 26.48 -12.34
N ARG C 63 13.90 25.85 -11.43
CA ARG C 63 13.54 25.86 -10.01
C ARG C 63 12.26 25.05 -9.78
N PHE C 64 11.24 25.32 -10.61
CA PHE C 64 9.97 24.61 -10.58
C PHE C 64 10.11 23.30 -11.35
N SER C 65 9.67 22.20 -10.73
CA SER C 65 9.66 20.89 -11.37
C SER C 65 8.48 20.08 -10.86
N GLY C 66 7.98 19.16 -11.71
CA GLY C 66 6.86 18.30 -11.36
C GLY C 66 7.24 16.83 -11.36
N SER C 67 6.38 16.01 -10.74
CA SER C 67 6.54 14.56 -10.67
C SER C 67 5.23 13.92 -10.21
N LYS C 68 5.14 12.59 -10.33
CA LYS C 68 3.94 11.86 -9.96
C LYS C 68 4.33 10.48 -9.42
N SER C 69 3.63 10.05 -8.36
CA SER C 69 3.72 8.71 -7.80
C SER C 69 2.33 8.14 -7.62
N GLY C 70 1.92 7.28 -8.58
CA GLY C 70 0.64 6.58 -8.52
C GLY C 70 -0.56 7.52 -8.61
N ASN C 71 -0.94 8.08 -7.45
CA ASN C 71 -2.09 8.96 -7.35
C ASN C 71 -1.66 10.32 -6.79
N THR C 72 -0.36 10.45 -6.50
CA THR C 72 0.15 11.65 -5.84
C THR C 72 1.11 12.40 -6.78
N ALA C 73 0.70 13.61 -7.16
CA ALA C 73 1.57 14.53 -7.88
C ALA C 73 2.30 15.42 -6.89
N SER C 74 3.42 16.00 -7.31
CA SER C 74 4.26 16.82 -6.43
C SER C 74 4.95 17.92 -7.23
N LEU C 75 4.92 19.14 -6.67
CA LEU C 75 5.61 20.29 -7.23
C LEU C 75 6.73 20.70 -6.29
N THR C 76 7.89 21.04 -6.86
CA THR C 76 9.03 21.44 -6.07
C THR C 76 9.56 22.78 -6.57
N ILE C 77 9.47 23.79 -5.72
CA ILE C 77 10.08 25.08 -6.00
C ILE C 77 11.45 25.10 -5.32
N SER C 78 12.50 25.01 -6.15
CA SER C 78 13.86 24.99 -5.66
C SER C 78 14.43 26.41 -5.63
N GLY C 79 15.11 26.74 -4.53
CA GLY C 79 15.75 28.05 -4.36
C GLY C 79 14.73 29.18 -4.33
N LEU C 80 13.87 29.18 -3.29
CA LEU C 80 12.72 30.05 -3.17
C LEU C 80 13.14 31.51 -3.30
N GLN C 81 12.31 32.28 -4.04
CA GLN C 81 12.47 33.71 -4.18
C GLN C 81 11.18 34.39 -3.74
N ALA C 82 11.26 35.69 -3.43
CA ALA C 82 10.13 36.44 -2.88
C ALA C 82 8.91 36.36 -3.79
N GLU C 83 9.16 36.39 -5.12
CA GLU C 83 8.12 36.41 -6.13
C GLU C 83 7.40 35.07 -6.24
N ASP C 84 7.82 34.09 -5.41
CA ASP C 84 7.26 32.76 -5.46
C ASP C 84 6.07 32.68 -4.52
N GLU C 85 5.94 33.67 -3.61
CA GLU C 85 4.85 33.72 -2.65
C GLU C 85 3.54 33.93 -3.41
N ALA C 86 2.75 32.85 -3.48
CA ALA C 86 1.50 32.80 -4.23
C ALA C 86 0.74 31.54 -3.82
N ASP C 87 -0.49 31.40 -4.35
CA ASP C 87 -1.24 30.15 -4.21
C ASP C 87 -0.88 29.24 -5.38
N TYR C 88 -0.72 27.95 -5.11
CA TYR C 88 -0.44 26.98 -6.16
C TYR C 88 -1.53 25.92 -6.20
N TYR C 89 -1.97 25.61 -7.42
CA TYR C 89 -3.09 24.69 -7.63
C TYR C 89 -2.64 23.50 -8.47
N CYS C 90 -3.01 22.32 -7.99
CA CYS C 90 -2.89 21.08 -8.74
C CYS C 90 -4.07 21.02 -9.70
N SER C 91 -3.93 20.25 -10.78
CA SER C 91 -5.01 20.14 -11.75
C SER C 91 -4.89 18.84 -12.53
N SER C 92 -6.03 18.20 -12.80
CA SER C 92 -6.05 17.00 -13.61
C SER C 92 -7.12 17.11 -14.69
N TYR C 93 -6.80 16.60 -15.88
CA TYR C 93 -7.77 16.43 -16.94
C TYR C 93 -7.92 14.94 -17.23
N THR C 94 -9.17 14.50 -17.41
CA THR C 94 -9.47 13.19 -17.97
C THR C 94 -10.63 13.33 -18.97
N SER C 95 -10.34 13.05 -20.24
CA SER C 95 -11.26 13.34 -21.33
C SER C 95 -12.62 12.67 -21.13
N SER C 96 -12.62 11.53 -20.43
CA SER C 96 -13.82 10.70 -20.34
C SER C 96 -14.41 10.72 -18.93
N SER C 97 -14.03 11.72 -18.13
CA SER C 97 -14.57 11.89 -16.79
C SER C 97 -15.63 12.99 -16.77
N THR C 98 -16.56 12.89 -15.82
CA THR C 98 -17.48 13.97 -15.55
C THR C 98 -17.38 14.33 -14.07
N PRO C 99 -16.74 15.48 -13.71
CA PRO C 99 -16.20 16.43 -14.67
C PRO C 99 -14.89 15.97 -15.30
N PRO C 100 -14.54 16.47 -16.52
CA PRO C 100 -13.22 16.23 -17.11
C PRO C 100 -12.10 16.90 -16.33
N TYR C 101 -12.31 18.16 -15.95
CA TYR C 101 -11.27 18.97 -15.33
C TYR C 101 -11.55 19.10 -13.83
N VAL C 102 -10.50 18.95 -13.02
CA VAL C 102 -10.60 19.16 -11.59
C VAL C 102 -9.38 19.97 -11.14
N PHE C 103 -9.64 21.00 -10.32
CA PHE C 103 -8.56 21.73 -9.65
C PHE C 103 -8.39 21.21 -8.22
N GLY C 104 -7.14 21.23 -7.75
CA GLY C 104 -6.81 20.82 -6.40
C GLY C 104 -7.28 21.85 -5.37
N THR C 105 -7.15 21.50 -4.09
CA THR C 105 -7.75 22.28 -3.01
C THR C 105 -6.98 23.59 -2.80
N GLY C 106 -5.72 23.62 -3.24
CA GLY C 106 -4.93 24.84 -3.22
C GLY C 106 -3.93 24.85 -2.07
N THR C 107 -2.82 25.56 -2.28
CA THR C 107 -1.76 25.68 -1.28
C THR C 107 -1.23 27.11 -1.30
N LYS C 108 -1.15 27.75 -0.12
CA LYS C 108 -0.51 29.04 -0.05
C LYS C 108 0.97 28.83 0.26
N VAL C 109 1.83 29.44 -0.56
CA VAL C 109 3.26 29.42 -0.30
C VAL C 109 3.64 30.76 0.30
N SER C 110 4.28 30.70 1.47
CA SER C 110 4.84 31.88 2.12
C SER C 110 6.35 31.82 2.01
N VAL C 111 6.94 32.93 1.57
CA VAL C 111 8.39 33.08 1.58
C VAL C 111 8.74 34.02 2.72
N LEU C 112 9.31 33.45 3.78
CA LEU C 112 9.50 34.11 5.07
C LEU C 112 10.45 35.29 4.91
N GLY C 113 9.92 36.51 5.13
CA GLY C 113 10.69 37.73 5.05
C GLY C 113 11.28 38.12 6.40
N GLN C 114 10.82 37.44 7.44
CA GLN C 114 11.23 37.63 8.82
C GLN C 114 11.11 36.29 9.53
N PRO C 115 11.61 36.12 10.78
CA PRO C 115 11.46 34.85 11.50
C PRO C 115 10.01 34.48 11.77
N LYS C 116 9.75 33.17 11.80
CA LYS C 116 8.46 32.57 12.07
C LYS C 116 8.00 33.00 13.48
N ALA C 117 6.71 33.31 13.60
CA ALA C 117 6.13 33.80 14.85
C ALA C 117 4.82 33.06 15.13
N ALA C 118 4.76 32.39 16.28
CA ALA C 118 3.62 31.57 16.66
C ALA C 118 2.44 32.45 17.07
N PRO C 119 1.18 32.02 16.80
CA PRO C 119 0.00 32.83 17.12
C PRO C 119 -0.34 32.79 18.61
N SER C 120 -0.98 33.86 19.06
CA SER C 120 -1.63 33.91 20.35
C SER C 120 -3.14 33.93 20.13
N VAL C 121 -3.83 33.04 20.86
CA VAL C 121 -5.24 32.76 20.65
C VAL C 121 -5.99 33.15 21.91
N THR C 122 -7.04 33.96 21.75
CA THR C 122 -7.93 34.32 22.84
C THR C 122 -9.35 33.89 22.49
N LEU C 123 -9.98 33.15 23.39
CA LEU C 123 -11.31 32.59 23.14
C LEU C 123 -12.32 33.17 24.13
N PHE C 124 -13.40 33.73 23.59
CA PHE C 124 -14.44 34.36 24.39
C PHE C 124 -15.74 33.59 24.27
N PRO C 125 -16.41 33.28 25.40
CA PRO C 125 -17.74 32.68 25.38
C PRO C 125 -18.78 33.75 25.05
N PRO C 126 -20.02 33.36 24.67
CA PRO C 126 -21.09 34.34 24.51
C PRO C 126 -21.33 35.02 25.85
N SER C 127 -21.56 36.33 25.81
CA SER C 127 -21.95 37.09 26.99
C SER C 127 -23.37 36.68 27.38
N SER C 128 -23.64 36.68 28.70
CA SER C 128 -24.96 36.38 29.21
C SER C 128 -25.96 37.41 28.67
N GLU C 129 -25.44 38.59 28.34
CA GLU C 129 -26.17 39.69 27.75
C GLU C 129 -26.63 39.31 26.35
N GLU C 130 -25.82 38.53 25.64
CA GLU C 130 -26.14 38.04 24.30
C GLU C 130 -27.15 36.91 24.40
N LEU C 131 -27.02 36.08 25.45
CA LEU C 131 -27.87 34.92 25.65
C LEU C 131 -29.30 35.37 26.02
N GLN C 132 -29.41 36.63 26.47
CA GLN C 132 -30.69 37.25 26.77
C GLN C 132 -31.40 37.61 25.47
N ALA C 133 -30.60 37.93 24.44
CA ALA C 133 -31.13 38.33 23.14
C ALA C 133 -31.34 37.11 22.25
N ASN C 134 -31.22 35.92 22.85
CA ASN C 134 -31.61 34.65 22.25
C ASN C 134 -30.61 34.23 21.17
N LYS C 135 -29.37 34.72 21.27
CA LYS C 135 -28.30 34.37 20.36
C LYS C 135 -27.05 33.97 21.15
N ALA C 136 -26.09 33.35 20.47
CA ALA C 136 -24.82 32.96 21.06
C ALA C 136 -23.72 32.97 20.01
N THR C 137 -22.61 33.66 20.33
CA THR C 137 -21.45 33.71 19.45
C THR C 137 -20.17 33.49 20.26
N LEU C 138 -19.36 32.52 19.81
CA LEU C 138 -18.05 32.26 20.37
C LEU C 138 -16.99 32.96 19.52
N VAL C 139 -16.19 33.83 20.16
CA VAL C 139 -15.25 34.65 19.45
C VAL C 139 -13.84 34.12 19.68
N CYS C 140 -13.13 33.84 18.58
CA CYS C 140 -11.79 33.30 18.61
C CYS C 140 -10.85 34.24 17.86
N LEU C 141 -10.00 34.94 18.61
CA LEU C 141 -9.15 35.98 18.05
C LEU C 141 -7.70 35.49 18.03
N ILE C 142 -7.02 35.73 16.90
CA ILE C 142 -5.72 35.16 16.60
C ILE C 142 -4.80 36.27 16.10
N SER C 143 -3.64 36.43 16.76
CA SER C 143 -2.80 37.59 16.53
C SER C 143 -1.32 37.23 16.66
N ASP C 144 -0.47 38.06 16.03
CA ASP C 144 0.98 38.05 16.19
C ASP C 144 1.62 36.82 15.58
N PHE C 145 1.06 36.33 14.46
CA PHE C 145 1.62 35.16 13.79
C PHE C 145 2.33 35.57 12.50
N TYR C 146 3.42 34.85 12.18
CA TYR C 146 4.07 34.93 10.90
C TYR C 146 4.54 33.53 10.50
N PRO C 147 4.34 33.11 9.23
CA PRO C 147 3.68 33.95 8.21
C PRO C 147 2.16 33.87 8.25
N GLY C 148 1.50 34.71 7.45
CA GLY C 148 0.06 34.91 7.53
C GLY C 148 -0.74 33.78 6.88
N ALA C 149 -0.70 32.60 7.51
CA ALA C 149 -1.49 31.48 7.04
C ALA C 149 -1.91 30.63 8.24
N VAL C 150 -3.24 30.57 8.49
CA VAL C 150 -3.77 29.75 9.56
C VAL C 150 -5.00 28.99 9.06
N THR C 151 -5.20 27.79 9.62
CA THR C 151 -6.48 27.10 9.55
C THR C 151 -7.08 27.06 10.96
N VAL C 152 -8.39 27.30 11.02
CA VAL C 152 -9.12 27.28 12.27
C VAL C 152 -10.22 26.23 12.14
N ALA C 153 -10.20 25.23 13.03
CA ALA C 153 -11.26 24.24 13.10
C ALA C 153 -11.87 24.28 14.50
N TRP C 154 -13.19 24.15 14.56
CA TRP C 154 -13.91 24.13 15.83
C TRP C 154 -14.25 22.70 16.23
N LYS C 155 -14.50 22.52 17.53
CA LYS C 155 -14.84 21.23 18.12
C LYS C 155 -15.93 21.43 19.16
N ALA C 156 -16.99 20.62 19.08
CA ALA C 156 -17.98 20.51 20.13
C ALA C 156 -17.76 19.18 20.84
N ASP C 157 -17.66 19.23 22.18
CA ASP C 157 -17.32 18.09 23.02
C ASP C 157 -15.94 17.55 22.64
N SER C 158 -15.83 17.00 21.42
CA SER C 158 -14.58 16.44 20.91
C SER C 158 -14.65 16.29 19.39
N SER C 159 -15.88 16.19 18.85
CA SER C 159 -16.11 16.01 17.43
C SER C 159 -16.33 17.37 16.75
N PRO C 160 -15.84 17.56 15.50
CA PRO C 160 -15.82 18.88 14.87
C PRO C 160 -17.17 19.47 14.46
N VAL C 161 -17.25 20.81 14.49
CA VAL C 161 -18.38 21.58 14.02
C VAL C 161 -18.01 22.18 12.65
N LYS C 162 -19.02 22.40 11.81
CA LYS C 162 -18.81 22.87 10.45
C LYS C 162 -19.70 24.08 10.16
N ALA C 163 -20.97 23.97 10.57
CA ALA C 163 -21.98 24.98 10.29
C ALA C 163 -21.93 26.09 11.34
N GLY C 164 -22.09 27.33 10.88
CA GLY C 164 -22.09 28.50 11.75
C GLY C 164 -20.67 28.98 12.07
N VAL C 165 -19.73 28.61 11.20
CA VAL C 165 -18.33 28.95 11.36
C VAL C 165 -17.97 29.99 10.30
N GLU C 166 -17.77 31.24 10.74
CA GLU C 166 -17.28 32.31 9.88
C GLU C 166 -15.86 32.64 10.29
N THR C 167 -14.94 32.65 9.33
CA THR C 167 -13.53 32.90 9.59
C THR C 167 -13.00 33.94 8.59
N THR C 168 -12.28 34.93 9.11
CA THR C 168 -11.65 35.95 8.28
C THR C 168 -10.39 35.36 7.64
N THR C 169 -9.96 35.97 6.53
CA THR C 169 -8.65 35.68 5.98
C THR C 169 -7.62 36.52 6.74
N PRO C 170 -6.38 36.01 6.96
CA PRO C 170 -5.36 36.76 7.68
C PRO C 170 -5.11 38.12 7.05
N SER C 171 -4.83 39.12 7.90
CA SER C 171 -4.49 40.45 7.43
C SER C 171 -3.32 40.99 8.24
N LYS C 172 -2.41 41.68 7.54
CA LYS C 172 -1.15 42.13 8.12
C LYS C 172 -1.43 43.22 9.15
N GLN C 173 -0.83 43.06 10.33
CA GLN C 173 -0.83 44.06 11.39
C GLN C 173 0.23 45.10 11.06
N SER C 174 0.35 46.12 11.92
CA SER C 174 1.34 47.18 11.71
C SER C 174 2.75 46.67 12.01
N ASN C 175 2.87 45.69 12.92
CA ASN C 175 4.17 45.13 13.30
C ASN C 175 4.64 44.13 12.24
N ASN C 176 3.77 43.79 11.29
CA ASN C 176 4.08 42.99 10.12
C ASN C 176 3.77 41.51 10.35
N LYS C 177 3.35 41.17 11.57
CA LYS C 177 2.74 39.88 11.83
C LYS C 177 1.28 39.94 11.40
N TYR C 178 0.54 38.84 11.56
CA TYR C 178 -0.80 38.75 10.98
C TYR C 178 -1.85 38.49 12.05
N ALA C 179 -3.08 38.95 11.77
CA ALA C 179 -4.21 38.78 12.64
C ALA C 179 -5.38 38.20 11.86
N ALA C 180 -6.17 37.36 12.55
CA ALA C 180 -7.37 36.76 12.00
C ALA C 180 -8.36 36.52 13.13
N SER C 181 -9.61 36.25 12.76
CA SER C 181 -10.64 35.91 13.73
C SER C 181 -11.54 34.81 13.16
N SER C 182 -12.25 34.12 14.05
CA SER C 182 -13.17 33.06 13.69
C SER C 182 -14.33 33.05 14.67
N TYR C 183 -15.55 33.13 14.14
CA TYR C 183 -16.75 33.21 14.95
C TYR C 183 -17.57 31.92 14.78
N LEU C 184 -18.08 31.39 15.88
CA LEU C 184 -18.98 30.24 15.85
C LEU C 184 -20.34 30.65 16.40
N SER C 185 -21.36 30.56 15.53
CA SER C 185 -22.73 30.84 15.90
C SER C 185 -23.42 29.56 16.38
N LEU C 186 -24.14 29.69 17.50
CA LEU C 186 -24.93 28.60 18.07
C LEU C 186 -26.24 29.19 18.59
N THR C 187 -27.21 28.31 18.85
CA THR C 187 -28.37 28.67 19.66
C THR C 187 -27.97 28.56 21.12
N PRO C 188 -28.53 29.42 22.03
CA PRO C 188 -28.29 29.27 23.47
C PRO C 188 -28.62 27.86 23.95
N GLU C 189 -29.45 27.16 23.17
CA GLU C 189 -29.85 25.79 23.42
C GLU C 189 -28.65 24.87 23.22
N GLN C 190 -27.97 25.04 22.08
CA GLN C 190 -26.79 24.27 21.73
C GLN C 190 -25.68 24.54 22.74
N TRP C 191 -25.54 25.81 23.14
CA TRP C 191 -24.44 26.25 23.99
C TRP C 191 -24.53 25.62 25.37
N LYS C 192 -25.72 25.63 25.97
CA LYS C 192 -25.92 25.26 27.36
C LYS C 192 -25.88 23.73 27.51
N SER C 193 -26.16 23.01 26.41
CA SER C 193 -26.37 21.58 26.44
C SER C 193 -25.07 20.79 26.44
N HIS C 194 -24.08 21.26 25.65
CA HIS C 194 -22.81 20.59 25.46
C HIS C 194 -21.91 20.75 26.68
N ARG C 195 -20.81 19.99 26.72
CA ARG C 195 -19.89 20.00 27.85
C ARG C 195 -18.93 21.18 27.71
N SER C 196 -18.47 21.42 26.47
CA SER C 196 -17.56 22.52 26.18
C SER C 196 -17.35 22.64 24.67
N TYR C 197 -17.08 23.87 24.23
CA TYR C 197 -16.74 24.15 22.85
C TYR C 197 -15.26 24.52 22.77
N SER C 198 -14.69 24.36 21.57
CA SER C 198 -13.24 24.38 21.41
C SER C 198 -12.86 25.07 20.11
N CYS C 199 -11.90 26.01 20.19
CA CYS C 199 -11.33 26.67 19.04
C CYS C 199 -9.88 26.19 18.86
N GLN C 200 -9.59 25.61 17.68
CA GLN C 200 -8.28 25.02 17.42
C GLN C 200 -7.63 25.70 16.23
N VAL C 201 -6.45 26.28 16.48
CA VAL C 201 -5.70 27.06 15.49
C VAL C 201 -4.45 26.26 15.09
N THR C 202 -4.23 26.18 13.77
CA THR C 202 -3.10 25.49 13.19
C THR C 202 -2.21 26.49 12.45
N HIS C 203 -0.95 26.56 12.85
CA HIS C 203 0.00 27.45 12.21
C HIS C 203 1.36 26.78 12.13
N GLU C 204 1.81 26.53 10.89
CA GLU C 204 3.13 26.00 10.62
C GLU C 204 3.30 24.63 11.27
N GLY C 205 2.27 23.79 11.13
CA GLY C 205 2.31 22.41 11.61
C GLY C 205 2.22 22.32 13.12
N SER C 206 1.91 23.45 13.78
CA SER C 206 1.77 23.53 15.22
C SER C 206 0.36 23.97 15.58
N THR C 207 -0.20 23.33 16.63
CA THR C 207 -1.61 23.42 16.95
C THR C 207 -1.80 24.02 18.34
N VAL C 208 -2.72 24.99 18.44
CA VAL C 208 -3.10 25.58 19.71
C VAL C 208 -4.61 25.42 19.86
N GLU C 209 -5.06 24.88 21.01
CA GLU C 209 -6.46 24.59 21.25
C GLU C 209 -6.89 25.24 22.57
N LYS C 210 -7.82 26.20 22.48
CA LYS C 210 -8.45 26.80 23.65
C LYS C 210 -9.89 26.29 23.75
N THR C 211 -10.35 26.04 24.97
CA THR C 211 -11.66 25.47 25.22
C THR C 211 -12.42 26.33 26.25
N VAL C 212 -13.70 26.56 25.97
CA VAL C 212 -14.57 27.29 26.88
C VAL C 212 -15.79 26.42 27.21
N ALA C 213 -16.28 26.56 28.45
CA ALA C 213 -17.32 25.70 28.99
C ALA C 213 -18.57 26.53 29.31
N PRO C 214 -19.79 26.00 29.04
CA PRO C 214 -21.04 26.72 29.31
C PRO C 214 -21.23 27.10 30.77
N THR C 215 -20.95 26.15 31.68
CA THR C 215 -21.15 26.34 33.10
C THR C 215 -19.98 27.10 33.71
N GLU C 216 -20.25 28.36 34.09
CA GLU C 216 -19.36 29.17 34.91
C GLU C 216 -20.22 30.05 35.83
N GLN D 1 -2.23 36.78 -31.82
CA GLN D 1 -1.88 36.04 -30.55
C GLN D 1 -3.14 35.90 -29.70
N VAL D 2 -3.33 34.69 -29.15
CA VAL D 2 -4.54 34.32 -28.43
C VAL D 2 -4.72 35.24 -27.23
N ARG D 3 -5.92 35.84 -27.13
CA ARG D 3 -6.27 36.68 -26.00
C ARG D 3 -7.77 36.52 -25.68
N LEU D 4 -8.07 36.42 -24.38
CA LEU D 4 -9.43 36.39 -23.88
C LEU D 4 -9.68 37.65 -23.07
N VAL D 5 -10.63 38.47 -23.51
CA VAL D 5 -10.98 39.70 -22.84
C VAL D 5 -12.38 39.53 -22.26
N GLN D 6 -12.49 39.72 -20.94
CA GLN D 6 -13.75 39.55 -20.22
C GLN D 6 -14.35 40.91 -19.92
N SER D 7 -15.67 40.93 -19.68
CA SER D 7 -16.38 42.16 -19.35
C SER D 7 -15.97 42.68 -17.98
N GLY D 8 -16.21 43.97 -17.73
CA GLY D 8 -15.79 44.63 -16.51
C GLY D 8 -16.48 44.06 -15.27
N ALA D 9 -16.02 44.53 -14.09
CA ALA D 9 -16.50 44.10 -12.79
C ALA D 9 -17.98 44.46 -12.62
N GLU D 10 -18.73 43.55 -12.01
CA GLU D 10 -20.16 43.72 -11.81
C GLU D 10 -20.44 43.77 -10.31
N VAL D 11 -21.29 44.72 -9.90
CA VAL D 11 -21.79 44.82 -8.54
C VAL D 11 -23.31 44.76 -8.60
N LYS D 12 -23.88 43.68 -8.04
CA LYS D 12 -25.29 43.40 -8.17
C LYS D 12 -25.91 43.13 -6.79
N LYS D 13 -27.23 42.91 -6.79
CA LYS D 13 -27.99 42.55 -5.60
C LYS D 13 -28.66 41.20 -5.82
N SER D 14 -28.91 40.49 -4.72
CA SER D 14 -29.57 39.19 -4.75
C SER D 14 -30.90 39.30 -5.50
N GLY D 15 -31.11 38.41 -6.48
CA GLY D 15 -32.36 38.31 -7.21
C GLY D 15 -32.25 38.84 -8.64
N GLU D 16 -31.19 39.60 -8.92
CA GLU D 16 -31.00 40.26 -10.21
C GLU D 16 -30.51 39.26 -11.25
N SER D 17 -30.71 39.61 -12.52
CA SER D 17 -30.12 38.89 -13.65
C SER D 17 -28.67 39.36 -13.82
N LEU D 18 -27.86 38.48 -14.43
CA LEU D 18 -26.49 38.82 -14.78
C LEU D 18 -26.03 37.97 -15.96
N LYS D 19 -25.37 38.62 -16.91
CA LYS D 19 -24.72 37.97 -18.03
C LYS D 19 -23.32 38.59 -18.16
N ILE D 20 -22.29 37.78 -17.90
CA ILE D 20 -20.91 38.22 -18.09
C ILE D 20 -20.36 37.54 -19.34
N SER D 21 -19.34 38.15 -19.95
CA SER D 21 -18.93 37.78 -21.29
C SER D 21 -17.42 37.55 -21.37
N CYS D 22 -17.01 36.82 -22.42
CA CYS D 22 -15.62 36.57 -22.71
C CYS D 22 -15.44 36.53 -24.24
N LYS D 23 -14.69 37.51 -24.76
CA LYS D 23 -14.44 37.64 -26.18
C LYS D 23 -13.02 37.18 -26.49
N GLY D 24 -12.89 36.32 -27.50
CA GLY D 24 -11.59 35.75 -27.87
C GLY D 24 -11.09 36.28 -29.20
N SER D 25 -9.80 36.62 -29.24
CA SER D 25 -9.13 37.06 -30.46
C SER D 25 -7.92 36.18 -30.73
N GLY D 26 -7.43 36.23 -31.98
CA GLY D 26 -6.10 35.73 -32.35
C GLY D 26 -6.08 34.26 -32.74
N TYR D 27 -7.25 33.62 -32.81
CA TYR D 27 -7.33 32.21 -33.15
C TYR D 27 -8.72 31.90 -33.69
N SER D 28 -8.87 30.70 -34.28
CA SER D 28 -10.13 30.24 -34.84
C SER D 28 -11.12 29.95 -33.72
N PHE D 29 -11.94 30.95 -33.38
CA PHE D 29 -12.75 30.94 -32.18
C PHE D 29 -13.66 29.73 -32.11
N THR D 30 -14.06 29.20 -33.27
CA THR D 30 -15.08 28.17 -33.30
C THR D 30 -14.47 26.77 -33.24
N SER D 31 -13.14 26.69 -33.07
CA SER D 31 -12.45 25.41 -33.20
C SER D 31 -11.98 24.88 -31.85
N TYR D 32 -12.31 25.60 -30.76
CA TYR D 32 -11.78 25.29 -29.44
C TYR D 32 -12.85 25.47 -28.38
N TRP D 33 -12.89 24.54 -27.42
CA TRP D 33 -13.68 24.62 -26.20
C TRP D 33 -13.23 25.82 -25.36
N ILE D 34 -14.20 26.48 -24.71
CA ILE D 34 -13.90 27.53 -23.73
C ILE D 34 -14.46 27.09 -22.38
N GLY D 35 -13.67 27.32 -21.33
CA GLY D 35 -14.02 26.90 -19.99
C GLY D 35 -14.24 28.09 -19.06
N TRP D 36 -15.18 27.94 -18.13
CA TRP D 36 -15.41 28.93 -17.10
C TRP D 36 -14.95 28.37 -15.76
N VAL D 37 -14.23 29.21 -15.00
CA VAL D 37 -13.75 28.85 -13.68
C VAL D 37 -14.25 29.86 -12.67
N ARG D 38 -14.68 29.37 -11.51
CA ARG D 38 -15.16 30.22 -10.41
C ARG D 38 -14.17 30.22 -9.26
N GLN D 39 -13.93 31.42 -8.70
CA GLN D 39 -13.14 31.56 -7.48
C GLN D 39 -13.88 32.47 -6.49
N MET D 40 -14.49 31.85 -5.47
CA MET D 40 -15.12 32.57 -4.38
C MET D 40 -14.02 33.21 -3.53
N PRO D 41 -14.28 34.35 -2.86
CA PRO D 41 -13.24 35.08 -2.13
C PRO D 41 -12.47 34.20 -1.13
N GLY D 42 -11.14 34.23 -1.26
CA GLY D 42 -10.23 33.54 -0.36
C GLY D 42 -10.28 32.01 -0.53
N LYS D 43 -11.12 31.54 -1.46
CA LYS D 43 -11.29 30.10 -1.67
C LYS D 43 -10.57 29.69 -2.96
N GLY D 44 -10.74 28.40 -3.34
CA GLY D 44 -9.97 27.81 -4.42
C GLY D 44 -10.63 27.96 -5.78
N LEU D 45 -10.08 27.25 -6.78
CA LEU D 45 -10.58 27.32 -8.15
C LEU D 45 -11.54 26.16 -8.38
N GLU D 46 -12.65 26.45 -9.04
CA GLU D 46 -13.65 25.45 -9.40
C GLU D 46 -13.91 25.53 -10.90
N TRP D 47 -13.84 24.38 -11.56
CA TRP D 47 -14.14 24.29 -12.99
C TRP D 47 -15.65 24.21 -13.17
N MET D 48 -16.21 25.18 -13.90
CA MET D 48 -17.65 25.31 -13.99
C MET D 48 -18.18 24.45 -15.14
N GLY D 49 -17.50 24.51 -16.28
CA GLY D 49 -17.98 23.84 -17.47
C GLY D 49 -17.43 24.48 -18.75
N ILE D 50 -17.63 23.79 -19.87
CA ILE D 50 -17.04 24.19 -21.15
C ILE D 50 -18.14 24.35 -22.18
N ILE D 51 -17.87 25.20 -23.18
CA ILE D 51 -18.73 25.32 -24.35
C ILE D 51 -17.86 25.27 -25.61
N TYR D 52 -18.39 24.63 -26.65
CA TYR D 52 -17.77 24.63 -27.96
C TYR D 52 -18.57 25.60 -28.84
N PRO D 53 -18.07 26.84 -29.07
CA PRO D 53 -18.90 27.91 -29.62
C PRO D 53 -19.29 27.78 -31.10
N GLY D 54 -18.64 26.84 -31.81
CA GLY D 54 -18.95 26.63 -33.22
C GLY D 54 -20.20 25.78 -33.41
N ASP D 55 -20.85 25.44 -32.29
CA ASP D 55 -21.81 24.36 -32.22
C ASP D 55 -22.75 24.59 -31.03
N SER D 56 -22.23 25.29 -30.00
CA SER D 56 -22.94 25.61 -28.76
C SER D 56 -23.13 24.37 -27.89
N ASP D 57 -22.29 23.35 -28.12
CA ASP D 57 -22.27 22.16 -27.30
C ASP D 57 -21.64 22.50 -25.95
N THR D 58 -22.28 22.03 -24.88
CA THR D 58 -21.82 22.37 -23.53
C THR D 58 -21.65 21.09 -22.71
N ARG D 59 -20.62 21.08 -21.85
CA ARG D 59 -20.50 20.12 -20.76
C ARG D 59 -20.45 20.91 -19.45
N TYR D 60 -21.36 20.57 -18.53
CA TYR D 60 -21.39 21.23 -17.22
C TYR D 60 -20.76 20.30 -16.18
N SER D 61 -20.06 20.89 -15.23
CA SER D 61 -19.68 20.19 -14.01
C SER D 61 -20.95 19.86 -13.23
N PRO D 62 -21.08 18.63 -12.66
CA PRO D 62 -22.25 18.28 -11.86
C PRO D 62 -22.64 19.33 -10.82
N SER D 63 -21.65 20.10 -10.33
CA SER D 63 -21.84 21.11 -9.31
C SER D 63 -22.62 22.31 -9.85
N PHE D 64 -22.34 22.68 -11.10
CA PHE D 64 -22.87 23.92 -11.67
C PHE D 64 -24.01 23.63 -12.63
N GLN D 65 -24.17 22.36 -12.98
CA GLN D 65 -25.29 21.90 -13.81
C GLN D 65 -26.59 22.40 -13.20
N GLY D 66 -27.25 23.31 -13.91
CA GLY D 66 -28.59 23.77 -13.57
C GLY D 66 -28.61 25.01 -12.68
N GLN D 67 -27.44 25.61 -12.43
CA GLN D 67 -27.36 26.79 -11.58
C GLN D 67 -26.78 27.97 -12.37
N VAL D 68 -26.21 27.67 -13.54
CA VAL D 68 -25.67 28.66 -14.45
C VAL D 68 -25.89 28.16 -15.87
N THR D 69 -25.93 29.10 -16.84
CA THR D 69 -26.02 28.74 -18.24
C THR D 69 -24.83 29.32 -18.98
N ILE D 70 -24.20 28.47 -19.80
CA ILE D 70 -23.11 28.90 -20.67
C ILE D 70 -23.66 28.96 -22.11
N SER D 71 -23.41 30.07 -22.79
CA SER D 71 -23.92 30.32 -24.12
C SER D 71 -22.81 30.91 -25.01
N ALA D 72 -23.06 30.91 -26.32
CA ALA D 72 -22.06 31.33 -27.29
C ALA D 72 -22.66 32.28 -28.32
N ASP D 73 -21.79 33.05 -28.98
CA ASP D 73 -22.16 33.84 -30.15
C ASP D 73 -21.00 33.82 -31.14
N LYS D 74 -21.02 32.80 -32.00
CA LYS D 74 -20.06 32.62 -33.09
C LYS D 74 -19.59 33.96 -33.63
N SER D 75 -20.56 34.81 -34.00
CA SER D 75 -20.33 35.92 -34.92
C SER D 75 -19.50 37.02 -34.28
N ILE D 76 -19.57 37.15 -32.95
CA ILE D 76 -18.83 38.21 -32.28
C ILE D 76 -17.73 37.61 -31.40
N SER D 77 -17.48 36.30 -31.58
CA SER D 77 -16.42 35.57 -30.90
C SER D 77 -16.54 35.70 -29.38
N THR D 78 -17.78 35.67 -28.89
CA THR D 78 -18.03 35.90 -27.47
C THR D 78 -18.70 34.67 -26.86
N VAL D 79 -18.36 34.41 -25.59
CA VAL D 79 -18.92 33.31 -24.83
C VAL D 79 -19.40 33.86 -23.49
N TYR D 80 -20.61 33.47 -23.10
CA TYR D 80 -21.31 34.13 -22.00
C TYR D 80 -21.52 33.18 -20.83
N LEU D 81 -21.81 33.78 -19.67
CA LEU D 81 -22.16 33.09 -18.44
C LEU D 81 -23.39 33.79 -17.85
N GLN D 82 -24.44 33.01 -17.59
CA GLN D 82 -25.77 33.59 -17.42
C GLN D 82 -26.41 33.08 -16.12
N TRP D 83 -26.95 34.01 -15.33
CA TRP D 83 -27.74 33.70 -14.16
C TRP D 83 -29.13 34.31 -14.29
N SER D 84 -30.13 33.61 -13.74
CA SER D 84 -31.50 34.11 -13.65
C SER D 84 -31.67 34.92 -12.36
N SER D 85 -31.26 34.31 -11.23
CA SER D 85 -31.44 34.88 -9.90
C SER D 85 -30.19 34.64 -9.05
N LEU D 86 -29.40 35.69 -8.88
CA LEU D 86 -28.13 35.62 -8.19
C LEU D 86 -28.35 35.42 -6.69
N LYS D 87 -27.66 34.43 -6.13
CA LYS D 87 -27.55 34.28 -4.68
C LYS D 87 -26.37 35.13 -4.22
N ALA D 88 -26.27 35.35 -2.90
CA ALA D 88 -25.12 36.03 -2.32
C ALA D 88 -23.89 35.15 -2.47
N SER D 89 -24.11 33.83 -2.39
CA SER D 89 -23.05 32.84 -2.48
C SER D 89 -22.48 32.77 -3.90
N ASP D 90 -22.96 33.64 -4.80
CA ASP D 90 -22.47 33.69 -6.16
C ASP D 90 -21.36 34.74 -6.27
N THR D 91 -21.10 35.44 -5.16
CA THR D 91 -19.99 36.38 -5.06
C THR D 91 -18.69 35.63 -5.34
N ALA D 92 -17.99 36.05 -6.40
CA ALA D 92 -16.77 35.38 -6.83
C ALA D 92 -16.09 36.14 -7.97
N MET D 93 -14.87 35.71 -8.28
CA MET D 93 -14.15 36.08 -9.49
C MET D 93 -14.34 34.95 -10.49
N TYR D 94 -14.67 35.32 -11.74
CA TYR D 94 -14.97 34.33 -12.78
C TYR D 94 -13.96 34.45 -13.91
N TYR D 95 -13.41 33.29 -14.32
CA TYR D 95 -12.44 33.25 -15.40
C TYR D 95 -12.97 32.41 -16.55
N CYS D 96 -12.80 32.92 -17.77
CA CYS D 96 -12.85 32.11 -18.97
C CYS D 96 -11.42 31.74 -19.35
N ALA D 97 -11.25 30.51 -19.85
CA ALA D 97 -9.93 29.98 -20.17
C ALA D 97 -10.04 28.97 -21.31
N ARG D 98 -8.90 28.67 -21.95
CA ARG D 98 -8.85 27.83 -23.13
C ARG D 98 -7.62 26.93 -23.06
N GLN D 99 -7.70 25.75 -23.69
CA GLN D 99 -6.60 24.82 -23.79
C GLN D 99 -5.40 25.49 -24.44
N TRP D 100 -4.23 24.88 -24.30
CA TRP D 100 -3.03 25.37 -24.97
C TRP D 100 -3.13 25.10 -26.47
N SER D 101 -3.48 23.85 -26.82
CA SER D 101 -3.56 23.43 -28.20
C SER D 101 -4.63 22.35 -28.34
N HIS D 102 -4.80 21.84 -29.56
CA HIS D 102 -5.72 20.75 -29.84
C HIS D 102 -5.23 19.46 -29.19
N TYR D 103 -3.99 19.50 -28.69
CA TYR D 103 -3.28 18.30 -28.24
C TYR D 103 -2.84 18.47 -26.78
N THR D 104 -2.65 19.72 -26.35
CA THR D 104 -2.31 20.02 -24.97
C THR D 104 -3.56 20.60 -24.29
N TYR D 105 -4.03 19.90 -23.25
CA TYR D 105 -5.38 20.11 -22.72
C TYR D 105 -5.37 21.06 -21.53
N ASP D 106 -4.18 21.33 -20.99
CA ASP D 106 -4.00 22.19 -19.83
C ASP D 106 -4.37 23.63 -20.17
N TYR D 107 -5.14 24.27 -19.29
CA TYR D 107 -5.55 25.66 -19.49
C TYR D 107 -4.34 26.59 -19.42
N TYR D 108 -3.82 26.98 -20.59
CA TYR D 108 -2.67 27.88 -20.65
C TYR D 108 -3.14 29.32 -20.87
N TYR D 109 -4.28 29.48 -21.54
CA TYR D 109 -4.81 30.80 -21.84
C TYR D 109 -5.92 31.12 -20.85
N TRP D 110 -5.83 32.30 -20.23
CA TRP D 110 -6.78 32.74 -19.22
C TRP D 110 -7.27 34.14 -19.57
N GLY D 111 -8.52 34.44 -19.16
CA GLY D 111 -9.02 35.80 -19.16
C GLY D 111 -8.38 36.60 -18.03
N GLN D 112 -8.81 37.85 -17.84
CA GLN D 112 -8.28 38.67 -16.77
C GLN D 112 -9.09 38.44 -15.51
N GLY D 113 -10.32 37.92 -15.69
CA GLY D 113 -11.25 37.68 -14.59
C GLY D 113 -12.29 38.79 -14.49
N THR D 114 -13.51 38.41 -14.09
CA THR D 114 -14.55 39.40 -13.80
C THR D 114 -15.02 39.18 -12.36
N LEU D 115 -14.95 40.25 -11.56
CA LEU D 115 -15.37 40.21 -10.18
C LEU D 115 -16.87 40.48 -10.09
N VAL D 116 -17.58 39.56 -9.42
CA VAL D 116 -19.02 39.68 -9.24
C VAL D 116 -19.31 39.75 -7.74
N THR D 117 -19.72 40.93 -7.27
CA THR D 117 -20.03 41.15 -5.87
C THR D 117 -21.54 41.30 -5.70
N ILE D 118 -22.14 40.29 -5.04
CA ILE D 118 -23.56 40.28 -4.74
C ILE D 118 -23.75 40.73 -3.29
N SER D 119 -24.35 41.92 -3.14
CA SER D 119 -24.74 42.43 -1.83
C SER D 119 -26.18 42.02 -1.54
N SER D 120 -26.42 41.62 -0.29
CA SER D 120 -27.65 40.93 0.09
C SER D 120 -28.49 41.79 1.04
N ALA D 121 -27.82 42.37 2.05
CA ALA D 121 -28.50 43.04 3.15
C ALA D 121 -28.52 44.55 2.93
N SER D 122 -29.48 45.22 3.58
CA SER D 122 -29.61 46.67 3.58
C SER D 122 -28.91 47.24 4.80
N THR D 123 -28.92 48.58 4.91
CA THR D 123 -28.26 49.29 5.99
C THR D 123 -28.89 48.89 7.32
N LYS D 124 -28.06 48.29 8.19
CA LYS D 124 -28.44 47.95 9.55
C LYS D 124 -27.32 48.36 10.50
N GLY D 125 -27.71 48.99 11.61
CA GLY D 125 -26.80 49.28 12.71
C GLY D 125 -26.46 48.02 13.50
N PRO D 126 -25.25 47.94 14.09
CA PRO D 126 -24.84 46.74 14.83
C PRO D 126 -25.43 46.66 16.23
N SER D 127 -25.51 45.42 16.74
CA SER D 127 -25.63 45.15 18.16
C SER D 127 -24.22 45.09 18.75
N VAL D 128 -24.08 45.45 20.03
CA VAL D 128 -22.79 45.45 20.68
C VAL D 128 -22.90 44.68 22.00
N PHE D 129 -21.96 43.75 22.22
CA PHE D 129 -22.00 42.90 23.39
C PHE D 129 -20.64 42.90 24.09
N PRO D 130 -20.61 42.92 25.45
CA PRO D 130 -19.35 42.91 26.19
C PRO D 130 -18.69 41.52 26.20
N LEU D 131 -17.38 41.51 25.93
CA LEU D 131 -16.57 40.32 26.08
C LEU D 131 -15.79 40.45 27.39
N ALA D 132 -16.30 39.78 28.44
CA ALA D 132 -15.85 39.97 29.80
C ALA D 132 -14.47 39.32 30.00
N PRO D 133 -13.58 39.92 30.84
CA PRO D 133 -12.33 39.27 31.21
C PRO D 133 -12.53 38.14 32.22
N SER D 134 -11.60 37.18 32.23
CA SER D 134 -11.68 36.01 33.10
C SER D 134 -11.05 36.30 34.45
N SER D 135 -10.81 35.23 35.24
CA SER D 135 -10.35 35.28 36.62
C SER D 135 -11.42 35.94 37.50
N GLY D 140 -0.26 41.14 39.65
CA GLY D 140 0.52 41.13 38.40
C GLY D 140 -0.21 40.35 37.31
N GLY D 141 0.11 40.68 36.05
CA GLY D 141 -0.48 40.04 34.89
C GLY D 141 -1.42 40.98 34.13
N THR D 142 -1.85 40.54 32.95
CA THR D 142 -2.78 41.29 32.13
C THR D 142 -4.04 40.46 31.88
N ALA D 143 -5.18 41.15 31.73
CA ALA D 143 -6.44 40.55 31.34
C ALA D 143 -6.88 41.14 30.00
N ALA D 144 -7.52 40.30 29.18
CA ALA D 144 -8.06 40.72 27.89
C ALA D 144 -9.59 40.81 27.98
N LEU D 145 -10.11 42.01 27.73
CA LEU D 145 -11.54 42.21 27.57
C LEU D 145 -11.78 42.89 26.22
N GLY D 146 -13.04 42.88 25.75
CA GLY D 146 -13.32 43.41 24.42
C GLY D 146 -14.80 43.67 24.17
N CYS D 147 -15.11 44.00 22.90
CA CYS D 147 -16.47 44.25 22.43
C CYS D 147 -16.71 43.45 21.14
N LEU D 148 -17.86 42.77 21.09
CA LEU D 148 -18.34 42.11 19.89
C LEU D 148 -19.29 43.07 19.17
N VAL D 149 -18.94 43.43 17.92
CA VAL D 149 -19.76 44.29 17.09
C VAL D 149 -20.41 43.44 16.00
N LYS D 150 -21.67 43.05 16.23
CA LYS D 150 -22.31 41.94 15.53
C LYS D 150 -23.38 42.47 14.57
N ASP D 151 -23.34 41.97 13.33
CA ASP D 151 -24.40 42.10 12.33
C ASP D 151 -24.63 43.56 11.96
N TYR D 152 -23.83 44.07 11.02
CA TYR D 152 -24.01 45.41 10.51
C TYR D 152 -23.70 45.46 9.02
N PHE D 153 -24.21 46.50 8.33
CA PHE D 153 -23.91 46.73 6.94
C PHE D 153 -24.09 48.22 6.63
N PRO D 154 -23.21 48.84 5.81
CA PRO D 154 -21.97 48.20 5.35
C PRO D 154 -20.79 48.60 6.24
N GLU D 155 -19.58 48.51 5.68
CA GLU D 155 -18.36 48.99 6.32
C GLU D 155 -18.37 50.52 6.28
N PRO D 156 -17.64 51.22 7.19
CA PRO D 156 -16.93 50.58 8.30
C PRO D 156 -17.61 50.82 9.64
N VAL D 157 -16.94 50.39 10.71
CA VAL D 157 -17.28 50.80 12.07
C VAL D 157 -16.07 51.49 12.70
N THR D 158 -16.34 52.36 13.68
CA THR D 158 -15.34 53.03 14.48
C THR D 158 -15.46 52.53 15.91
N VAL D 159 -14.40 51.88 16.41
CA VAL D 159 -14.35 51.49 17.80
C VAL D 159 -13.27 52.30 18.50
N SER D 160 -13.63 52.85 19.66
CA SER D 160 -12.67 53.47 20.56
C SER D 160 -12.95 52.98 21.97
N TRP D 161 -11.99 53.22 22.88
CA TRP D 161 -12.13 52.82 24.26
C TRP D 161 -12.01 54.03 25.18
N ASN D 162 -12.95 54.13 26.13
CA ASN D 162 -13.02 55.22 27.07
C ASN D 162 -12.95 56.55 26.33
N SER D 163 -13.77 56.66 25.28
CA SER D 163 -13.92 57.87 24.48
C SER D 163 -12.60 58.26 23.82
N GLY D 164 -11.66 57.31 23.80
CA GLY D 164 -10.41 57.49 23.07
C GLY D 164 -9.21 57.74 23.98
N ALA D 165 -9.42 57.64 25.30
CA ALA D 165 -8.36 57.84 26.28
C ALA D 165 -7.43 56.64 26.34
N LEU D 166 -7.92 55.49 25.89
CA LEU D 166 -7.18 54.24 25.93
C LEU D 166 -6.90 53.78 24.50
N THR D 167 -5.62 53.60 24.16
CA THR D 167 -5.21 53.21 22.82
C THR D 167 -4.18 52.09 22.86
N SER D 168 -3.29 52.12 23.86
CA SER D 168 -2.27 51.08 23.96
C SER D 168 -2.90 49.80 24.49
N GLY D 169 -2.55 48.68 23.83
CA GLY D 169 -3.11 47.37 24.16
C GLY D 169 -4.40 47.08 23.39
N VAL D 170 -4.82 48.04 22.55
CA VAL D 170 -6.06 47.94 21.80
C VAL D 170 -5.77 47.22 20.48
N HIS D 171 -6.66 46.29 20.12
CA HIS D 171 -6.58 45.55 18.88
C HIS D 171 -8.00 45.37 18.35
N THR D 172 -8.37 46.16 17.34
CA THR D 172 -9.63 46.00 16.65
C THR D 172 -9.42 45.17 15.39
N PHE D 173 -10.01 43.97 15.39
CA PHE D 173 -9.79 42.98 14.34
C PHE D 173 -10.59 43.36 13.09
N PRO D 174 -10.04 43.15 11.87
CA PRO D 174 -10.81 43.33 10.63
C PRO D 174 -12.07 42.46 10.63
N ALA D 175 -13.13 42.97 9.99
CA ALA D 175 -14.47 42.43 10.11
C ALA D 175 -14.67 41.25 9.18
N VAL D 176 -15.29 40.18 9.70
CA VAL D 176 -15.68 39.03 8.89
C VAL D 176 -16.91 39.40 8.07
N LEU D 177 -16.87 39.08 6.77
CA LEU D 177 -18.07 39.16 5.95
C LEU D 177 -18.82 37.83 6.04
N GLN D 178 -19.97 37.86 6.72
CA GLN D 178 -20.74 36.66 7.02
C GLN D 178 -21.55 36.25 5.79
N SER D 179 -22.05 35.00 5.82
CA SER D 179 -22.80 34.41 4.74
C SER D 179 -24.17 35.08 4.59
N SER D 180 -24.66 35.64 5.71
CA SER D 180 -25.92 36.36 5.74
C SER D 180 -25.78 37.72 5.05
N GLY D 181 -24.54 38.10 4.72
CA GLY D 181 -24.24 39.35 4.04
C GLY D 181 -23.87 40.46 5.00
N LEU D 182 -24.06 40.20 6.31
CA LEU D 182 -23.82 41.17 7.36
C LEU D 182 -22.40 41.02 7.91
N TYR D 183 -21.87 42.12 8.48
CA TYR D 183 -20.52 42.16 9.01
C TYR D 183 -20.55 42.00 10.53
N SER D 184 -19.54 41.31 11.06
CA SER D 184 -19.27 41.22 12.47
C SER D 184 -17.80 41.60 12.71
N LEU D 185 -17.49 42.05 13.93
CA LEU D 185 -16.18 42.61 14.22
C LEU D 185 -15.91 42.51 15.72
N SER D 186 -14.63 42.33 16.07
CA SER D 186 -14.23 42.29 17.46
C SER D 186 -13.16 43.34 17.75
N SER D 187 -13.17 43.83 18.99
CA SER D 187 -12.15 44.72 19.50
C SER D 187 -11.77 44.28 20.91
N VAL D 188 -10.52 43.85 21.10
CA VAL D 188 -10.01 43.53 22.42
C VAL D 188 -9.02 44.60 22.87
N VAL D 189 -8.96 44.80 24.18
CA VAL D 189 -7.93 45.60 24.82
C VAL D 189 -7.34 44.79 25.96
N THR D 190 -6.01 44.86 26.08
CA THR D 190 -5.25 44.20 27.13
C THR D 190 -4.94 45.21 28.24
N VAL D 191 -5.37 44.87 29.46
CA VAL D 191 -5.28 45.78 30.59
C VAL D 191 -4.62 45.04 31.76
N PRO D 192 -3.99 45.75 32.72
CA PRO D 192 -3.54 45.12 33.98
C PRO D 192 -4.71 44.56 34.78
N SER D 193 -4.45 43.49 35.53
CA SER D 193 -5.45 42.80 36.33
C SER D 193 -5.80 43.59 37.60
N SER D 194 -4.91 44.52 37.99
CA SER D 194 -5.10 45.33 39.17
C SER D 194 -5.97 46.54 38.86
N SER D 195 -6.72 46.46 37.75
CA SER D 195 -7.50 47.58 37.25
C SER D 195 -8.98 47.21 37.14
N LEU D 196 -9.25 45.90 37.08
CA LEU D 196 -10.57 45.38 36.72
C LEU D 196 -11.66 45.94 37.64
N GLY D 197 -11.36 46.02 38.95
CA GLY D 197 -12.32 46.49 39.94
C GLY D 197 -12.21 47.99 40.20
N THR D 198 -11.33 48.68 39.45
CA THR D 198 -11.12 50.11 39.57
C THR D 198 -11.57 50.80 38.29
N GLN D 199 -10.76 50.65 37.24
CA GLN D 199 -10.96 51.35 35.98
C GLN D 199 -12.18 50.74 35.27
N THR D 200 -13.12 51.61 34.89
CA THR D 200 -14.23 51.19 34.04
C THR D 200 -13.73 51.17 32.59
N TYR D 201 -14.18 50.16 31.84
CA TYR D 201 -13.80 50.04 30.44
C TYR D 201 -15.05 50.09 29.58
N ILE D 202 -15.17 51.16 28.78
CA ILE D 202 -16.31 51.39 27.92
C ILE D 202 -15.81 51.44 26.49
N CYS D 203 -16.49 50.72 25.59
CA CYS D 203 -16.14 50.78 24.17
C CYS D 203 -17.20 51.58 23.41
N ASN D 204 -16.72 52.49 22.55
CA ASN D 204 -17.58 53.41 21.83
C ASN D 204 -17.65 52.98 20.37
N VAL D 205 -18.75 52.31 20.02
CA VAL D 205 -18.99 51.81 18.67
C VAL D 205 -19.77 52.87 17.90
N ASN D 206 -19.28 53.21 16.70
CA ASN D 206 -19.88 54.23 15.86
C ASN D 206 -20.07 53.67 14.45
N HIS D 207 -21.31 53.72 13.96
CA HIS D 207 -21.64 53.25 12.62
C HIS D 207 -22.22 54.40 11.80
N LYS D 208 -21.33 55.09 11.09
CA LYS D 208 -21.62 56.35 10.40
C LYS D 208 -22.76 56.17 9.39
N PRO D 209 -22.75 55.14 8.50
CA PRO D 209 -23.82 54.95 7.52
C PRO D 209 -25.22 54.77 8.12
N SER D 210 -25.28 54.07 9.26
CA SER D 210 -26.54 53.80 9.94
C SER D 210 -26.92 54.98 10.83
N ASN D 211 -25.89 55.69 11.31
CA ASN D 211 -26.01 56.78 12.27
C ASN D 211 -26.42 56.22 13.63
N THR D 212 -25.68 55.20 14.08
CA THR D 212 -25.91 54.59 15.38
C THR D 212 -24.64 54.67 16.22
N LYS D 213 -24.81 55.01 17.50
CA LYS D 213 -23.72 55.09 18.46
C LYS D 213 -24.08 54.24 19.67
N VAL D 214 -23.21 53.29 20.01
CA VAL D 214 -23.41 52.44 21.17
C VAL D 214 -22.20 52.56 22.08
N ASP D 215 -22.47 52.79 23.38
CA ASP D 215 -21.46 52.68 24.42
C ASP D 215 -21.78 51.46 25.26
N LYS D 216 -20.85 50.50 25.28
CA LYS D 216 -21.04 49.29 26.08
C LYS D 216 -19.92 49.19 27.11
N LYS D 217 -20.36 49.12 28.37
CA LYS D 217 -19.41 48.96 29.49
C LYS D 217 -19.09 47.47 29.61
N VAL D 218 -17.82 47.17 29.85
CA VAL D 218 -17.34 45.80 29.96
C VAL D 218 -16.90 45.58 31.40
N GLU D 219 -17.68 44.79 32.14
CA GLU D 219 -17.46 44.59 33.56
C GLU D 219 -16.84 43.22 33.81
N PRO D 220 -15.97 43.08 34.85
CA PRO D 220 -15.47 41.77 35.26
C PRO D 220 -16.61 40.78 35.46
N LYS D 221 -16.33 39.51 35.18
CA LYS D 221 -17.31 38.42 35.11
C LYS D 221 -18.21 38.45 36.37
N THR E 2 16.15 -28.14 72.68
CA THR E 2 16.58 -29.15 71.66
C THR E 2 17.98 -28.80 71.16
N VAL E 3 18.70 -29.81 70.66
CA VAL E 3 20.07 -29.66 70.23
C VAL E 3 20.31 -30.61 69.05
N LEU E 4 21.35 -30.30 68.25
CA LEU E 4 21.83 -31.18 67.19
C LEU E 4 23.16 -31.79 67.64
N THR E 5 23.37 -33.05 67.26
CA THR E 5 24.48 -33.83 67.80
C THR E 5 25.74 -33.63 66.94
N GLN E 6 26.73 -32.97 67.55
CA GLN E 6 28.03 -32.76 66.96
C GLN E 6 29.08 -33.47 67.80
N PRO E 7 30.16 -34.02 67.19
CA PRO E 7 31.32 -34.48 67.95
C PRO E 7 31.98 -33.30 68.64
N PRO E 8 32.59 -33.48 69.83
CA PRO E 8 33.23 -32.38 70.55
C PRO E 8 34.53 -31.90 69.91
N SER E 9 35.20 -32.79 69.17
CA SER E 9 36.55 -32.55 68.71
C SER E 9 36.81 -33.24 67.37
N VAL E 10 37.41 -32.51 66.42
CA VAL E 10 37.92 -33.07 65.17
C VAL E 10 39.30 -32.49 64.91
N SER E 11 40.27 -33.37 64.59
CA SER E 11 41.65 -32.97 64.39
C SER E 11 42.18 -33.51 63.06
N GLY E 12 43.09 -32.73 62.45
CA GLY E 12 43.73 -33.09 61.19
C GLY E 12 44.97 -32.26 60.93
N ALA E 13 45.91 -32.83 60.16
CA ALA E 13 47.17 -32.19 59.82
C ALA E 13 46.93 -31.13 58.74
N PRO E 14 47.85 -30.14 58.57
CA PRO E 14 47.68 -29.10 57.56
C PRO E 14 47.58 -29.65 56.14
N GLY E 15 46.58 -29.17 55.39
CA GLY E 15 46.42 -29.50 53.98
C GLY E 15 45.52 -30.71 53.75
N GLN E 16 45.09 -31.35 54.85
CA GLN E 16 44.33 -32.59 54.77
C GLN E 16 42.83 -32.30 54.72
N ARG E 17 42.03 -33.38 54.62
CA ARG E 17 40.58 -33.30 54.59
C ARG E 17 40.01 -33.77 55.93
N VAL E 18 39.06 -32.99 56.46
CA VAL E 18 38.37 -33.32 57.70
C VAL E 18 36.88 -33.02 57.51
N THR E 19 36.04 -33.83 58.17
CA THR E 19 34.60 -33.69 58.08
C THR E 19 33.99 -33.63 59.48
N ILE E 20 32.98 -32.76 59.63
CA ILE E 20 32.24 -32.59 60.87
C ILE E 20 30.79 -32.99 60.63
N SER E 21 30.29 -33.87 61.49
CA SER E 21 28.94 -34.43 61.37
C SER E 21 27.97 -33.71 62.30
N CYS E 22 26.74 -33.52 61.81
CA CYS E 22 25.68 -32.86 62.55
C CYS E 22 24.40 -33.70 62.43
N THR E 23 24.05 -34.40 63.51
CA THR E 23 22.92 -35.31 63.48
C THR E 23 21.72 -34.69 64.20
N GLY E 24 20.54 -34.83 63.58
CA GLY E 24 19.32 -34.26 64.12
C GLY E 24 18.18 -35.28 64.19
N SER E 25 16.95 -34.79 63.96
CA SER E 25 15.75 -35.62 64.03
C SER E 25 14.96 -35.46 62.73
N ASN E 26 13.69 -35.89 62.75
CA ASN E 26 12.78 -35.70 61.64
C ASN E 26 11.93 -34.45 61.89
N SER E 27 12.50 -33.48 62.63
CA SER E 27 11.84 -32.23 62.92
C SER E 27 12.79 -31.06 62.63
N ASN E 28 13.97 -31.39 62.08
CA ASN E 28 14.91 -30.39 61.62
C ASN E 28 15.52 -30.83 60.30
N ILE E 29 16.63 -31.56 60.37
CA ILE E 29 17.36 -31.98 59.18
C ILE E 29 16.53 -33.01 58.41
N GLY E 30 15.75 -33.80 59.16
CA GLY E 30 14.86 -34.80 58.56
C GLY E 30 13.61 -34.17 57.95
N ALA E 31 13.21 -33.01 58.49
CA ALA E 31 12.00 -32.33 58.06
C ALA E 31 12.23 -31.61 56.73
N GLY E 32 13.50 -31.34 56.42
CA GLY E 32 13.89 -30.77 55.14
C GLY E 32 14.37 -29.33 55.26
N TYR E 33 14.51 -28.83 56.50
CA TYR E 33 14.95 -27.48 56.76
C TYR E 33 16.43 -27.33 56.45
N ASP E 34 16.83 -26.11 56.10
CA ASP E 34 18.18 -25.80 55.67
C ASP E 34 19.13 -25.87 56.87
N VAL E 35 20.29 -26.48 56.65
CA VAL E 35 21.32 -26.57 57.66
C VAL E 35 22.41 -25.57 57.31
N HIS E 36 22.62 -24.60 58.23
CA HIS E 36 23.63 -23.57 58.09
C HIS E 36 24.78 -23.86 59.05
N TRP E 37 26.00 -23.50 58.61
CA TRP E 37 27.20 -23.71 59.42
C TRP E 37 27.76 -22.36 59.87
N TYR E 38 28.33 -22.35 61.07
CA TYR E 38 28.93 -21.16 61.62
C TYR E 38 30.33 -21.47 62.12
N GLN E 39 31.28 -20.60 61.75
CA GLN E 39 32.65 -20.66 62.25
C GLN E 39 32.79 -19.60 63.33
N GLN E 40 33.48 -19.96 64.42
CA GLN E 40 33.77 -19.01 65.48
C GLN E 40 35.22 -19.17 65.92
N LEU E 41 36.07 -18.27 65.41
CA LEU E 41 37.45 -18.16 65.86
C LEU E 41 37.44 -17.73 67.32
N PRO E 42 38.42 -18.17 68.16
CA PRO E 42 38.37 -17.91 69.59
C PRO E 42 38.32 -16.41 69.90
N GLY E 43 37.27 -16.00 70.62
CA GLY E 43 37.11 -14.63 71.09
C GLY E 43 36.67 -13.66 69.99
N THR E 44 35.89 -14.16 69.02
CA THR E 44 35.20 -13.27 68.09
C THR E 44 33.73 -13.66 68.03
N ALA E 45 32.99 -13.00 67.13
CA ALA E 45 31.61 -13.35 66.86
C ALA E 45 31.59 -14.51 65.87
N PRO E 46 30.51 -15.33 65.86
CA PRO E 46 30.32 -16.34 64.81
C PRO E 46 30.19 -15.73 63.42
N LYS E 47 30.67 -16.48 62.41
CA LYS E 47 30.60 -16.06 61.02
C LYS E 47 29.87 -17.13 60.22
N LEU E 48 28.86 -16.70 59.45
CA LEU E 48 28.13 -17.59 58.55
C LEU E 48 29.10 -18.15 57.52
N LEU E 49 29.04 -19.47 57.32
CA LEU E 49 30.03 -20.20 56.56
C LEU E 49 29.35 -20.99 55.44
N ILE E 50 28.13 -21.47 55.71
CA ILE E 50 27.32 -22.14 54.69
C ILE E 50 25.91 -21.53 54.71
N CYS E 51 25.56 -20.86 53.61
CA CYS E 51 24.31 -20.12 53.51
C CYS E 51 23.32 -20.85 52.61
N GLY E 52 22.84 -22.00 53.10
CA GLY E 52 21.89 -22.83 52.37
C GLY E 52 21.99 -24.28 52.84
N ASN E 53 22.63 -25.11 52.01
CA ASN E 53 23.02 -26.45 52.39
C ASN E 53 24.48 -26.67 52.00
N SER E 54 24.91 -25.97 50.95
CA SER E 54 26.23 -26.13 50.38
C SER E 54 26.72 -24.82 49.76
N ASN E 55 25.95 -23.74 49.96
CA ASN E 55 26.28 -22.43 49.42
C ASN E 55 27.25 -21.72 50.36
N ARG E 56 28.14 -20.90 49.78
CA ARG E 56 29.13 -20.17 50.56
C ARG E 56 28.88 -18.67 50.43
N PRO E 57 28.91 -17.90 51.56
CA PRO E 57 28.85 -16.44 51.50
C PRO E 57 30.04 -15.85 50.76
N SER E 58 29.86 -14.63 50.24
CA SER E 58 30.91 -13.91 49.53
C SER E 58 31.99 -13.45 50.50
N GLY E 59 33.05 -14.25 50.63
CA GLY E 59 34.10 -14.04 51.61
C GLY E 59 34.41 -15.31 52.39
N VAL E 60 34.12 -16.45 51.75
CA VAL E 60 34.36 -17.78 52.30
C VAL E 60 35.01 -18.63 51.20
N PRO E 61 36.20 -19.24 51.45
CA PRO E 61 36.95 -19.96 50.42
C PRO E 61 36.21 -21.17 49.84
N ASP E 62 36.77 -21.73 48.77
CA ASP E 62 36.16 -22.81 48.01
C ASP E 62 36.13 -24.11 48.83
N ARG E 63 37.10 -24.22 49.74
CA ARG E 63 37.43 -25.48 50.38
C ARG E 63 36.46 -25.81 51.52
N PHE E 64 35.40 -24.99 51.66
CA PHE E 64 34.35 -25.24 52.63
C PHE E 64 33.09 -25.71 51.90
N SER E 65 32.63 -26.92 52.22
CA SER E 65 31.49 -27.52 51.55
C SER E 65 30.57 -28.22 52.53
N GLY E 66 29.27 -28.14 52.27
CA GLY E 66 28.26 -28.83 53.07
C GLY E 66 27.65 -30.00 52.32
N SER E 67 26.80 -30.78 53.04
CA SER E 67 26.08 -31.92 52.49
C SER E 67 25.07 -32.41 53.53
N LYS E 68 24.08 -33.20 53.07
CA LYS E 68 22.92 -33.51 53.87
C LYS E 68 22.25 -34.78 53.35
N SER E 69 22.04 -35.76 54.25
CA SER E 69 21.35 -36.99 53.94
C SER E 69 20.55 -37.45 55.16
N GLY E 70 19.22 -37.46 55.03
CA GLY E 70 18.32 -37.91 56.08
C GLY E 70 18.30 -36.95 57.27
N THR E 71 18.90 -37.37 58.38
CA THR E 71 18.99 -36.57 59.59
C THR E 71 20.45 -36.20 59.86
N SER E 72 21.31 -36.51 58.90
CA SER E 72 22.75 -36.32 59.03
C SER E 72 23.23 -35.24 58.07
N ALA E 73 23.64 -34.10 58.65
CA ALA E 73 24.31 -33.04 57.91
C ALA E 73 25.82 -33.25 58.03
N SER E 74 26.57 -32.68 57.08
CA SER E 74 28.02 -32.81 57.08
C SER E 74 28.66 -31.50 56.61
N LEU E 75 29.79 -31.15 57.22
CA LEU E 75 30.61 -30.05 56.75
C LEU E 75 32.02 -30.57 56.44
N ALA E 76 32.47 -30.35 55.21
CA ALA E 76 33.78 -30.78 54.78
C ALA E 76 34.72 -29.58 54.71
N ILE E 77 36.00 -29.82 55.01
CA ILE E 77 37.05 -28.82 54.88
C ILE E 77 38.27 -29.47 54.23
N THR E 78 38.52 -29.14 52.97
CA THR E 78 39.69 -29.62 52.24
C THR E 78 40.83 -28.64 52.43
N GLY E 79 42.07 -29.15 52.36
CA GLY E 79 43.27 -28.34 52.50
C GLY E 79 43.16 -27.36 53.65
N LEU E 80 43.09 -27.90 54.88
CA LEU E 80 42.86 -27.09 56.06
C LEU E 80 44.13 -26.35 56.45
N GLN E 81 43.95 -25.09 56.86
CA GLN E 81 45.03 -24.18 57.20
C GLN E 81 44.88 -23.76 58.66
N ALA E 82 45.87 -23.01 59.16
CA ALA E 82 45.94 -22.60 60.56
C ALA E 82 44.82 -21.63 60.88
N GLU E 83 44.37 -20.89 59.85
CA GLU E 83 43.32 -19.89 59.99
C GLU E 83 41.96 -20.57 60.10
N ASP E 84 41.95 -21.91 60.14
CA ASP E 84 40.72 -22.68 60.19
C ASP E 84 40.43 -23.14 61.62
N GLU E 85 41.49 -23.23 62.44
CA GLU E 85 41.38 -23.68 63.82
C GLU E 85 40.37 -22.82 64.56
N ALA E 86 39.16 -23.35 64.76
CA ALA E 86 38.05 -22.62 65.36
C ALA E 86 36.97 -23.58 65.86
N ASP E 87 35.86 -23.00 66.35
CA ASP E 87 34.68 -23.73 66.75
C ASP E 87 33.65 -23.68 65.62
N TYR E 88 32.90 -24.77 65.44
CA TYR E 88 31.97 -24.89 64.34
C TYR E 88 30.61 -25.38 64.82
N TYR E 89 29.57 -24.59 64.55
CA TYR E 89 28.21 -24.90 64.96
C TYR E 89 27.33 -25.08 63.72
N CYS E 90 26.61 -26.20 63.68
CA CYS E 90 25.51 -26.35 62.73
C CYS E 90 24.25 -25.76 63.34
N GLN E 91 23.31 -25.37 62.49
CA GLN E 91 22.07 -24.74 62.93
C GLN E 91 20.98 -25.03 61.90
N SER E 92 19.77 -25.31 62.39
CA SER E 92 18.60 -25.37 61.53
C SER E 92 17.39 -24.87 62.29
N TYR E 93 16.20 -25.29 61.85
CA TYR E 93 14.94 -24.91 62.47
C TYR E 93 14.28 -26.16 63.01
N ASP E 94 13.60 -26.04 64.16
CA ASP E 94 12.99 -27.19 64.80
C ASP E 94 11.51 -26.96 65.06
N SER E 95 10.69 -27.84 64.44
CA SER E 95 9.25 -27.78 64.55
C SER E 95 8.74 -28.94 65.40
N SER E 96 9.37 -29.13 66.57
CA SER E 96 8.94 -30.13 67.54
C SER E 96 8.04 -29.48 68.57
N LEU E 97 8.43 -28.28 69.02
CA LEU E 97 7.72 -27.54 70.05
C LEU E 97 6.47 -26.91 69.45
N SER E 98 5.65 -26.33 70.34
CA SER E 98 4.39 -25.71 69.95
C SER E 98 4.61 -24.25 69.57
N GLY E 99 5.89 -23.89 69.40
CA GLY E 99 6.26 -22.55 68.97
C GLY E 99 7.43 -22.58 68.00
N PRO E 100 7.68 -21.48 67.26
CA PRO E 100 8.86 -21.36 66.38
C PRO E 100 10.14 -21.51 67.20
N ASN E 101 11.13 -22.21 66.61
CA ASN E 101 12.32 -22.57 67.35
C ASN E 101 13.51 -22.73 66.40
N TRP E 102 14.59 -21.98 66.70
CA TRP E 102 15.85 -22.17 66.00
C TRP E 102 16.83 -22.93 66.90
N VAL E 103 17.59 -23.83 66.27
CA VAL E 103 18.32 -24.88 66.98
C VAL E 103 19.79 -24.84 66.56
N PHE E 104 20.68 -24.88 67.57
CA PHE E 104 22.11 -24.97 67.34
C PHE E 104 22.63 -26.35 67.73
N GLY E 105 23.70 -26.77 67.05
CA GLY E 105 24.43 -27.98 67.42
C GLY E 105 25.42 -27.70 68.54
N GLY E 106 25.75 -28.74 69.31
CA GLY E 106 26.60 -28.64 70.49
C GLY E 106 27.83 -27.77 70.27
N GLY E 107 28.55 -28.02 69.17
CA GLY E 107 29.78 -27.31 68.85
C GLY E 107 30.95 -28.27 68.70
N THR E 108 31.87 -27.94 67.80
CA THR E 108 33.01 -28.80 67.52
C THR E 108 34.28 -27.95 67.46
N LYS E 109 35.21 -28.23 68.40
CA LYS E 109 36.53 -27.63 68.37
C LYS E 109 37.36 -28.34 67.31
N LEU E 110 37.79 -27.58 66.29
CA LEU E 110 38.63 -28.10 65.23
C LEU E 110 40.06 -27.65 65.47
N THR E 111 40.96 -28.64 65.61
CA THR E 111 42.36 -28.37 65.87
C THR E 111 43.18 -28.67 64.63
N VAL E 112 44.05 -27.72 64.26
CA VAL E 112 45.00 -27.87 63.17
C VAL E 112 46.34 -28.27 63.79
N LEU E 113 46.68 -29.55 63.67
CA LEU E 113 47.86 -30.12 64.31
C LEU E 113 49.10 -29.33 63.90
N GLY E 114 49.71 -28.66 64.89
CA GLY E 114 50.96 -27.95 64.71
C GLY E 114 52.11 -28.71 65.35
N GLN E 115 51.76 -29.76 66.10
CA GLN E 115 52.72 -30.59 66.83
C GLN E 115 52.16 -32.01 66.93
N PRO E 116 52.96 -33.00 67.41
CA PRO E 116 52.48 -34.38 67.56
C PRO E 116 51.41 -34.51 68.63
N LYS E 117 50.58 -35.55 68.51
CA LYS E 117 49.51 -35.84 69.45
C LYS E 117 50.11 -36.28 70.78
N ALA E 118 49.48 -35.84 71.87
CA ALA E 118 49.91 -36.20 73.22
C ALA E 118 48.71 -36.66 74.03
N ALA E 119 48.76 -37.90 74.49
CA ALA E 119 47.73 -38.48 75.35
C ALA E 119 47.79 -37.80 76.72
N PRO E 120 46.64 -37.52 77.37
CA PRO E 120 46.61 -36.81 78.65
C PRO E 120 47.18 -37.60 79.82
N SER E 121 47.86 -36.88 80.72
CA SER E 121 48.37 -37.41 81.97
C SER E 121 47.37 -37.06 83.09
N VAL E 122 46.83 -38.10 83.74
CA VAL E 122 45.69 -37.94 84.63
C VAL E 122 46.06 -38.28 86.07
N THR E 123 45.76 -37.36 86.98
CA THR E 123 45.99 -37.53 88.41
C THR E 123 44.66 -37.32 89.15
N LEU E 124 44.28 -38.32 89.96
CA LEU E 124 43.00 -38.32 90.63
C LEU E 124 43.21 -38.45 92.14
N PHE E 125 42.77 -37.44 92.89
CA PHE E 125 42.86 -37.45 94.34
C PHE E 125 41.50 -37.81 94.93
N PRO E 126 41.46 -38.68 95.98
CA PRO E 126 40.24 -38.89 96.76
C PRO E 126 40.08 -37.75 97.76
N PRO E 127 38.88 -37.58 98.39
CA PRO E 127 38.70 -36.54 99.41
C PRO E 127 39.66 -36.75 100.57
N SER E 128 40.29 -35.66 101.01
CA SER E 128 41.20 -35.68 102.13
C SER E 128 40.44 -36.02 103.41
N SER E 129 41.13 -36.63 104.38
CA SER E 129 40.50 -36.94 105.65
C SER E 129 40.05 -35.66 106.36
N GLU E 130 40.81 -34.57 106.17
CA GLU E 130 40.49 -33.27 106.74
C GLU E 130 39.13 -32.78 106.23
N GLU E 131 38.88 -32.94 104.93
CA GLU E 131 37.63 -32.51 104.32
C GLU E 131 36.48 -33.40 104.78
N LEU E 132 36.77 -34.70 104.94
CA LEU E 132 35.77 -35.64 105.43
C LEU E 132 35.37 -35.27 106.87
N GLN E 133 36.31 -34.66 107.61
CA GLN E 133 36.06 -34.18 108.96
C GLN E 133 35.18 -32.93 108.91
N ALA E 134 35.31 -32.17 107.82
CA ALA E 134 34.49 -30.98 107.61
C ALA E 134 33.11 -31.36 107.06
N ASN E 135 32.89 -32.66 106.82
CA ASN E 135 31.60 -33.24 106.43
C ASN E 135 31.30 -32.97 104.96
N LYS E 136 32.35 -33.01 104.11
CA LYS E 136 32.21 -32.80 102.68
C LYS E 136 33.17 -33.75 101.96
N ALA E 137 32.87 -34.08 100.72
CA ALA E 137 33.75 -34.92 99.92
C ALA E 137 33.91 -34.32 98.53
N THR E 138 35.16 -34.31 98.06
CA THR E 138 35.50 -33.75 96.77
C THR E 138 36.61 -34.59 96.14
N LEU E 139 36.29 -35.18 94.99
CA LEU E 139 37.27 -35.89 94.19
C LEU E 139 37.87 -34.91 93.18
N VAL E 140 39.20 -34.94 93.06
CA VAL E 140 39.90 -33.99 92.21
C VAL E 140 40.60 -34.76 91.09
N CYS E 141 40.23 -34.44 89.84
CA CYS E 141 40.83 -35.04 88.67
C CYS E 141 41.59 -33.97 87.90
N LEU E 142 42.90 -34.19 87.72
CA LEU E 142 43.77 -33.21 87.09
C LEU E 142 44.39 -33.81 85.83
N ILE E 143 44.09 -33.16 84.70
CA ILE E 143 44.43 -33.64 83.38
C ILE E 143 45.38 -32.63 82.75
N SER E 144 46.56 -33.10 82.32
CA SER E 144 47.60 -32.20 81.82
C SER E 144 48.40 -32.86 80.71
N ASP E 145 49.03 -32.03 79.88
CA ASP E 145 49.98 -32.42 78.85
C ASP E 145 49.28 -33.19 77.74
N PHE E 146 48.23 -32.58 77.17
CA PHE E 146 47.51 -33.20 76.07
C PHE E 146 47.39 -32.23 74.90
N TYR E 147 47.36 -32.80 73.68
CA TYR E 147 47.16 -32.09 72.43
C TYR E 147 46.49 -33.05 71.44
N PRO E 148 45.38 -32.66 70.75
CA PRO E 148 44.80 -31.32 70.84
C PRO E 148 44.19 -30.94 72.18
N GLY E 149 43.76 -29.68 72.29
CA GLY E 149 43.17 -29.14 73.51
C GLY E 149 41.66 -29.37 73.59
N ALA E 150 41.27 -30.65 73.59
CA ALA E 150 39.89 -31.06 73.77
C ALA E 150 39.87 -32.44 74.40
N VAL E 151 39.01 -32.61 75.42
CA VAL E 151 38.99 -33.82 76.23
C VAL E 151 37.57 -34.02 76.77
N THR E 152 37.18 -35.28 77.00
CA THR E 152 35.89 -35.62 77.58
C THR E 152 36.09 -36.34 78.92
N VAL E 153 35.31 -35.93 79.92
CA VAL E 153 35.39 -36.51 81.25
C VAL E 153 34.09 -37.26 81.56
N ALA E 154 34.22 -38.49 82.05
CA ALA E 154 33.09 -39.24 82.57
C ALA E 154 33.47 -39.85 83.91
N TRP E 155 32.64 -39.61 84.93
CA TRP E 155 32.88 -40.18 86.25
C TRP E 155 32.10 -41.49 86.40
N LYS E 156 32.68 -42.44 87.13
CA LYS E 156 31.99 -43.69 87.41
C LYS E 156 31.99 -43.94 88.91
N ALA E 157 30.81 -44.32 89.42
CA ALA E 157 30.64 -44.81 90.78
C ALA E 157 30.48 -46.32 90.73
N ASP E 158 31.53 -47.04 91.15
CA ASP E 158 31.73 -48.44 90.80
C ASP E 158 31.85 -48.54 89.28
N SER E 159 30.73 -48.81 88.61
CA SER E 159 30.68 -48.96 87.16
C SER E 159 29.64 -48.02 86.57
N SER E 160 28.58 -47.73 87.35
CA SER E 160 27.49 -46.87 86.91
C SER E 160 28.02 -45.44 86.79
N PRO E 161 27.66 -44.70 85.72
CA PRO E 161 28.01 -43.28 85.63
C PRO E 161 27.29 -42.48 86.72
N VAL E 162 27.85 -41.32 87.06
CA VAL E 162 27.22 -40.37 87.97
C VAL E 162 27.06 -39.04 87.26
N LYS E 163 25.86 -38.46 87.35
CA LYS E 163 25.54 -37.26 86.60
C LYS E 163 25.78 -36.02 87.47
N ALA E 164 25.24 -36.05 88.70
CA ALA E 164 25.22 -34.89 89.57
C ALA E 164 26.56 -34.73 90.28
N GLY E 165 26.95 -33.47 90.51
CA GLY E 165 28.11 -33.14 91.32
C GLY E 165 29.37 -32.87 90.49
N VAL E 166 29.29 -33.16 89.19
CA VAL E 166 30.44 -33.05 88.30
C VAL E 166 30.53 -31.61 87.79
N GLU E 167 31.77 -31.08 87.80
CA GLU E 167 32.07 -29.77 87.26
C GLU E 167 33.43 -29.83 86.57
N THR E 168 33.43 -29.65 85.25
CA THR E 168 34.63 -29.73 84.44
C THR E 168 34.99 -28.35 83.91
N THR E 169 36.30 -28.04 83.86
CA THR E 169 36.78 -26.77 83.37
C THR E 169 36.91 -26.82 81.85
N THR E 170 37.00 -25.64 81.22
CA THR E 170 37.43 -25.51 79.85
C THR E 170 38.93 -25.74 79.79
N PRO E 171 39.45 -26.54 78.83
CA PRO E 171 40.90 -26.68 78.65
C PRO E 171 41.55 -25.32 78.40
N SER E 172 42.82 -25.19 78.83
CA SER E 172 43.58 -23.98 78.63
C SER E 172 45.07 -24.30 78.46
N LYS E 173 45.72 -23.53 77.58
CA LYS E 173 47.10 -23.75 77.15
C LYS E 173 48.07 -23.65 78.33
N GLN E 174 48.96 -24.63 78.44
CA GLN E 174 50.13 -24.53 79.30
C GLN E 174 51.23 -23.81 78.53
N SER E 175 52.34 -23.53 79.22
CA SER E 175 53.45 -22.77 78.63
C SER E 175 54.19 -23.61 77.59
N ASN E 176 54.05 -24.94 77.68
CA ASN E 176 54.68 -25.84 76.72
C ASN E 176 53.69 -26.19 75.60
N ASN E 177 52.61 -25.41 75.51
CA ASN E 177 51.66 -25.43 74.41
C ASN E 177 50.84 -26.72 74.38
N LYS E 178 51.06 -27.59 75.37
CA LYS E 178 50.13 -28.66 75.67
C LYS E 178 49.00 -28.07 76.52
N TYR E 179 47.92 -28.82 76.70
CA TYR E 179 46.74 -28.27 77.37
C TYR E 179 46.57 -28.90 78.75
N ALA E 180 45.67 -28.31 79.54
CA ALA E 180 45.38 -28.74 80.91
C ALA E 180 43.89 -28.58 81.19
N ALA E 181 43.37 -29.44 82.08
CA ALA E 181 41.97 -29.42 82.49
C ALA E 181 41.82 -30.06 83.88
N SER E 182 40.80 -29.62 84.61
CA SER E 182 40.46 -30.20 85.90
C SER E 182 38.96 -30.50 85.97
N SER E 183 38.60 -31.54 86.72
CA SER E 183 37.22 -31.94 86.92
C SER E 183 37.01 -32.41 88.36
N TYR E 184 35.94 -31.91 88.98
CA TYR E 184 35.66 -32.13 90.39
C TYR E 184 34.31 -32.83 90.57
N LEU E 185 34.33 -33.95 91.30
CA LEU E 185 33.10 -34.63 91.69
C LEU E 185 32.84 -34.39 93.18
N SER E 186 31.76 -33.68 93.47
CA SER E 186 31.38 -33.34 94.82
C SER E 186 30.33 -34.31 95.35
N LEU E 187 30.66 -34.97 96.47
CA LEU E 187 29.76 -35.90 97.12
C LEU E 187 29.63 -35.53 98.59
N THR E 188 28.65 -36.15 99.25
CA THR E 188 28.62 -36.22 100.70
C THR E 188 29.52 -37.39 101.13
N PRO E 189 30.18 -37.33 102.32
CA PRO E 189 30.96 -38.47 102.82
C PRO E 189 30.21 -39.80 102.71
N GLU E 190 28.89 -39.74 102.93
CA GLU E 190 28.01 -40.91 102.83
C GLU E 190 28.10 -41.51 101.42
N GLN E 191 27.94 -40.66 100.39
CA GLN E 191 27.97 -41.10 99.01
C GLN E 191 29.35 -41.67 98.70
N TRP E 192 30.38 -41.02 99.25
CA TRP E 192 31.77 -41.38 98.99
C TRP E 192 32.05 -42.81 99.46
N LYS E 193 31.55 -43.15 100.65
CA LYS E 193 31.85 -44.44 101.27
C LYS E 193 30.88 -45.51 100.79
N SER E 194 29.78 -45.10 100.13
CA SER E 194 28.74 -46.03 99.75
C SER E 194 29.05 -46.74 98.42
N HIS E 195 30.30 -46.62 97.95
CA HIS E 195 30.74 -47.29 96.74
C HIS E 195 32.15 -47.84 96.92
N ARG E 196 32.43 -48.95 96.22
CA ARG E 196 33.67 -49.68 96.36
C ARG E 196 34.82 -48.86 95.78
N SER E 197 34.53 -48.07 94.74
CA SER E 197 35.51 -47.20 94.11
C SER E 197 34.83 -46.14 93.26
N TYR E 198 35.58 -45.07 92.95
CA TYR E 198 35.18 -44.05 92.00
C TYR E 198 36.26 -43.91 90.94
N SER E 199 35.85 -43.49 89.73
CA SER E 199 36.75 -43.47 88.58
C SER E 199 36.60 -42.17 87.80
N CYS E 200 37.75 -41.57 87.47
CA CYS E 200 37.84 -40.47 86.52
C CYS E 200 38.26 -41.04 85.17
N GLN E 201 37.38 -40.90 84.17
CA GLN E 201 37.53 -41.57 82.89
C GLN E 201 37.67 -40.52 81.80
N VAL E 202 38.92 -40.31 81.36
CA VAL E 202 39.28 -39.17 80.51
C VAL E 202 39.46 -39.66 79.07
N THR E 203 38.68 -39.07 78.15
CA THR E 203 38.67 -39.48 76.76
C THR E 203 39.27 -38.39 75.87
N HIS E 204 40.31 -38.76 75.12
CA HIS E 204 41.05 -37.85 74.24
C HIS E 204 41.40 -38.57 72.94
N GLU E 205 40.89 -38.04 71.82
CA GLU E 205 41.14 -38.55 70.49
C GLU E 205 40.78 -40.03 70.40
N GLY E 206 39.63 -40.40 70.98
CA GLY E 206 39.08 -41.74 70.84
C GLY E 206 39.63 -42.74 71.87
N SER E 207 40.78 -42.42 72.47
CA SER E 207 41.39 -43.25 73.50
C SER E 207 40.90 -42.80 74.87
N THR E 208 41.08 -43.67 75.88
CA THR E 208 40.52 -43.44 77.20
C THR E 208 41.55 -43.78 78.28
N VAL E 209 41.87 -42.78 79.12
CA VAL E 209 42.72 -42.95 80.29
C VAL E 209 41.83 -42.92 81.53
N GLU E 210 42.08 -43.87 82.44
CA GLU E 210 41.26 -44.04 83.63
C GLU E 210 42.14 -44.09 84.88
N LYS E 211 41.69 -43.43 85.95
CA LYS E 211 42.27 -43.59 87.27
C LYS E 211 41.16 -43.91 88.26
N THR E 212 41.48 -44.72 89.27
CA THR E 212 40.50 -45.17 90.25
C THR E 212 41.02 -44.88 91.65
N VAL E 213 40.17 -44.26 92.47
CA VAL E 213 40.40 -44.16 93.90
C VAL E 213 39.32 -44.95 94.63
N ALA E 214 39.66 -45.40 95.84
CA ALA E 214 38.72 -46.12 96.70
C ALA E 214 38.66 -45.43 98.06
N PRO E 215 37.56 -45.58 98.82
CA PRO E 215 37.49 -45.04 100.18
C PRO E 215 38.41 -45.78 101.14
N THR E 216 38.60 -47.09 100.87
CA THR E 216 39.21 -48.02 101.81
C THR E 216 40.74 -47.89 101.82
N GLU E 217 41.30 -47.10 100.89
CA GLU E 217 42.73 -46.85 100.85
C GLU E 217 43.12 -45.82 101.92
N GLN F 3 28.43 -3.19 60.60
CA GLN F 3 27.03 -3.27 60.08
C GLN F 3 26.06 -3.50 61.23
N LEU F 4 26.46 -4.32 62.21
CA LEU F 4 25.72 -4.48 63.46
C LEU F 4 26.59 -4.06 64.64
N VAL F 5 26.15 -3.01 65.35
CA VAL F 5 26.87 -2.46 66.48
C VAL F 5 25.96 -2.50 67.71
N GLN F 6 26.51 -3.02 68.82
CA GLN F 6 25.77 -3.20 70.07
C GLN F 6 26.38 -2.32 71.15
N SER F 7 25.62 -2.18 72.26
CA SER F 7 26.05 -1.39 73.41
C SER F 7 27.09 -2.14 74.22
N GLY F 8 27.83 -1.40 75.07
CA GLY F 8 28.92 -1.94 75.87
C GLY F 8 28.46 -2.88 76.97
N ALA F 9 29.44 -3.43 77.71
CA ALA F 9 29.24 -4.52 78.66
C ALA F 9 28.40 -4.06 79.85
N GLU F 10 27.66 -5.01 80.45
CA GLU F 10 26.76 -4.76 81.57
C GLU F 10 27.15 -5.65 82.74
N VAL F 11 26.94 -5.13 83.96
CA VAL F 11 27.20 -5.84 85.20
C VAL F 11 26.00 -5.61 86.14
N LYS F 12 25.28 -6.69 86.45
CA LYS F 12 24.10 -6.62 87.31
C LYS F 12 24.15 -7.75 88.34
N LYS F 13 23.23 -7.68 89.32
CA LYS F 13 23.09 -8.72 90.34
C LYS F 13 21.68 -9.30 90.28
N PRO F 14 21.45 -10.55 90.79
CA PRO F 14 20.17 -11.25 90.63
C PRO F 14 18.94 -10.43 91.01
N GLY F 15 17.89 -10.54 90.18
CA GLY F 15 16.62 -9.88 90.41
C GLY F 15 16.49 -8.58 89.63
N SER F 16 17.57 -8.21 88.93
CA SER F 16 17.64 -6.95 88.20
C SER F 16 16.98 -7.08 86.83
N SER F 17 17.05 -6.00 86.05
CA SER F 17 16.68 -5.98 84.64
C SER F 17 17.87 -5.46 83.84
N VAL F 18 18.01 -5.94 82.59
CA VAL F 18 19.10 -5.52 81.72
C VAL F 18 18.54 -5.27 80.32
N LYS F 19 18.83 -4.07 79.81
CA LYS F 19 18.42 -3.67 78.46
C LYS F 19 19.66 -3.47 77.60
N VAL F 20 19.66 -4.11 76.43
CA VAL F 20 20.80 -4.08 75.51
C VAL F 20 20.27 -3.96 74.08
N SER F 21 20.90 -3.08 73.30
CA SER F 21 20.40 -2.72 71.97
C SER F 21 21.34 -3.20 70.88
N CYS F 22 20.82 -3.21 69.65
CA CYS F 22 21.53 -3.60 68.44
C CYS F 22 21.07 -2.72 67.29
N LYS F 23 22.02 -2.01 66.66
CA LYS F 23 21.71 -1.03 65.63
C LYS F 23 22.32 -1.46 64.30
N ALA F 24 21.46 -1.58 63.28
CA ALA F 24 21.86 -1.94 61.92
C ALA F 24 22.40 -0.71 61.20
N SER F 25 23.56 -0.87 60.56
CA SER F 25 24.33 0.26 60.05
C SER F 25 24.53 0.18 58.54
N GLY F 26 24.79 -1.04 58.04
CA GLY F 26 25.08 -1.25 56.63
C GLY F 26 23.87 -1.00 55.73
N GLY F 27 22.87 -0.30 56.28
CA GLY F 27 21.59 -0.07 55.62
C GLY F 27 20.48 -0.91 56.25
N ILE F 28 19.28 -0.84 55.65
CA ILE F 28 18.14 -1.61 56.09
C ILE F 28 17.33 -2.04 54.86
N PHE F 29 17.94 -1.91 53.68
CA PHE F 29 17.30 -2.22 52.41
C PHE F 29 17.22 -3.73 52.21
N ASN F 30 17.74 -4.50 53.19
CA ASN F 30 17.75 -5.95 53.13
C ASN F 30 17.77 -6.54 54.54
N THR F 31 17.46 -5.71 55.54
CA THR F 31 17.40 -6.15 56.93
C THR F 31 15.94 -6.19 57.38
N TYR F 32 15.44 -7.41 57.62
CA TYR F 32 14.04 -7.65 57.91
C TYR F 32 13.86 -8.20 59.32
N THR F 33 14.75 -9.12 59.73
CA THR F 33 14.66 -9.74 61.05
C THR F 33 15.94 -9.51 61.85
N ILE F 34 15.75 -9.26 63.15
CA ILE F 34 16.84 -9.20 64.12
C ILE F 34 16.59 -10.26 65.19
N SER F 35 17.58 -11.14 65.39
CA SER F 35 17.53 -12.15 66.43
C SER F 35 18.44 -11.76 67.60
N TRP F 36 18.43 -12.60 68.64
CA TRP F 36 19.38 -12.52 69.74
C TRP F 36 19.88 -13.93 70.06
N VAL F 37 21.21 -14.08 70.11
CA VAL F 37 21.84 -15.35 70.41
C VAL F 37 22.87 -15.13 71.50
N ARG F 38 22.76 -15.90 72.60
CA ARG F 38 23.68 -15.78 73.72
C ARG F 38 24.60 -16.98 73.79
N GLN F 39 25.79 -16.76 74.38
CA GLN F 39 26.80 -17.78 74.56
C GLN F 39 27.42 -17.64 75.95
N ALA F 40 27.06 -18.57 76.85
CA ALA F 40 27.66 -18.66 78.17
C ALA F 40 29.10 -19.13 78.03
N PRO F 41 30.05 -18.64 78.86
CA PRO F 41 31.48 -18.93 78.68
C PRO F 41 31.75 -20.43 78.61
N GLY F 42 32.54 -20.83 77.60
CA GLY F 42 32.92 -22.22 77.39
C GLY F 42 31.79 -23.05 76.79
N GLN F 43 30.59 -22.48 76.68
CA GLN F 43 29.41 -23.20 76.25
C GLN F 43 29.23 -23.06 74.75
N GLY F 44 28.12 -23.62 74.24
CA GLY F 44 27.74 -23.48 72.85
C GLY F 44 26.85 -22.26 72.66
N LEU F 45 26.16 -22.22 71.50
CA LEU F 45 25.25 -21.13 71.16
C LEU F 45 23.82 -21.58 71.47
N GLU F 46 22.97 -20.61 71.80
CA GLU F 46 21.59 -20.87 72.16
C GLU F 46 20.71 -19.71 71.72
N TRP F 47 19.70 -20.01 70.89
CA TRP F 47 18.78 -19.02 70.37
C TRP F 47 17.88 -18.52 71.50
N MET F 48 17.58 -17.22 71.47
CA MET F 48 16.83 -16.57 72.52
C MET F 48 15.51 -16.06 71.97
N GLY F 49 15.57 -15.39 70.82
CA GLY F 49 14.39 -14.83 70.19
C GLY F 49 14.72 -14.08 68.91
N ARG F 50 13.67 -13.78 68.13
CA ARG F 50 13.77 -13.01 66.90
C ARG F 50 12.59 -12.04 66.83
N ILE F 51 12.87 -10.81 66.37
CA ILE F 51 11.83 -9.84 66.07
C ILE F 51 11.88 -9.50 64.58
N ILE F 52 10.71 -9.16 64.03
CA ILE F 52 10.59 -8.66 62.67
C ILE F 52 10.46 -7.14 62.74
N LEU F 53 11.37 -6.44 62.05
CA LEU F 53 11.54 -5.01 62.18
C LEU F 53 10.30 -4.26 61.69
N MET F 54 9.66 -4.79 60.65
CA MET F 54 8.60 -4.09 59.96
C MET F 54 7.30 -4.16 60.77
N SER F 55 7.04 -5.33 61.35
CA SER F 55 5.77 -5.59 62.03
C SER F 55 5.90 -5.47 63.54
N GLY F 56 7.01 -5.98 64.08
CA GLY F 56 7.22 -6.01 65.52
C GLY F 56 6.72 -7.32 66.15
N MET F 57 6.70 -8.39 65.34
CA MET F 57 6.28 -9.70 65.79
C MET F 57 7.50 -10.44 66.34
N ALA F 58 7.45 -10.75 67.64
CA ALA F 58 8.60 -11.30 68.34
C ALA F 58 8.32 -12.74 68.78
N ASN F 59 9.30 -13.61 68.54
CA ASN F 59 9.28 -14.99 68.98
C ASN F 59 10.39 -15.20 70.00
N TYR F 60 10.08 -15.95 71.07
CA TYR F 60 11.02 -16.16 72.16
C TYR F 60 11.22 -17.67 72.39
N ALA F 61 12.44 -18.03 72.82
CA ALA F 61 12.74 -19.38 73.27
C ALA F 61 11.92 -19.71 74.51
N GLN F 62 11.56 -20.99 74.65
CA GLN F 62 10.56 -21.43 75.62
C GLN F 62 11.05 -21.23 77.05
N LYS F 63 12.33 -21.52 77.28
CA LYS F 63 12.88 -21.52 78.63
C LYS F 63 12.86 -20.11 79.24
N ILE F 64 12.88 -19.09 78.38
CA ILE F 64 13.01 -17.71 78.81
C ILE F 64 11.75 -16.91 78.47
N GLN F 65 10.60 -17.59 78.53
CA GLN F 65 9.30 -16.99 78.24
C GLN F 65 8.84 -16.16 79.44
N GLY F 66 8.48 -14.90 79.18
CA GLY F 66 7.96 -14.00 80.21
C GLY F 66 9.06 -13.30 80.99
N ARG F 67 10.32 -13.71 80.75
CA ARG F 67 11.48 -13.10 81.38
C ARG F 67 12.13 -12.11 80.41
N VAL F 68 11.89 -12.31 79.11
CA VAL F 68 12.46 -11.49 78.06
C VAL F 68 11.33 -10.92 77.20
N THR F 69 11.59 -9.74 76.64
CA THR F 69 10.67 -9.04 75.75
C THR F 69 11.47 -8.16 74.80
N ILE F 70 11.33 -8.41 73.49
CA ILE F 70 12.12 -7.75 72.47
C ILE F 70 11.26 -6.75 71.71
N THR F 71 11.78 -5.52 71.58
CA THR F 71 11.17 -4.47 70.78
C THR F 71 12.14 -4.02 69.71
N ALA F 72 11.64 -3.26 68.72
CA ALA F 72 12.48 -2.68 67.70
C ALA F 72 12.01 -1.27 67.38
N ASP F 73 12.98 -0.38 67.12
CA ASP F 73 12.72 0.97 66.64
C ASP F 73 12.98 0.98 65.14
N LYS F 74 11.93 1.29 64.36
CA LYS F 74 12.00 1.25 62.92
C LYS F 74 12.82 2.43 62.39
N SER F 75 12.96 3.47 63.22
CA SER F 75 13.65 4.70 62.86
C SER F 75 15.15 4.46 62.71
N THR F 76 15.81 4.09 63.82
CA THR F 76 17.26 4.00 63.87
C THR F 76 17.72 2.59 63.52
N SER F 77 16.76 1.70 63.24
CA SER F 77 16.99 0.28 62.97
C SER F 77 17.54 -0.41 64.20
N THR F 78 17.10 0.06 65.38
CA THR F 78 17.57 -0.41 66.68
C THR F 78 16.57 -1.42 67.24
N ALA F 79 17.10 -2.52 67.78
CA ALA F 79 16.29 -3.53 68.44
C ALA F 79 16.71 -3.68 69.89
N TYR F 80 15.76 -3.44 70.80
CA TYR F 80 15.99 -3.53 72.24
C TYR F 80 15.60 -4.91 72.74
N MET F 81 16.42 -5.46 73.64
CA MET F 81 16.16 -6.73 74.28
C MET F 81 16.31 -6.56 75.79
N GLU F 82 15.21 -6.75 76.51
CA GLU F 82 15.17 -6.54 77.95
C GLU F 82 14.95 -7.88 78.65
N LEU F 83 15.90 -8.25 79.51
CA LEU F 83 15.82 -9.48 80.29
C LEU F 83 15.61 -9.12 81.76
N THR F 84 14.45 -9.53 82.28
CA THR F 84 14.02 -9.21 83.63
C THR F 84 14.14 -10.45 84.52
N SER F 85 14.27 -10.21 85.84
CA SER F 85 14.42 -11.25 86.84
C SER F 85 15.71 -12.05 86.57
N LEU F 86 16.84 -11.34 86.61
CA LEU F 86 18.14 -11.90 86.26
C LEU F 86 18.55 -13.00 87.23
N ARG F 87 19.01 -14.12 86.67
CA ARG F 87 19.49 -15.26 87.43
C ARG F 87 21.00 -15.40 87.21
N SER F 88 21.63 -16.29 87.98
CA SER F 88 23.07 -16.48 87.93
C SER F 88 23.51 -16.94 86.54
N ASP F 89 22.77 -17.92 85.99
CA ASP F 89 23.13 -18.58 84.75
C ASP F 89 22.58 -17.81 83.55
N ASP F 90 22.40 -16.49 83.72
CA ASP F 90 22.06 -15.58 82.64
C ASP F 90 23.32 -14.85 82.19
N THR F 91 24.48 -15.37 82.63
CA THR F 91 25.77 -14.75 82.38
C THR F 91 26.35 -15.26 81.07
N ALA F 92 26.27 -14.44 80.02
CA ALA F 92 26.67 -14.83 78.68
C ALA F 92 27.11 -13.60 77.87
N VAL F 93 27.77 -13.86 76.74
CA VAL F 93 27.96 -12.86 75.70
C VAL F 93 26.72 -12.90 74.81
N TYR F 94 26.03 -11.76 74.72
CA TYR F 94 24.75 -11.67 74.02
C TYR F 94 24.96 -11.03 72.65
N TYR F 95 24.74 -11.83 71.60
CA TYR F 95 24.93 -11.41 70.23
C TYR F 95 23.58 -11.07 69.60
N CYS F 96 23.59 -10.08 68.70
CA CYS F 96 22.50 -9.86 67.76
C CYS F 96 23.00 -10.19 66.35
N ALA F 97 22.16 -10.91 65.60
CA ALA F 97 22.46 -11.26 64.22
C ALA F 97 21.19 -11.18 63.39
N ARG F 98 21.31 -10.57 62.22
CA ARG F 98 20.16 -10.39 61.35
C ARG F 98 19.94 -11.66 60.52
N GLY F 99 18.66 -11.94 60.22
CA GLY F 99 18.28 -13.04 59.37
C GLY F 99 18.52 -12.71 57.90
N PHE F 100 18.95 -13.71 57.13
CA PHE F 100 19.18 -13.54 55.71
C PHE F 100 18.98 -14.85 54.95
N ASN F 101 18.52 -14.72 53.71
CA ASN F 101 18.43 -15.81 52.76
C ASN F 101 18.56 -15.22 51.36
N GLY F 102 19.27 -15.95 50.49
CA GLY F 102 19.58 -15.47 49.15
C GLY F 102 18.55 -15.91 48.10
N ASN F 103 17.60 -16.75 48.54
CA ASN F 103 16.57 -17.29 47.67
C ASN F 103 15.38 -16.33 47.62
N TYR F 104 15.15 -15.59 48.72
CA TYR F 104 14.01 -14.71 48.84
C TYR F 104 14.37 -13.44 49.59
N TYR F 105 13.59 -12.38 49.35
CA TYR F 105 13.61 -11.18 50.18
C TYR F 105 12.52 -11.33 51.24
N GLY F 106 12.83 -10.86 52.46
CA GLY F 106 11.89 -10.94 53.57
C GLY F 106 12.33 -11.99 54.59
N TRP F 107 11.35 -12.68 55.17
CA TRP F 107 11.63 -13.56 56.30
C TRP F 107 10.90 -14.90 56.17
N GLY F 108 11.45 -15.91 56.83
CA GLY F 108 10.94 -17.29 56.78
C GLY F 108 11.72 -18.22 57.70
N ASP F 109 11.23 -19.46 57.84
CA ASP F 109 11.75 -20.43 58.80
C ASP F 109 13.23 -20.69 58.55
N ASP F 110 13.66 -20.61 57.28
CA ASP F 110 14.99 -21.06 56.87
C ASP F 110 15.97 -19.88 56.84
N ASP F 111 15.72 -18.86 57.66
CA ASP F 111 16.59 -17.71 57.78
C ASP F 111 17.85 -18.08 58.57
N ALA F 112 19.01 -17.86 57.93
CA ALA F 112 20.30 -17.98 58.57
C ALA F 112 20.63 -16.69 59.33
N PHE F 113 21.83 -16.62 59.91
CA PHE F 113 22.31 -15.41 60.56
C PHE F 113 23.62 -14.99 59.90
N ASP F 114 23.53 -13.97 59.03
CA ASP F 114 24.68 -13.57 58.23
C ASP F 114 25.58 -12.63 59.02
N ILE F 115 25.13 -11.38 59.22
CA ILE F 115 25.91 -10.37 59.91
C ILE F 115 25.64 -10.49 61.41
N TRP F 116 26.73 -10.53 62.20
CA TRP F 116 26.67 -10.54 63.65
C TRP F 116 27.28 -9.25 64.18
N GLY F 117 26.84 -8.84 65.38
CA GLY F 117 27.46 -7.75 66.10
C GLY F 117 28.74 -8.21 66.81
N GLN F 118 29.37 -7.31 67.56
CA GLN F 118 30.62 -7.64 68.25
C GLN F 118 30.31 -8.44 69.51
N GLY F 119 29.13 -8.22 70.09
CA GLY F 119 28.68 -8.95 71.27
C GLY F 119 28.71 -8.09 72.52
N THR F 120 27.72 -8.30 73.39
CA THR F 120 27.62 -7.58 74.65
C THR F 120 27.76 -8.59 75.80
N LEU F 121 28.76 -8.34 76.67
CA LEU F 121 29.05 -9.20 77.81
C LEU F 121 28.17 -8.79 78.98
N VAL F 122 27.36 -9.74 79.47
CA VAL F 122 26.49 -9.51 80.62
C VAL F 122 26.84 -10.54 81.69
N THR F 123 27.00 -10.06 82.94
CA THR F 123 27.46 -10.88 84.04
C THR F 123 26.56 -10.68 85.27
N VAL F 124 26.19 -11.81 85.91
CA VAL F 124 25.29 -11.82 87.05
C VAL F 124 25.95 -12.53 88.23
N TYR F 125 26.45 -11.73 89.19
CA TYR F 125 27.17 -12.23 90.35
C TYR F 125 26.18 -12.80 91.38
N SER F 126 26.25 -14.12 91.57
CA SER F 126 25.32 -14.87 92.41
C SER F 126 25.78 -14.87 93.86
N ALA F 127 27.04 -14.50 94.10
CA ALA F 127 27.62 -14.53 95.43
C ALA F 127 28.31 -13.20 95.74
N SER F 128 28.66 -13.03 97.02
CA SER F 128 29.57 -11.98 97.47
C SER F 128 30.84 -12.64 97.99
N THR F 129 31.83 -11.82 98.40
CA THR F 129 33.16 -12.31 98.70
C THR F 129 33.12 -13.33 99.84
N LYS F 130 33.84 -14.45 99.63
CA LYS F 130 33.90 -15.57 100.57
C LYS F 130 35.27 -16.23 100.48
N GLY F 131 35.91 -16.39 101.64
CA GLY F 131 37.23 -17.00 101.73
C GLY F 131 37.19 -18.50 101.50
N PRO F 132 38.30 -19.12 101.03
CA PRO F 132 38.31 -20.55 100.72
C PRO F 132 38.62 -21.49 101.90
N SER F 133 38.13 -22.73 101.78
CA SER F 133 38.57 -23.85 102.60
C SER F 133 39.70 -24.56 101.88
N VAL F 134 40.88 -24.61 102.51
CA VAL F 134 42.03 -25.24 101.88
C VAL F 134 42.21 -26.63 102.46
N PHE F 135 42.39 -27.62 101.57
CA PHE F 135 42.53 -29.01 101.97
C PHE F 135 43.78 -29.60 101.34
N PRO F 136 44.53 -30.44 102.07
CA PRO F 136 45.72 -31.10 101.51
C PRO F 136 45.33 -32.25 100.61
N LEU F 137 46.02 -32.36 99.47
CA LEU F 137 45.89 -33.52 98.60
C LEU F 137 47.12 -34.41 98.80
N ALA F 138 46.96 -35.40 99.70
CA ALA F 138 48.05 -36.24 100.14
C ALA F 138 48.52 -37.13 98.98
N PRO F 139 49.84 -37.31 98.80
CA PRO F 139 50.38 -38.23 97.80
C PRO F 139 50.37 -39.69 98.26
N SER F 140 50.55 -40.60 97.30
CA SER F 140 50.72 -42.02 97.59
C SER F 140 51.80 -42.62 96.67
N THR F 148 58.49 -40.85 90.70
CA THR F 148 58.11 -39.64 91.49
C THR F 148 56.64 -39.72 91.90
N ALA F 149 56.20 -38.72 92.69
CA ALA F 149 54.86 -38.66 93.24
C ALA F 149 54.34 -37.23 93.20
N ALA F 150 53.01 -37.09 93.14
CA ALA F 150 52.36 -35.79 93.08
C ALA F 150 51.53 -35.54 94.35
N LEU F 151 51.78 -34.38 94.97
CA LEU F 151 50.98 -33.88 96.08
C LEU F 151 50.49 -32.49 95.72
N GLY F 152 49.53 -31.95 96.51
CA GLY F 152 49.02 -30.63 96.21
C GLY F 152 48.05 -30.09 97.25
N CYS F 153 47.34 -29.02 96.86
CA CYS F 153 46.35 -28.36 97.68
C CYS F 153 45.07 -28.17 96.87
N LEU F 154 43.93 -28.23 97.57
CA LEU F 154 42.63 -27.96 96.99
C LEU F 154 42.05 -26.72 97.67
N VAL F 155 41.66 -25.74 96.84
CA VAL F 155 41.14 -24.47 97.31
C VAL F 155 39.65 -24.41 96.95
N LYS F 156 38.79 -24.71 97.93
CA LYS F 156 37.39 -25.04 97.70
C LYS F 156 36.49 -23.84 98.02
N ASP F 157 35.51 -23.61 97.14
CA ASP F 157 34.37 -22.72 97.35
C ASP F 157 34.81 -21.33 97.81
N TYR F 158 35.45 -20.57 96.91
CA TYR F 158 35.82 -19.19 97.22
C TYR F 158 35.15 -18.24 96.21
N PHE F 159 35.10 -16.95 96.57
CA PHE F 159 34.55 -15.92 95.70
C PHE F 159 35.10 -14.55 96.09
N PRO F 160 35.40 -13.66 95.12
CA PRO F 160 35.54 -14.04 93.70
C PRO F 160 37.01 -14.36 93.41
N GLU F 161 37.35 -14.46 92.13
CA GLU F 161 38.74 -14.55 91.72
C GLU F 161 39.48 -13.31 92.21
N PRO F 162 40.83 -13.32 92.32
CA PRO F 162 41.64 -14.53 92.18
C PRO F 162 42.21 -15.09 93.49
N VAL F 163 42.97 -16.18 93.36
CA VAL F 163 43.80 -16.69 94.45
C VAL F 163 45.21 -16.90 93.92
N THR F 164 46.20 -16.62 94.78
CA THR F 164 47.58 -16.96 94.47
C THR F 164 48.01 -18.12 95.37
N VAL F 165 48.60 -19.15 94.73
CA VAL F 165 49.19 -20.26 95.43
C VAL F 165 50.69 -20.24 95.20
N SER F 166 51.46 -20.41 96.28
CA SER F 166 52.89 -20.62 96.23
C SER F 166 53.27 -21.74 97.19
N TRP F 167 54.45 -22.33 96.99
CA TRP F 167 54.88 -23.46 97.79
C TRP F 167 56.16 -23.11 98.57
N ASN F 168 56.14 -23.46 99.86
CA ASN F 168 57.24 -23.20 100.78
C ASN F 168 57.65 -21.73 100.72
N SER F 169 56.64 -20.85 100.67
CA SER F 169 56.80 -19.40 100.60
C SER F 169 57.47 -18.96 99.30
N GLY F 170 57.56 -19.88 98.32
CA GLY F 170 58.09 -19.56 97.01
C GLY F 170 59.40 -20.29 96.70
N ALA F 171 59.94 -20.99 97.71
CA ALA F 171 61.19 -21.72 97.59
C ALA F 171 61.06 -22.84 96.55
N LEU F 172 59.93 -23.54 96.56
CA LEU F 172 59.67 -24.61 95.60
C LEU F 172 58.85 -24.08 94.44
N THR F 173 59.52 -23.83 93.31
CA THR F 173 58.86 -23.38 92.09
C THR F 173 58.83 -24.53 91.09
N SER F 174 59.86 -25.38 91.14
CA SER F 174 60.05 -26.46 90.19
C SER F 174 58.98 -27.53 90.36
N GLY F 175 58.29 -27.85 89.26
CA GLY F 175 57.33 -28.94 89.21
C GLY F 175 55.93 -28.54 89.67
N VAL F 176 55.67 -27.22 89.69
CA VAL F 176 54.41 -26.68 90.17
C VAL F 176 53.49 -26.40 88.98
N HIS F 177 52.29 -26.98 89.04
CA HIS F 177 51.20 -26.65 88.14
C HIS F 177 49.99 -26.25 88.97
N THR F 178 49.58 -24.98 88.84
CA THR F 178 48.39 -24.48 89.49
C THR F 178 47.28 -24.34 88.45
N PHE F 179 46.32 -25.27 88.49
CA PHE F 179 45.29 -25.42 87.48
C PHE F 179 44.36 -24.21 87.50
N PRO F 180 43.88 -23.74 86.32
CA PRO F 180 42.87 -22.70 86.26
C PRO F 180 41.58 -23.14 86.94
N ALA F 181 40.89 -22.17 87.56
CA ALA F 181 39.78 -22.42 88.46
C ALA F 181 38.53 -22.81 87.68
N VAL F 182 37.66 -23.58 88.35
CA VAL F 182 36.33 -23.89 87.85
C VAL F 182 35.34 -22.93 88.53
N LEU F 183 34.26 -22.59 87.81
CA LEU F 183 33.15 -21.85 88.39
C LEU F 183 31.96 -22.81 88.51
N GLN F 184 31.54 -23.05 89.75
CA GLN F 184 30.51 -24.01 90.06
C GLN F 184 29.14 -23.37 89.85
N SER F 185 28.11 -24.22 89.71
CA SER F 185 26.73 -23.78 89.61
C SER F 185 26.28 -23.16 90.94
N SER F 186 27.10 -23.34 91.98
CA SER F 186 26.90 -22.68 93.25
C SER F 186 27.24 -21.20 93.13
N GLY F 187 28.10 -20.88 92.16
CA GLY F 187 28.56 -19.52 91.93
C GLY F 187 29.89 -19.24 92.63
N LEU F 188 30.49 -20.30 93.20
CA LEU F 188 31.74 -20.22 93.93
C LEU F 188 32.84 -20.91 93.12
N TYR F 189 34.09 -20.51 93.37
CA TYR F 189 35.22 -20.99 92.61
C TYR F 189 35.99 -22.07 93.38
N SER F 190 36.60 -22.99 92.63
CA SER F 190 37.49 -24.01 93.16
C SER F 190 38.67 -24.19 92.23
N LEU F 191 39.83 -24.50 92.82
CA LEU F 191 41.11 -24.52 92.13
C LEU F 191 41.99 -25.55 92.82
N SER F 192 42.89 -26.18 92.04
CA SER F 192 43.86 -27.11 92.60
C SER F 192 45.28 -26.67 92.21
N SER F 193 46.20 -26.78 93.17
CA SER F 193 47.61 -26.63 92.88
C SER F 193 48.31 -27.95 93.19
N VAL F 194 49.01 -28.49 92.19
CA VAL F 194 49.69 -29.76 92.35
C VAL F 194 51.20 -29.53 92.19
N VAL F 195 52.00 -30.46 92.70
CA VAL F 195 53.44 -30.43 92.57
C VAL F 195 53.98 -31.86 92.49
N THR F 196 54.82 -32.12 91.50
CA THR F 196 55.51 -33.38 91.35
C THR F 196 56.88 -33.27 92.01
N VAL F 197 57.22 -34.27 92.85
CA VAL F 197 58.41 -34.21 93.68
C VAL F 197 59.10 -35.58 93.68
N PRO F 198 60.45 -35.62 93.89
CA PRO F 198 61.14 -36.88 94.19
C PRO F 198 60.50 -37.62 95.37
N SER F 199 60.35 -38.94 95.21
CA SER F 199 59.62 -39.79 96.15
C SER F 199 60.35 -39.91 97.48
N SER F 200 61.68 -39.87 97.43
CA SER F 200 62.52 -40.08 98.60
C SER F 200 62.45 -38.89 99.55
N SER F 201 62.17 -37.71 98.97
CA SER F 201 62.16 -36.45 99.70
C SER F 201 60.91 -36.32 100.56
N LEU F 202 59.99 -37.29 100.45
CA LEU F 202 58.81 -37.33 101.29
C LEU F 202 59.22 -37.67 102.72
N GLY F 203 58.49 -37.11 103.69
CA GLY F 203 58.76 -37.31 105.10
C GLY F 203 59.90 -36.41 105.61
N THR F 204 61.09 -36.58 105.01
CA THR F 204 62.28 -35.83 105.35
C THR F 204 62.09 -34.35 105.04
N GLN F 205 61.70 -34.05 103.79
CA GLN F 205 61.39 -32.70 103.35
C GLN F 205 59.88 -32.48 103.48
N THR F 206 59.47 -31.27 103.85
CA THR F 206 58.07 -30.95 104.07
C THR F 206 57.59 -29.93 103.03
N TYR F 207 56.29 -29.98 102.73
CA TYR F 207 55.68 -29.16 101.70
C TYR F 207 54.50 -28.40 102.27
N ILE F 208 54.55 -27.06 102.12
CA ILE F 208 53.50 -26.16 102.57
C ILE F 208 53.05 -25.33 101.37
N CYS F 209 51.73 -25.31 101.13
CA CYS F 209 51.17 -24.46 100.10
C CYS F 209 50.62 -23.18 100.75
N ASN F 210 50.94 -22.03 100.14
CA ASN F 210 50.57 -20.73 100.66
C ASN F 210 49.49 -20.14 99.77
N VAL F 211 48.25 -20.28 100.22
CA VAL F 211 47.10 -19.74 99.51
C VAL F 211 46.87 -18.32 100.02
N ASN F 212 46.66 -17.39 99.08
CA ASN F 212 46.35 -16.01 99.41
C ASN F 212 45.05 -15.64 98.70
N HIS F 213 44.17 -14.93 99.42
CA HIS F 213 42.90 -14.47 98.85
C HIS F 213 42.59 -13.07 99.37
N LYS F 214 43.08 -12.07 98.62
CA LYS F 214 43.00 -10.66 99.00
C LYS F 214 41.54 -10.25 99.26
N PRO F 215 40.57 -10.57 98.36
CA PRO F 215 39.19 -10.16 98.56
C PRO F 215 38.64 -10.36 99.97
N SER F 216 38.94 -11.52 100.57
CA SER F 216 38.42 -11.85 101.88
C SER F 216 39.48 -11.64 102.96
N ASN F 217 40.73 -11.44 102.53
CA ASN F 217 41.89 -11.25 103.41
C ASN F 217 42.22 -12.54 104.15
N THR F 218 41.98 -13.67 103.50
CA THR F 218 42.28 -14.98 104.08
C THR F 218 43.65 -15.44 103.58
N LYS F 219 44.54 -15.74 104.53
CA LYS F 219 45.82 -16.37 104.24
C LYS F 219 45.84 -17.76 104.87
N VAL F 220 46.18 -18.77 104.07
CA VAL F 220 46.30 -20.12 104.58
C VAL F 220 47.65 -20.69 104.16
N ASP F 221 48.37 -21.25 105.15
CA ASP F 221 49.56 -22.04 104.91
C ASP F 221 49.30 -23.46 105.41
N LYS F 222 49.05 -24.38 104.47
CA LYS F 222 48.64 -25.73 104.80
C LYS F 222 49.79 -26.71 104.58
N ARG F 223 50.10 -27.49 105.64
CA ARG F 223 51.08 -28.56 105.58
C ARG F 223 50.47 -29.76 104.85
N VAL F 224 51.13 -30.19 103.78
CA VAL F 224 50.70 -31.37 103.03
C VAL F 224 51.70 -32.50 103.32
N GLU F 225 51.23 -33.51 104.05
CA GLU F 225 52.09 -34.59 104.50
C GLU F 225 51.68 -35.90 103.84
N PRO F 226 52.61 -36.87 103.72
CA PRO F 226 52.24 -38.22 103.28
C PRO F 226 51.20 -38.83 104.22
N LYS F 227 50.26 -39.58 103.65
CA LYS F 227 49.24 -40.29 104.42
C LYS F 227 49.87 -41.52 105.08
N SER F 228 49.38 -41.83 106.29
CA SER F 228 49.91 -42.90 107.12
C SER F 228 49.83 -44.24 106.38
N SER G 2 -14.48 -28.17 18.49
CA SER G 2 -15.53 -27.10 18.36
C SER G 2 -15.08 -26.05 17.34
N VAL G 3 -16.05 -25.33 16.77
CA VAL G 3 -15.76 -24.39 15.69
C VAL G 3 -16.19 -22.97 16.09
N LEU G 4 -15.30 -22.01 15.81
CA LEU G 4 -15.55 -20.60 16.01
C LEU G 4 -15.76 -19.96 14.64
N THR G 5 -16.99 -19.48 14.41
CA THR G 5 -17.42 -19.11 13.06
C THR G 5 -17.46 -17.60 12.90
N GLN G 6 -16.66 -17.12 11.95
CA GLN G 6 -16.53 -15.70 11.65
C GLN G 6 -17.13 -15.43 10.26
N PRO G 7 -17.58 -14.18 9.97
CA PRO G 7 -17.91 -13.81 8.59
C PRO G 7 -16.67 -13.89 7.72
N ALA G 8 -16.85 -14.35 6.47
CA ALA G 8 -15.75 -14.54 5.55
C ALA G 8 -14.99 -13.24 5.33
N SER G 9 -15.73 -12.14 5.22
CA SER G 9 -15.13 -10.84 4.97
C SER G 9 -16.04 -9.71 5.47
N VAL G 10 -15.43 -8.58 5.80
CA VAL G 10 -16.14 -7.33 6.05
C VAL G 10 -15.33 -6.20 5.46
N SER G 11 -16.01 -5.09 5.13
CA SER G 11 -15.35 -3.93 4.55
C SER G 11 -15.97 -2.65 5.08
N GLY G 12 -15.25 -1.53 4.88
CA GLY G 12 -15.70 -0.20 5.24
C GLY G 12 -14.88 0.87 4.53
N SER G 13 -15.34 2.11 4.62
CA SER G 13 -14.62 3.27 4.08
C SER G 13 -13.67 3.81 5.14
N PRO G 14 -12.59 4.54 4.76
CA PRO G 14 -11.72 5.19 5.75
C PRO G 14 -12.55 6.09 6.67
N GLY G 15 -12.45 5.86 7.97
CA GLY G 15 -13.15 6.66 8.96
C GLY G 15 -14.37 5.95 9.55
N GLN G 16 -14.94 5.02 8.78
CA GLN G 16 -16.11 4.25 9.20
C GLN G 16 -15.74 3.31 10.34
N SER G 17 -16.75 2.58 10.83
CA SER G 17 -16.58 1.61 11.89
C SER G 17 -17.11 0.25 11.43
N ILE G 18 -16.44 -0.82 11.88
CA ILE G 18 -16.81 -2.17 11.47
C ILE G 18 -16.70 -3.13 12.65
N THR G 19 -17.51 -4.20 12.60
CA THR G 19 -17.58 -5.21 13.64
C THR G 19 -17.38 -6.58 13.02
N ILE G 20 -16.49 -7.38 13.63
CA ILE G 20 -16.34 -8.79 13.30
C ILE G 20 -16.89 -9.61 14.45
N SER G 21 -17.89 -10.45 14.16
CA SER G 21 -18.47 -11.32 15.17
C SER G 21 -17.75 -12.67 15.15
N CYS G 22 -18.03 -13.48 16.18
CA CYS G 22 -17.41 -14.78 16.35
C CYS G 22 -18.31 -15.66 17.21
N THR G 23 -18.66 -16.85 16.69
CA THR G 23 -19.70 -17.66 17.27
C THR G 23 -19.17 -19.06 17.60
N GLY G 24 -19.41 -19.49 18.85
CA GLY G 24 -19.17 -20.87 19.26
C GLY G 24 -18.24 -21.00 20.47
N ILE G 25 -17.94 -19.87 21.13
CA ILE G 25 -17.04 -19.88 22.26
C ILE G 25 -17.77 -20.41 23.49
N SER G 26 -17.12 -21.35 24.18
CA SER G 26 -17.65 -21.94 25.40
C SER G 26 -16.57 -22.03 26.47
N SER G 27 -16.97 -21.83 27.73
CA SER G 27 -16.04 -21.74 28.84
C SER G 27 -16.26 -22.89 29.82
N ASP G 28 -15.21 -23.19 30.59
CA ASP G 28 -15.30 -24.07 31.75
C ASP G 28 -14.96 -23.24 32.99
N VAL G 29 -15.87 -23.26 33.98
CA VAL G 29 -15.73 -22.43 35.16
C VAL G 29 -14.80 -23.09 36.18
N GLY G 30 -14.41 -24.35 35.89
CA GLY G 30 -13.55 -25.12 36.77
C GLY G 30 -12.07 -25.02 36.39
N GLY G 31 -11.79 -24.34 35.27
CA GLY G 31 -10.43 -24.12 34.79
C GLY G 31 -10.21 -22.69 34.31
N TYR G 32 -9.15 -22.51 33.51
CA TYR G 32 -8.76 -21.19 33.02
C TYR G 32 -9.33 -20.99 31.61
N ASN G 33 -9.61 -19.72 31.26
CA ASN G 33 -10.22 -19.37 29.99
C ASN G 33 -9.73 -18.00 29.52
N SER G 34 -9.95 -17.70 28.23
CA SER G 34 -9.74 -16.38 27.65
C SER G 34 -10.15 -16.39 26.18
N VAL G 35 -10.44 -15.19 25.66
CA VAL G 35 -10.74 -14.97 24.25
C VAL G 35 -9.78 -13.91 23.72
N SER G 36 -9.26 -14.12 22.50
CA SER G 36 -8.23 -13.26 21.95
C SER G 36 -8.49 -12.95 20.47
N TRP G 37 -8.08 -11.75 20.04
CA TRP G 37 -8.18 -11.35 18.65
C TRP G 37 -6.77 -11.09 18.09
N TYR G 38 -6.51 -11.66 16.92
CA TYR G 38 -5.22 -11.53 16.24
C TYR G 38 -5.41 -10.86 14.90
N GLN G 39 -4.41 -10.07 14.50
CA GLN G 39 -4.38 -9.37 13.22
C GLN G 39 -3.21 -9.92 12.40
N GLN G 40 -3.49 -10.37 11.17
CA GLN G 40 -2.42 -10.86 10.31
C GLN G 40 -2.41 -10.07 8.99
N HIS G 41 -1.24 -9.48 8.72
CA HIS G 41 -0.90 -8.86 7.45
C HIS G 41 -0.21 -9.88 6.55
N PRO G 42 -0.36 -9.80 5.21
CA PRO G 42 0.38 -10.67 4.29
C PRO G 42 1.87 -10.78 4.63
N GLY G 43 2.33 -12.02 4.80
CA GLY G 43 3.74 -12.32 4.98
C GLY G 43 4.17 -12.27 6.45
N LYS G 44 3.36 -11.64 7.30
CA LYS G 44 3.75 -11.36 8.67
C LYS G 44 3.05 -12.31 9.65
N ALA G 45 3.68 -12.49 10.82
CA ALA G 45 3.14 -13.34 11.88
C ALA G 45 1.95 -12.66 12.53
N PRO G 46 0.91 -13.42 12.94
CA PRO G 46 -0.25 -12.82 13.59
C PRO G 46 0.14 -12.04 14.84
N LYS G 47 -0.48 -10.88 15.03
CA LYS G 47 -0.23 -9.99 16.16
C LYS G 47 -1.46 -9.96 17.05
N LEU G 48 -1.24 -10.14 18.36
CA LEU G 48 -2.30 -10.05 19.35
C LEU G 48 -2.75 -8.60 19.48
N MET G 49 -4.07 -8.40 19.35
CA MET G 49 -4.66 -7.07 19.31
C MET G 49 -5.55 -6.88 20.54
N ILE G 50 -6.23 -7.97 20.92
CA ILE G 50 -7.14 -7.99 22.06
C ILE G 50 -6.90 -9.29 22.82
N TYR G 51 -6.61 -9.17 24.13
CA TYR G 51 -6.48 -10.33 25.00
C TYR G 51 -7.57 -10.30 26.06
N ASP G 52 -7.78 -11.44 26.73
CA ASP G 52 -8.75 -11.59 27.81
C ASP G 52 -10.03 -10.80 27.48
N VAL G 53 -10.57 -11.07 26.28
CA VAL G 53 -11.90 -10.63 25.87
C VAL G 53 -11.92 -9.15 25.50
N THR G 54 -11.40 -8.27 26.37
CA THR G 54 -11.65 -6.84 26.23
C THR G 54 -10.37 -6.02 26.40
N ASN G 55 -9.27 -6.67 26.79
CA ASN G 55 -8.06 -5.96 27.17
C ASN G 55 -7.13 -5.78 25.97
N ARG G 56 -6.31 -4.72 26.03
CA ARG G 56 -5.56 -4.23 24.89
C ARG G 56 -4.08 -4.06 25.26
N PRO G 57 -3.15 -4.73 24.53
CA PRO G 57 -1.72 -4.55 24.74
C PRO G 57 -1.24 -3.16 24.38
N SER G 58 -0.07 -2.78 24.89
CA SER G 58 0.56 -1.51 24.55
C SER G 58 0.92 -1.49 23.07
N GLY G 59 0.88 -0.30 22.48
CA GLY G 59 1.20 -0.12 21.06
C GLY G 59 0.16 -0.78 20.16
N VAL G 60 -1.08 -0.90 20.67
CA VAL G 60 -2.23 -1.29 19.89
C VAL G 60 -3.27 -0.19 20.02
N SER G 61 -3.64 0.40 18.87
CA SER G 61 -4.52 1.54 18.78
C SER G 61 -5.82 1.29 19.55
N ASN G 62 -6.33 2.35 20.19
CA ASN G 62 -7.54 2.27 21.00
C ASN G 62 -8.78 2.21 20.13
N ARG G 63 -8.59 2.16 18.80
CA ARG G 63 -9.69 2.07 17.86
C ARG G 63 -10.24 0.64 17.85
N PHE G 64 -9.40 -0.31 18.30
CA PHE G 64 -9.76 -1.70 18.45
C PHE G 64 -10.35 -1.94 19.84
N SER G 65 -11.50 -2.63 19.88
CA SER G 65 -12.15 -2.99 21.13
C SER G 65 -12.87 -4.32 20.99
N GLY G 66 -13.02 -5.02 22.13
CA GLY G 66 -13.66 -6.32 22.15
C GLY G 66 -14.83 -6.36 23.13
N SER G 67 -15.81 -7.23 22.82
CA SER G 67 -16.96 -7.47 23.67
C SER G 67 -17.43 -8.92 23.49
N LYS G 68 -18.16 -9.43 24.48
CA LYS G 68 -18.61 -10.82 24.48
C LYS G 68 -20.04 -10.90 25.03
N SER G 69 -20.97 -11.35 24.18
CA SER G 69 -22.34 -11.60 24.58
C SER G 69 -22.61 -13.10 24.53
N GLY G 70 -22.87 -13.68 25.70
CA GLY G 70 -23.15 -15.10 25.83
C GLY G 70 -22.03 -15.96 25.26
N ASN G 71 -22.23 -16.44 24.03
CA ASN G 71 -21.29 -17.33 23.37
C ASN G 71 -20.78 -16.69 22.08
N THR G 72 -20.96 -15.37 21.95
CA THR G 72 -20.57 -14.64 20.76
C THR G 72 -19.69 -13.45 21.13
N ALA G 73 -18.49 -13.41 20.56
CA ALA G 73 -17.53 -12.34 20.81
C ALA G 73 -17.46 -11.42 19.60
N SER G 74 -17.16 -10.14 19.84
CA SER G 74 -17.15 -9.13 18.78
C SER G 74 -15.90 -8.26 18.87
N LEU G 75 -15.31 -7.99 17.70
CA LEU G 75 -14.22 -7.03 17.56
C LEU G 75 -14.72 -5.81 16.80
N THR G 76 -14.40 -4.62 17.32
CA THR G 76 -14.81 -3.37 16.69
C THR G 76 -13.58 -2.55 16.35
N ILE G 77 -13.45 -2.20 15.06
CA ILE G 77 -12.46 -1.25 14.59
C ILE G 77 -13.19 0.06 14.29
N SER G 78 -12.86 1.11 15.02
CA SER G 78 -13.43 2.43 14.79
C SER G 78 -12.45 3.27 13.99
N GLY G 79 -12.99 4.23 13.22
CA GLY G 79 -12.18 5.15 12.43
C GLY G 79 -11.15 4.41 11.58
N LEU G 80 -11.65 3.51 10.71
CA LEU G 80 -10.84 2.64 9.88
C LEU G 80 -9.75 3.43 9.16
N GLN G 81 -8.57 2.82 9.05
CA GLN G 81 -7.48 3.33 8.24
C GLN G 81 -7.00 2.21 7.31
N ALA G 82 -6.28 2.60 6.25
CA ALA G 82 -5.80 1.66 5.24
C ALA G 82 -5.00 0.53 5.91
N GLU G 83 -4.30 0.88 7.00
CA GLU G 83 -3.39 -0.01 7.71
C GLU G 83 -4.14 -1.17 8.34
N ASP G 84 -5.47 -1.04 8.46
CA ASP G 84 -6.29 -2.00 9.16
C ASP G 84 -6.68 -3.13 8.22
N GLU G 85 -6.45 -2.94 6.91
CA GLU G 85 -6.75 -3.97 5.91
C GLU G 85 -5.86 -5.18 6.18
N ALA G 86 -6.48 -6.24 6.71
CA ALA G 86 -5.77 -7.45 7.11
C ALA G 86 -6.78 -8.57 7.40
N ASP G 87 -6.23 -9.75 7.72
CA ASP G 87 -7.02 -10.89 8.20
C ASP G 87 -7.08 -10.85 9.72
N TYR G 88 -8.27 -11.07 10.27
CA TYR G 88 -8.46 -11.09 11.71
C TYR G 88 -9.01 -12.44 12.15
N TYR G 89 -8.36 -13.01 13.16
CA TYR G 89 -8.73 -14.33 13.68
C TYR G 89 -9.18 -14.20 15.12
N CYS G 90 -10.37 -14.75 15.37
CA CYS G 90 -10.93 -15.01 16.68
C CYS G 90 -10.10 -16.11 17.35
N SER G 91 -10.10 -16.13 18.69
CA SER G 91 -9.43 -17.20 19.41
C SER G 91 -10.02 -17.39 20.81
N SER G 92 -9.93 -18.62 21.32
CA SER G 92 -10.47 -18.97 22.63
C SER G 92 -9.64 -20.09 23.26
N TYR G 93 -9.29 -19.89 24.53
CA TYR G 93 -8.61 -20.90 25.34
C TYR G 93 -9.59 -21.44 26.37
N THR G 94 -9.55 -22.76 26.56
CA THR G 94 -10.22 -23.44 27.66
C THR G 94 -9.33 -24.61 28.08
N SER G 95 -8.74 -24.49 29.27
CA SER G 95 -7.65 -25.35 29.70
C SER G 95 -8.07 -26.82 29.78
N SER G 96 -9.38 -27.07 29.94
CA SER G 96 -9.88 -28.39 30.29
C SER G 96 -10.60 -29.06 29.12
N SER G 97 -10.54 -28.45 27.93
CA SER G 97 -11.16 -29.03 26.75
C SER G 97 -10.09 -29.48 25.75
N THR G 98 -10.50 -30.33 24.79
CA THR G 98 -9.62 -30.88 23.79
C THR G 98 -10.23 -30.66 22.40
N PRO G 99 -9.64 -29.78 21.56
CA PRO G 99 -8.38 -29.11 21.86
C PRO G 99 -8.55 -27.92 22.81
N PRO G 100 -7.49 -27.53 23.56
CA PRO G 100 -7.56 -26.39 24.48
C PRO G 100 -7.66 -25.05 23.77
N TYR G 101 -6.95 -24.91 22.65
CA TYR G 101 -6.94 -23.70 21.85
C TYR G 101 -7.71 -23.93 20.56
N VAL G 102 -8.51 -22.94 20.16
CA VAL G 102 -9.13 -22.94 18.85
C VAL G 102 -8.98 -21.55 18.24
N PHE G 103 -8.71 -21.53 16.93
CA PHE G 103 -8.71 -20.29 16.15
C PHE G 103 -9.99 -20.24 15.30
N GLY G 104 -10.52 -19.03 15.15
CA GLY G 104 -11.69 -18.78 14.33
C GLY G 104 -11.41 -19.02 12.84
N THR G 105 -12.48 -18.99 12.04
CA THR G 105 -12.40 -19.30 10.61
C THR G 105 -11.72 -18.16 9.86
N GLY G 106 -11.82 -16.94 10.41
CA GLY G 106 -11.06 -15.80 9.92
C GLY G 106 -11.90 -14.85 9.08
N THR G 107 -11.62 -13.54 9.23
CA THR G 107 -12.34 -12.50 8.55
C THR G 107 -11.35 -11.57 7.83
N LYS G 108 -11.52 -11.44 6.51
CA LYS G 108 -10.71 -10.51 5.74
C LYS G 108 -11.39 -9.14 5.75
N VAL G 109 -10.66 -8.15 6.28
CA VAL G 109 -11.15 -6.79 6.37
C VAL G 109 -10.60 -5.98 5.18
N SER G 110 -11.49 -5.25 4.51
CA SER G 110 -11.12 -4.43 3.38
C SER G 110 -11.44 -2.97 3.68
N VAL G 111 -10.46 -2.10 3.46
CA VAL G 111 -10.68 -0.66 3.55
C VAL G 111 -10.86 -0.13 2.13
N LEU G 112 -12.11 0.18 1.79
CA LEU G 112 -12.51 0.47 0.41
C LEU G 112 -11.88 1.77 -0.07
N GLY G 113 -11.27 1.71 -1.25
CA GLY G 113 -10.64 2.86 -1.88
C GLY G 113 -11.46 3.37 -3.06
N GLN G 114 -12.47 2.58 -3.42
CA GLN G 114 -13.45 2.90 -4.46
C GLN G 114 -14.74 2.16 -4.12
N PRO G 115 -15.88 2.54 -4.72
CA PRO G 115 -17.15 1.84 -4.49
C PRO G 115 -17.12 0.34 -4.83
N LYS G 116 -17.96 -0.43 -4.13
CA LYS G 116 -18.00 -1.87 -4.25
C LYS G 116 -18.52 -2.27 -5.64
N ALA G 117 -18.05 -3.42 -6.11
CA ALA G 117 -18.44 -3.97 -7.40
C ALA G 117 -18.73 -5.46 -7.25
N ALA G 118 -19.93 -5.88 -7.66
CA ALA G 118 -20.35 -7.26 -7.57
C ALA G 118 -19.64 -8.06 -8.65
N PRO G 119 -19.30 -9.34 -8.42
CA PRO G 119 -18.55 -10.13 -9.39
C PRO G 119 -19.40 -10.73 -10.52
N SER G 120 -18.76 -10.93 -11.69
CA SER G 120 -19.29 -11.77 -12.75
C SER G 120 -18.73 -13.17 -12.58
N VAL G 121 -19.61 -14.16 -12.65
CA VAL G 121 -19.19 -15.55 -12.52
C VAL G 121 -19.52 -16.30 -13.80
N THR G 122 -18.51 -16.93 -14.39
CA THR G 122 -18.72 -17.87 -15.48
C THR G 122 -18.25 -19.25 -15.04
N LEU G 123 -19.17 -20.24 -15.13
CA LEU G 123 -18.84 -21.62 -14.83
C LEU G 123 -18.93 -22.48 -16.09
N PHE G 124 -17.80 -23.14 -16.41
CA PHE G 124 -17.68 -24.08 -17.51
C PHE G 124 -17.64 -25.52 -16.99
N PRO G 125 -18.39 -26.45 -17.60
CA PRO G 125 -18.30 -27.87 -17.23
C PRO G 125 -17.05 -28.46 -17.87
N PRO G 126 -16.63 -29.69 -17.51
CA PRO G 126 -15.50 -30.32 -18.18
C PRO G 126 -15.82 -30.49 -19.66
N SER G 127 -14.82 -30.21 -20.52
CA SER G 127 -14.97 -30.43 -21.95
C SER G 127 -15.05 -31.92 -22.24
N SER G 128 -15.67 -32.27 -23.38
CA SER G 128 -15.77 -33.67 -23.77
C SER G 128 -14.39 -34.23 -24.08
N GLU G 129 -13.45 -33.34 -24.44
CA GLU G 129 -12.08 -33.73 -24.75
C GLU G 129 -11.36 -34.21 -23.49
N GLU G 130 -11.48 -33.44 -22.40
CA GLU G 130 -10.84 -33.76 -21.14
C GLU G 130 -11.35 -35.12 -20.64
N LEU G 131 -12.66 -35.36 -20.75
CA LEU G 131 -13.28 -36.60 -20.30
C LEU G 131 -12.72 -37.77 -21.10
N GLN G 132 -12.41 -37.54 -22.38
CA GLN G 132 -11.81 -38.55 -23.24
C GLN G 132 -10.39 -38.85 -22.75
N ALA G 133 -9.77 -37.86 -22.11
CA ALA G 133 -8.43 -37.98 -21.54
C ALA G 133 -8.50 -38.53 -20.11
N ASN G 134 -9.72 -38.82 -19.66
CA ASN G 134 -10.00 -39.48 -18.40
C ASN G 134 -9.74 -38.52 -17.23
N LYS G 135 -10.16 -37.27 -17.41
CA LYS G 135 -10.03 -36.22 -16.42
C LYS G 135 -11.26 -35.31 -16.51
N ALA G 136 -11.48 -34.49 -15.48
CA ALA G 136 -12.61 -33.57 -15.45
C ALA G 136 -12.27 -32.38 -14.57
N THR G 137 -12.26 -31.18 -15.17
CA THR G 137 -12.07 -29.95 -14.44
C THR G 137 -13.30 -29.05 -14.65
N LEU G 138 -13.89 -28.61 -13.54
CA LEU G 138 -14.89 -27.57 -13.57
C LEU G 138 -14.16 -26.24 -13.40
N VAL G 139 -14.47 -25.28 -14.28
CA VAL G 139 -13.78 -24.00 -14.26
C VAL G 139 -14.78 -22.91 -13.88
N CYS G 140 -14.47 -22.20 -12.78
CA CYS G 140 -15.32 -21.15 -12.25
C CYS G 140 -14.53 -19.83 -12.22
N LEU G 141 -14.87 -18.92 -13.16
CA LEU G 141 -14.15 -17.69 -13.36
C LEU G 141 -14.93 -16.52 -12.77
N ILE G 142 -14.22 -15.65 -12.05
CA ILE G 142 -14.80 -14.57 -11.27
C ILE G 142 -14.02 -13.30 -11.59
N SER G 143 -14.75 -12.23 -11.93
CA SER G 143 -14.13 -11.01 -12.42
C SER G 143 -14.93 -9.78 -12.01
N ASP G 144 -14.27 -8.63 -12.02
CA ASP G 144 -14.90 -7.31 -11.94
C ASP G 144 -15.49 -7.07 -10.55
N PHE G 145 -14.76 -7.45 -9.51
CA PHE G 145 -15.27 -7.23 -8.16
C PHE G 145 -14.31 -6.36 -7.36
N TYR G 146 -14.90 -5.52 -6.50
CA TYR G 146 -14.17 -4.77 -5.49
C TYR G 146 -14.94 -4.85 -4.18
N PRO G 147 -14.28 -5.01 -3.02
CA PRO G 147 -12.81 -5.13 -2.95
C PRO G 147 -12.37 -6.54 -3.31
N GLY G 148 -11.07 -6.80 -3.19
CA GLY G 148 -10.49 -8.04 -3.70
C GLY G 148 -10.47 -9.14 -2.66
N ALA G 149 -11.66 -9.57 -2.21
CA ALA G 149 -11.80 -10.64 -1.25
C ALA G 149 -13.05 -11.45 -1.55
N VAL G 150 -12.86 -12.71 -1.94
CA VAL G 150 -13.97 -13.61 -2.25
C VAL G 150 -13.78 -14.94 -1.54
N THR G 151 -14.92 -15.62 -1.36
CA THR G 151 -14.98 -16.99 -0.88
C THR G 151 -15.69 -17.83 -1.94
N VAL G 152 -15.10 -19.00 -2.23
CA VAL G 152 -15.69 -19.91 -3.21
C VAL G 152 -15.88 -21.28 -2.55
N ALA G 153 -17.11 -21.76 -2.57
CA ALA G 153 -17.43 -23.12 -2.15
C ALA G 153 -17.89 -23.90 -3.37
N TRP G 154 -17.88 -25.23 -3.25
CA TRP G 154 -18.38 -26.11 -4.30
C TRP G 154 -19.36 -27.10 -3.69
N LYS G 155 -20.38 -27.47 -4.47
CA LYS G 155 -21.39 -28.41 -4.04
C LYS G 155 -21.48 -29.54 -5.05
N ALA G 156 -21.76 -30.74 -4.56
CA ALA G 156 -22.07 -31.87 -5.41
C ALA G 156 -23.58 -32.14 -5.31
N ASP G 157 -24.33 -31.30 -6.03
CA ASP G 157 -25.78 -31.38 -6.19
C ASP G 157 -26.52 -31.03 -4.90
N SER G 158 -25.78 -30.62 -3.85
CA SER G 158 -26.34 -30.03 -2.65
C SER G 158 -25.40 -30.18 -1.46
N SER G 159 -24.49 -31.16 -1.51
CA SER G 159 -23.55 -31.43 -0.44
C SER G 159 -22.21 -30.77 -0.76
N PRO G 160 -21.64 -29.97 0.18
CA PRO G 160 -20.37 -29.29 -0.07
C PRO G 160 -19.23 -30.25 -0.41
N VAL G 161 -18.41 -29.83 -1.37
CA VAL G 161 -17.19 -30.51 -1.78
C VAL G 161 -16.02 -29.70 -1.24
N LYS G 162 -14.97 -30.41 -0.80
CA LYS G 162 -13.81 -29.80 -0.18
C LYS G 162 -12.54 -30.24 -0.92
N ALA G 163 -12.50 -31.52 -1.30
CA ALA G 163 -11.39 -32.13 -2.01
C ALA G 163 -11.43 -31.77 -3.50
N GLY G 164 -10.28 -31.35 -4.01
CA GLY G 164 -10.11 -31.12 -5.44
C GLY G 164 -10.30 -29.65 -5.83
N VAL G 165 -10.52 -28.80 -4.83
CA VAL G 165 -10.68 -27.37 -5.05
C VAL G 165 -9.31 -26.71 -5.04
N GLU G 166 -9.10 -25.78 -5.97
CA GLU G 166 -7.93 -24.92 -6.00
C GLU G 166 -8.41 -23.51 -6.36
N THR G 167 -8.15 -22.54 -5.48
CA THR G 167 -8.65 -21.20 -5.70
C THR G 167 -7.49 -20.21 -5.71
N THR G 168 -7.51 -19.27 -6.65
CA THR G 168 -6.51 -18.22 -6.70
C THR G 168 -6.86 -17.17 -5.65
N THR G 169 -5.85 -16.44 -5.18
CA THR G 169 -6.12 -15.24 -4.42
C THR G 169 -6.41 -14.10 -5.41
N PRO G 170 -7.42 -13.24 -5.15
CA PRO G 170 -7.80 -12.17 -6.08
C PRO G 170 -6.62 -11.35 -6.58
N SER G 171 -6.66 -10.94 -7.85
CA SER G 171 -5.61 -10.08 -8.38
C SER G 171 -6.20 -8.98 -9.28
N LYS G 172 -5.50 -7.83 -9.27
CA LYS G 172 -5.99 -6.58 -9.83
C LYS G 172 -6.02 -6.66 -11.36
N GLN G 173 -7.19 -6.36 -11.94
CA GLN G 173 -7.34 -6.26 -13.37
C GLN G 173 -6.86 -4.88 -13.83
N SER G 174 -6.91 -4.62 -15.13
CA SER G 174 -6.41 -3.38 -15.68
C SER G 174 -7.38 -2.23 -15.41
N ASN G 175 -8.64 -2.57 -15.10
CA ASN G 175 -9.69 -1.60 -14.82
C ASN G 175 -9.84 -1.39 -13.31
N ASN G 176 -8.94 -2.00 -12.54
CA ASN G 176 -8.79 -1.74 -11.11
C ASN G 176 -9.77 -2.56 -10.26
N LYS G 177 -10.59 -3.39 -10.90
CA LYS G 177 -11.38 -4.39 -10.21
C LYS G 177 -10.54 -5.67 -10.10
N TYR G 178 -11.11 -6.71 -9.48
CA TYR G 178 -10.33 -7.90 -9.20
C TYR G 178 -10.87 -9.11 -9.96
N ALA G 179 -9.94 -10.00 -10.31
CA ALA G 179 -10.29 -11.27 -10.92
C ALA G 179 -9.75 -12.38 -10.04
N ALA G 180 -10.44 -13.53 -10.06
CA ALA G 180 -10.02 -14.73 -9.40
C ALA G 180 -10.67 -15.93 -10.09
N SER G 181 -10.09 -17.12 -9.86
CA SER G 181 -10.64 -18.32 -10.45
C SER G 181 -10.57 -19.46 -9.45
N SER G 182 -11.49 -20.43 -9.62
CA SER G 182 -11.51 -21.66 -8.85
C SER G 182 -11.67 -22.84 -9.80
N TYR G 183 -10.95 -23.93 -9.50
CA TYR G 183 -10.98 -25.16 -10.27
C TYR G 183 -11.33 -26.34 -9.38
N LEU G 184 -12.32 -27.13 -9.81
CA LEU G 184 -12.65 -28.38 -9.14
C LEU G 184 -12.25 -29.56 -10.02
N SER G 185 -11.34 -30.39 -9.51
CA SER G 185 -10.93 -31.61 -10.18
C SER G 185 -11.82 -32.77 -9.72
N LEU G 186 -12.44 -33.43 -10.69
CA LEU G 186 -13.23 -34.62 -10.43
C LEU G 186 -12.70 -35.76 -11.28
N THR G 187 -13.06 -36.97 -10.87
CA THR G 187 -12.99 -38.13 -11.74
C THR G 187 -14.17 -38.05 -12.71
N PRO G 188 -14.04 -38.58 -13.96
CA PRO G 188 -15.19 -38.70 -14.85
C PRO G 188 -16.36 -39.45 -14.22
N GLU G 189 -16.06 -40.49 -13.45
CA GLU G 189 -17.07 -41.27 -12.74
C GLU G 189 -17.83 -40.36 -11.77
N GLN G 190 -17.13 -39.37 -11.21
CA GLN G 190 -17.72 -38.46 -10.25
C GLN G 190 -18.64 -37.48 -10.99
N TRP G 191 -18.09 -36.83 -12.03
CA TRP G 191 -18.82 -35.88 -12.84
C TRP G 191 -20.12 -36.48 -13.36
N LYS G 192 -20.06 -37.72 -13.86
CA LYS G 192 -21.16 -38.34 -14.57
C LYS G 192 -22.18 -38.97 -13.61
N SER G 193 -21.87 -39.03 -12.32
CA SER G 193 -22.70 -39.77 -11.37
C SER G 193 -23.63 -38.85 -10.58
N HIS G 194 -23.20 -37.61 -10.33
CA HIS G 194 -24.01 -36.64 -9.62
C HIS G 194 -24.96 -35.95 -10.58
N ARG G 195 -26.06 -35.39 -10.04
CA ARG G 195 -27.03 -34.65 -10.82
C ARG G 195 -26.40 -33.37 -11.35
N SER G 196 -25.65 -32.69 -10.48
CA SER G 196 -25.08 -31.38 -10.79
C SER G 196 -23.91 -31.04 -9.87
N TYR G 197 -23.17 -29.99 -10.26
CA TYR G 197 -22.11 -29.39 -9.48
C TYR G 197 -22.29 -27.88 -9.51
N SER G 198 -21.87 -27.20 -8.44
CA SER G 198 -22.10 -25.77 -8.30
C SER G 198 -20.87 -25.09 -7.71
N CYS G 199 -20.38 -24.02 -8.35
CA CYS G 199 -19.49 -23.09 -7.66
C CYS G 199 -20.35 -21.95 -7.12
N GLN G 200 -20.22 -21.70 -5.81
CA GLN G 200 -20.86 -20.57 -5.15
C GLN G 200 -19.81 -19.51 -4.86
N VAL G 201 -20.04 -18.30 -5.36
CA VAL G 201 -19.13 -17.21 -5.11
C VAL G 201 -19.78 -16.28 -4.08
N THR G 202 -19.03 -16.01 -3.01
CA THR G 202 -19.50 -15.11 -1.97
C THR G 202 -18.59 -13.89 -1.96
N HIS G 203 -19.20 -12.71 -2.11
CA HIS G 203 -18.51 -11.44 -2.11
C HIS G 203 -19.36 -10.45 -1.34
N GLU G 204 -18.74 -9.78 -0.36
CA GLU G 204 -19.40 -8.77 0.45
C GLU G 204 -20.79 -9.24 0.85
N GLY G 205 -20.87 -10.47 1.36
CA GLY G 205 -22.09 -11.02 1.95
C GLY G 205 -23.18 -11.31 0.92
N SER G 206 -22.83 -11.29 -0.38
CA SER G 206 -23.75 -11.64 -1.44
C SER G 206 -23.24 -12.87 -2.17
N THR G 207 -24.17 -13.75 -2.58
CA THR G 207 -23.77 -15.03 -3.16
C THR G 207 -24.32 -15.17 -4.57
N VAL G 208 -23.46 -15.68 -5.46
CA VAL G 208 -23.85 -16.11 -6.79
C VAL G 208 -23.48 -17.59 -6.91
N GLU G 209 -24.48 -18.42 -7.23
CA GLU G 209 -24.27 -19.84 -7.43
C GLU G 209 -24.67 -20.22 -8.86
N LYS G 210 -23.67 -20.70 -9.61
CA LYS G 210 -23.87 -21.22 -10.96
C LYS G 210 -23.79 -22.75 -10.90
N THR G 211 -24.63 -23.41 -11.69
CA THR G 211 -24.76 -24.86 -11.64
C THR G 211 -24.62 -25.46 -13.03
N VAL G 212 -23.94 -26.62 -13.12
CA VAL G 212 -23.82 -27.38 -14.37
C VAL G 212 -24.10 -28.85 -14.09
N ALA G 213 -24.62 -29.54 -15.13
CA ALA G 213 -25.02 -30.95 -15.06
C ALA G 213 -24.50 -31.68 -16.29
N PRO G 214 -24.17 -32.99 -16.17
CA PRO G 214 -23.64 -33.79 -17.28
C PRO G 214 -24.45 -33.81 -18.58
N THR G 215 -25.75 -33.48 -18.49
CA THR G 215 -26.63 -33.42 -19.65
C THR G 215 -27.19 -32.01 -19.81
N GLU G 216 -26.49 -31.18 -20.59
CA GLU G 216 -26.89 -29.79 -20.78
C GLU G 216 -26.86 -29.41 -22.27
N GLN H 1 14.76 -9.48 25.72
CA GLN H 1 13.33 -9.88 25.94
C GLN H 1 13.06 -11.24 25.31
N VAL H 2 11.80 -11.69 25.41
CA VAL H 2 11.34 -12.98 24.96
C VAL H 2 11.39 -13.04 23.43
N ARG H 3 12.07 -14.06 22.90
CA ARG H 3 12.25 -14.27 21.48
C ARG H 3 11.94 -15.71 21.12
N LEU H 4 11.24 -15.90 19.99
CA LEU H 4 11.09 -17.21 19.39
C LEU H 4 11.61 -17.14 17.96
N VAL H 5 12.69 -17.90 17.69
CA VAL H 5 13.40 -17.85 16.42
C VAL H 5 13.33 -19.24 15.77
N GLN H 6 12.86 -19.28 14.52
CA GLN H 6 12.53 -20.52 13.85
C GLN H 6 13.56 -20.84 12.77
N SER H 7 13.56 -22.10 12.33
CA SER H 7 14.44 -22.59 11.28
C SER H 7 13.98 -22.01 9.93
N GLY H 8 14.93 -21.96 8.97
CA GLY H 8 14.70 -21.35 7.67
C GLY H 8 13.69 -22.11 6.82
N ALA H 9 13.32 -21.52 5.68
CA ALA H 9 12.30 -22.04 4.80
C ALA H 9 12.78 -23.32 4.12
N GLU H 10 11.88 -24.31 4.04
CA GLU H 10 12.19 -25.63 3.51
C GLU H 10 11.45 -25.86 2.20
N VAL H 11 12.16 -26.45 1.23
CA VAL H 11 11.57 -26.93 0.00
C VAL H 11 11.90 -28.41 -0.12
N LYS H 12 10.88 -29.27 -0.07
CA LYS H 12 11.08 -30.71 -0.07
C LYS H 12 10.13 -31.37 -1.07
N LYS H 13 10.62 -32.42 -1.74
CA LYS H 13 9.79 -33.25 -2.60
C LYS H 13 8.91 -34.15 -1.73
N SER H 14 7.83 -34.67 -2.32
CA SER H 14 6.84 -35.47 -1.62
C SER H 14 7.46 -36.79 -1.17
N GLY H 15 7.33 -37.10 0.12
CA GLY H 15 7.70 -38.40 0.66
C GLY H 15 8.88 -38.36 1.62
N GLU H 16 9.52 -37.19 1.75
CA GLU H 16 10.78 -37.06 2.45
C GLU H 16 10.55 -36.72 3.93
N SER H 17 11.64 -36.81 4.72
CA SER H 17 11.66 -36.43 6.13
C SER H 17 11.70 -34.90 6.25
N LEU H 18 11.17 -34.40 7.36
CA LEU H 18 11.35 -33.00 7.74
C LEU H 18 11.25 -32.83 9.25
N LYS H 19 12.18 -32.05 9.79
CA LYS H 19 12.20 -31.66 11.20
C LYS H 19 12.56 -30.17 11.26
N ILE H 20 11.56 -29.33 11.54
CA ILE H 20 11.77 -27.89 11.67
C ILE H 20 11.80 -27.52 13.15
N SER H 21 12.53 -26.45 13.47
CA SER H 21 12.86 -26.12 14.85
C SER H 21 12.44 -24.69 15.21
N CYS H 22 12.38 -24.44 16.51
CA CYS H 22 11.94 -23.18 17.11
C CYS H 22 12.71 -22.98 18.42
N LYS H 23 13.65 -22.03 18.40
CA LYS H 23 14.57 -21.81 19.50
C LYS H 23 14.03 -20.72 20.42
N GLY H 24 13.89 -21.05 21.71
CA GLY H 24 13.46 -20.11 22.72
C GLY H 24 14.62 -19.27 23.23
N SER H 25 14.31 -18.10 23.78
CA SER H 25 15.31 -17.13 24.21
C SER H 25 14.69 -16.07 25.11
N GLY H 26 15.39 -15.73 26.20
CA GLY H 26 15.08 -14.56 27.01
C GLY H 26 14.11 -14.85 28.16
N TYR H 27 13.88 -16.14 28.44
CA TYR H 27 13.07 -16.58 29.57
C TYR H 27 13.56 -17.94 30.04
N SER H 28 12.85 -18.53 31.02
CA SER H 28 13.14 -19.90 31.42
C SER H 28 12.27 -20.86 30.62
N PHE H 29 12.92 -21.61 29.72
CA PHE H 29 12.30 -22.29 28.61
C PHE H 29 11.40 -23.43 29.08
N THR H 30 11.70 -23.99 30.26
CA THR H 30 11.12 -25.25 30.69
C THR H 30 9.88 -25.01 31.56
N SER H 31 9.46 -23.75 31.65
CA SER H 31 8.38 -23.37 32.57
C SER H 31 7.09 -23.10 31.82
N TYR H 32 7.15 -23.08 30.48
CA TYR H 32 6.05 -22.62 29.66
C TYR H 32 5.72 -23.62 28.57
N TRP H 33 4.44 -23.63 28.15
CA TRP H 33 3.98 -24.38 26.99
C TRP H 33 4.36 -23.66 25.70
N ILE H 34 4.81 -24.45 24.71
CA ILE H 34 5.09 -23.96 23.37
C ILE H 34 4.15 -24.66 22.40
N GLY H 35 3.56 -23.87 21.49
CA GLY H 35 2.53 -24.35 20.57
C GLY H 35 2.97 -24.25 19.10
N TRP H 36 2.41 -25.14 18.28
CA TRP H 36 2.65 -25.15 16.84
C TRP H 36 1.34 -24.87 16.10
N VAL H 37 1.42 -24.00 15.09
CA VAL H 37 0.26 -23.54 14.35
C VAL H 37 0.55 -23.64 12.85
N ARG H 38 -0.41 -24.23 12.12
CA ARG H 38 -0.30 -24.45 10.69
C ARG H 38 -1.15 -23.43 9.94
N GLN H 39 -0.60 -22.90 8.84
CA GLN H 39 -1.36 -22.03 7.96
C GLN H 39 -1.11 -22.44 6.50
N MET H 40 -2.06 -23.21 5.94
CA MET H 40 -2.04 -23.58 4.54
C MET H 40 -2.20 -22.30 3.71
N PRO H 41 -1.55 -22.19 2.52
CA PRO H 41 -1.58 -20.95 1.74
C PRO H 41 -3.01 -20.49 1.47
N GLY H 42 -3.26 -19.20 1.70
CA GLY H 42 -4.56 -18.60 1.44
C GLY H 42 -5.61 -18.98 2.49
N LYS H 43 -5.33 -20.01 3.29
CA LYS H 43 -6.28 -20.51 4.28
C LYS H 43 -5.93 -19.95 5.66
N GLY H 44 -6.66 -20.43 6.69
CA GLY H 44 -6.61 -19.84 8.02
C GLY H 44 -5.64 -20.56 8.97
N LEU H 45 -5.64 -20.13 10.24
CA LEU H 45 -4.74 -20.62 11.28
C LEU H 45 -5.29 -21.91 11.87
N GLU H 46 -4.40 -22.89 12.11
CA GLU H 46 -4.76 -24.15 12.74
C GLU H 46 -3.77 -24.46 13.86
N TRP H 47 -4.30 -24.67 15.07
CA TRP H 47 -3.51 -25.03 16.23
C TRP H 47 -3.23 -26.53 16.22
N MET H 48 -1.96 -26.90 16.10
CA MET H 48 -1.57 -28.28 15.89
C MET H 48 -1.46 -29.00 17.24
N GLY H 49 -0.77 -28.37 18.18
CA GLY H 49 -0.55 -28.94 19.49
C GLY H 49 0.44 -28.12 20.30
N ILE H 50 0.69 -28.55 21.54
CA ILE H 50 1.63 -27.90 22.42
C ILE H 50 2.55 -28.95 23.02
N ILE H 51 3.71 -28.49 23.52
CA ILE H 51 4.63 -29.33 24.26
C ILE H 51 5.11 -28.56 25.49
N TYR H 52 5.38 -29.30 26.57
CA TYR H 52 5.98 -28.73 27.76
C TYR H 52 7.44 -29.17 27.85
N PRO H 53 8.40 -28.29 27.50
CA PRO H 53 9.83 -28.63 27.48
C PRO H 53 10.38 -29.28 28.76
N GLY H 54 9.74 -29.00 29.90
CA GLY H 54 10.21 -29.46 31.19
C GLY H 54 10.26 -30.97 31.32
N ASP H 55 9.26 -31.64 30.72
CA ASP H 55 9.10 -33.08 30.85
C ASP H 55 8.67 -33.68 29.51
N SER H 56 8.63 -32.84 28.47
CA SER H 56 8.26 -33.21 27.11
C SER H 56 6.82 -33.74 27.05
N ASP H 57 5.93 -33.11 27.83
CA ASP H 57 4.52 -33.45 27.81
C ASP H 57 3.88 -32.81 26.58
N THR H 58 3.39 -33.66 25.67
CA THR H 58 2.81 -33.22 24.41
C THR H 58 1.29 -33.32 24.49
N ARG H 59 0.61 -32.31 23.94
CA ARG H 59 -0.84 -32.34 23.77
C ARG H 59 -1.15 -31.98 22.32
N TYR H 60 -1.65 -32.96 21.57
CA TYR H 60 -1.98 -32.79 20.16
C TYR H 60 -3.47 -32.46 20.00
N SER H 61 -3.78 -31.73 18.93
CA SER H 61 -5.15 -31.58 18.47
C SER H 61 -5.58 -32.88 17.81
N PRO H 62 -6.85 -33.32 17.98
CA PRO H 62 -7.37 -34.51 17.30
C PRO H 62 -7.11 -34.52 15.79
N SER H 63 -7.20 -33.35 15.17
CA SER H 63 -6.96 -33.20 13.73
C SER H 63 -5.52 -33.55 13.38
N PHE H 64 -4.61 -33.48 14.36
CA PHE H 64 -3.18 -33.57 14.10
C PHE H 64 -2.55 -34.78 14.79
N GLN H 65 -3.33 -35.48 15.62
CA GLN H 65 -2.83 -36.62 16.38
C GLN H 65 -2.25 -37.64 15.41
N GLY H 66 -0.98 -37.99 15.62
CA GLY H 66 -0.32 -39.07 14.90
C GLY H 66 0.00 -38.72 13.45
N GLN H 67 -0.22 -37.45 13.06
CA GLN H 67 0.05 -37.00 11.71
C GLN H 67 1.38 -36.26 11.68
N VAL H 68 1.91 -35.96 12.87
CA VAL H 68 3.11 -35.16 13.04
C VAL H 68 3.64 -35.41 14.45
N THR H 69 4.95 -35.20 14.64
CA THR H 69 5.56 -35.40 15.93
C THR H 69 6.09 -34.06 16.47
N ILE H 70 5.63 -33.72 17.68
CA ILE H 70 6.16 -32.59 18.42
C ILE H 70 7.14 -33.13 19.47
N SER H 71 8.38 -32.63 19.43
CA SER H 71 9.39 -32.99 20.41
C SER H 71 10.16 -31.75 20.85
N ALA H 72 11.14 -31.95 21.73
CA ALA H 72 11.87 -30.87 22.37
C ALA H 72 13.30 -31.29 22.70
N ASP H 73 14.07 -30.33 23.20
CA ASP H 73 15.47 -30.51 23.57
C ASP H 73 15.81 -29.52 24.68
N LYS H 74 15.54 -29.93 25.92
CA LYS H 74 15.78 -29.14 27.12
C LYS H 74 17.03 -28.27 26.96
N SER H 75 18.16 -28.92 26.71
CA SER H 75 19.49 -28.36 26.91
C SER H 75 19.77 -27.20 25.95
N ILE H 76 19.18 -27.25 24.76
CA ILE H 76 19.52 -26.31 23.70
C ILE H 76 18.38 -25.33 23.47
N SER H 77 17.36 -25.38 24.36
CA SER H 77 16.23 -24.48 24.35
C SER H 77 15.55 -24.46 22.99
N THR H 78 15.11 -25.65 22.53
CA THR H 78 14.58 -25.78 21.18
C THR H 78 13.44 -26.79 21.15
N VAL H 79 12.44 -26.52 20.31
CA VAL H 79 11.28 -27.38 20.14
C VAL H 79 11.16 -27.72 18.65
N TYR H 80 10.83 -28.97 18.35
CA TYR H 80 10.81 -29.49 16.99
C TYR H 80 9.38 -29.80 16.52
N LEU H 81 9.20 -29.83 15.20
CA LEU H 81 8.00 -30.30 14.54
C LEU H 81 8.42 -31.20 13.39
N GLN H 82 7.88 -32.43 13.33
CA GLN H 82 8.54 -33.50 12.61
C GLN H 82 7.52 -34.35 11.84
N TRP H 83 7.79 -34.51 10.54
CA TRP H 83 7.11 -35.47 9.68
C TRP H 83 8.14 -36.50 9.21
N SER H 84 7.66 -37.71 8.90
CA SER H 84 8.54 -38.73 8.35
C SER H 84 8.24 -38.93 6.87
N SER H 85 7.02 -38.63 6.44
CA SER H 85 6.62 -38.78 5.04
C SER H 85 5.69 -37.62 4.63
N LEU H 86 6.28 -36.60 4.01
CA LEU H 86 5.56 -35.39 3.65
C LEU H 86 4.56 -35.69 2.53
N LYS H 87 3.33 -35.19 2.71
CA LYS H 87 2.29 -35.19 1.71
C LYS H 87 2.27 -33.82 1.03
N ALA H 88 1.54 -33.71 -0.09
CA ALA H 88 1.46 -32.48 -0.86
C ALA H 88 0.73 -31.39 -0.08
N SER H 89 -0.22 -31.81 0.76
CA SER H 89 -1.08 -30.90 1.51
C SER H 89 -0.38 -30.41 2.77
N ASP H 90 0.87 -30.83 2.97
CA ASP H 90 1.66 -30.43 4.13
C ASP H 90 2.28 -29.05 3.88
N THR H 91 2.16 -28.56 2.64
CA THR H 91 2.62 -27.23 2.27
C THR H 91 1.86 -26.22 3.10
N ALA H 92 2.61 -25.40 3.86
CA ALA H 92 2.02 -24.41 4.74
C ALA H 92 3.09 -23.52 5.37
N MET H 93 2.62 -22.49 6.07
CA MET H 93 3.43 -21.73 7.00
C MET H 93 3.20 -22.29 8.40
N TYR H 94 4.29 -22.59 9.11
CA TYR H 94 4.24 -23.17 10.44
C TYR H 94 4.83 -22.20 11.44
N TYR H 95 4.03 -21.84 12.46
CA TYR H 95 4.43 -20.92 13.49
C TYR H 95 4.52 -21.65 14.83
N CYS H 96 5.51 -21.27 15.64
CA CYS H 96 5.50 -21.60 17.06
C CYS H 96 5.12 -20.36 17.86
N ALA H 97 4.46 -20.56 19.00
CA ALA H 97 3.96 -19.46 19.81
C ALA H 97 4.01 -19.83 21.29
N ARG H 98 3.89 -18.81 22.15
CA ARG H 98 3.88 -19.01 23.59
C ARG H 98 2.84 -18.08 24.21
N GLN H 99 2.26 -18.51 25.33
CA GLN H 99 1.41 -17.66 26.15
C GLN H 99 2.19 -16.40 26.52
N TRP H 100 1.46 -15.36 26.94
CA TRP H 100 2.09 -14.14 27.40
C TRP H 100 2.80 -14.39 28.73
N SER H 101 2.03 -14.88 29.71
CA SER H 101 2.55 -15.20 31.04
C SER H 101 1.83 -16.43 31.59
N HIS H 102 2.28 -16.88 32.77
CA HIS H 102 1.67 -18.02 33.45
C HIS H 102 0.19 -17.74 33.72
N TYR H 103 -0.21 -16.47 33.63
CA TYR H 103 -1.53 -16.04 34.04
C TYR H 103 -2.34 -15.49 32.86
N THR H 104 -1.68 -15.36 31.70
CA THR H 104 -2.33 -14.91 30.47
C THR H 104 -2.02 -15.91 29.36
N TYR H 105 -3.07 -16.58 28.89
CA TYR H 105 -2.95 -17.79 28.09
C TYR H 105 -3.06 -17.45 26.61
N ASP H 106 -3.31 -16.17 26.31
CA ASP H 106 -3.36 -15.66 24.96
C ASP H 106 -1.95 -15.66 24.37
N TYR H 107 -1.83 -16.09 23.11
CA TYR H 107 -0.55 -16.15 22.44
C TYR H 107 -0.09 -14.73 22.10
N TYR H 108 0.89 -14.24 22.86
CA TYR H 108 1.44 -12.91 22.60
C TYR H 108 2.71 -13.03 21.76
N TYR H 109 3.48 -14.10 22.00
CA TYR H 109 4.78 -14.25 21.35
C TYR H 109 4.67 -15.26 20.22
N TRP H 110 5.03 -14.83 19.01
CA TRP H 110 5.06 -15.71 17.83
C TRP H 110 6.48 -15.79 17.31
N GLY H 111 6.82 -16.96 16.73
CA GLY H 111 7.96 -17.05 15.83
C GLY H 111 7.71 -16.22 14.57
N GLN H 112 8.68 -16.20 13.66
CA GLN H 112 8.51 -15.46 12.41
C GLN H 112 7.92 -16.38 11.35
N GLY H 113 7.90 -17.68 11.64
CA GLY H 113 7.28 -18.67 10.77
C GLY H 113 8.31 -19.34 9.86
N THR H 114 8.08 -20.63 9.60
CA THR H 114 8.87 -21.40 8.64
C THR H 114 7.96 -21.79 7.48
N LEU H 115 8.39 -21.41 6.26
CA LEU H 115 7.63 -21.72 5.06
C LEU H 115 8.11 -23.08 4.52
N VAL H 116 7.17 -24.02 4.41
CA VAL H 116 7.45 -25.35 3.91
C VAL H 116 6.68 -25.55 2.60
N THR H 117 7.43 -25.86 1.52
CA THR H 117 6.85 -26.05 0.20
C THR H 117 7.12 -27.46 -0.29
N ILE H 118 6.02 -28.21 -0.54
CA ILE H 118 6.08 -29.57 -1.06
C ILE H 118 5.79 -29.52 -2.55
N SER H 119 6.85 -29.64 -3.36
CA SER H 119 6.73 -29.49 -4.80
C SER H 119 7.06 -30.81 -5.50
N SER H 120 6.14 -31.26 -6.35
CA SER H 120 6.31 -32.46 -7.14
C SER H 120 6.39 -32.09 -8.63
N ALA H 121 7.17 -31.04 -8.91
CA ALA H 121 7.12 -30.36 -10.20
C ALA H 121 8.50 -30.27 -10.85
N SER H 122 8.59 -30.80 -12.07
CA SER H 122 9.63 -30.44 -13.02
C SER H 122 8.99 -29.79 -14.25
N THR H 123 9.78 -29.54 -15.30
CA THR H 123 9.26 -28.90 -16.50
C THR H 123 8.18 -29.78 -17.12
N LYS H 124 7.03 -29.17 -17.43
CA LYS H 124 5.93 -29.87 -18.06
C LYS H 124 5.13 -28.89 -18.91
N GLY H 125 4.78 -29.34 -20.11
CA GLY H 125 3.95 -28.57 -21.04
C GLY H 125 2.47 -28.67 -20.67
N PRO H 126 1.65 -27.66 -21.02
CA PRO H 126 0.25 -27.65 -20.61
C PRO H 126 -0.55 -28.61 -21.48
N SER H 127 -1.67 -29.09 -20.94
CA SER H 127 -2.73 -29.66 -21.74
C SER H 127 -3.75 -28.55 -21.99
N VAL H 128 -4.15 -28.37 -23.25
CA VAL H 128 -5.10 -27.32 -23.58
C VAL H 128 -6.46 -27.94 -23.88
N PHE H 129 -7.51 -27.37 -23.28
CA PHE H 129 -8.84 -27.90 -23.45
C PHE H 129 -9.80 -26.81 -23.91
N PRO H 130 -10.69 -27.11 -24.88
CA PRO H 130 -11.65 -26.12 -25.36
C PRO H 130 -12.75 -25.95 -24.31
N LEU H 131 -13.01 -24.69 -23.95
CA LEU H 131 -14.16 -24.40 -23.11
C LEU H 131 -15.26 -23.87 -24.02
N ALA H 132 -16.13 -24.79 -24.44
CA ALA H 132 -17.11 -24.57 -25.49
C ALA H 132 -18.08 -23.46 -25.09
N PRO H 133 -18.52 -22.60 -26.05
CA PRO H 133 -19.51 -21.57 -25.75
C PRO H 133 -20.85 -22.25 -25.56
N SER H 134 -21.72 -21.59 -24.79
CA SER H 134 -23.07 -22.07 -24.60
C SER H 134 -23.77 -22.17 -25.96
N SER H 135 -24.15 -23.40 -26.34
CA SER H 135 -25.26 -23.58 -27.25
C SER H 135 -26.48 -23.01 -26.55
N LYS H 136 -27.55 -22.73 -27.28
CA LYS H 136 -28.69 -22.02 -26.70
C LYS H 136 -28.21 -20.64 -26.24
N SER H 137 -27.57 -19.89 -27.14
CA SER H 137 -27.13 -18.54 -26.87
C SER H 137 -28.16 -17.54 -27.40
N THR H 138 -28.36 -16.44 -26.67
CA THR H 138 -29.50 -15.54 -26.88
C THR H 138 -29.39 -14.81 -28.23
N SER H 139 -30.56 -14.46 -28.77
CA SER H 139 -30.71 -13.76 -30.03
C SER H 139 -29.87 -12.49 -30.02
N GLY H 140 -28.84 -12.46 -30.87
CA GLY H 140 -27.98 -11.31 -31.06
C GLY H 140 -27.48 -10.73 -29.73
N GLY H 141 -27.11 -11.64 -28.81
CA GLY H 141 -26.41 -11.30 -27.58
C GLY H 141 -24.95 -11.75 -27.67
N THR H 142 -24.33 -11.99 -26.51
CA THR H 142 -22.94 -12.41 -26.50
C THR H 142 -22.81 -13.81 -25.88
N ALA H 143 -21.63 -14.42 -26.09
CA ALA H 143 -21.33 -15.74 -25.57
C ALA H 143 -19.89 -15.79 -25.07
N ALA H 144 -19.68 -16.55 -23.99
CA ALA H 144 -18.36 -16.77 -23.42
C ALA H 144 -17.82 -18.11 -23.90
N LEU H 145 -16.61 -18.09 -24.46
CA LEU H 145 -15.88 -19.31 -24.77
C LEU H 145 -14.41 -19.11 -24.41
N GLY H 146 -13.69 -20.21 -24.17
CA GLY H 146 -12.33 -20.06 -23.71
C GLY H 146 -11.47 -21.31 -23.85
N CYS H 147 -10.26 -21.21 -23.27
CA CYS H 147 -9.28 -22.28 -23.21
C CYS H 147 -8.87 -22.52 -21.75
N LEU H 148 -8.80 -23.79 -21.39
CA LEU H 148 -8.21 -24.22 -20.13
C LEU H 148 -6.79 -24.72 -20.39
N VAL H 149 -5.80 -24.00 -19.84
CA VAL H 149 -4.39 -24.34 -19.95
C VAL H 149 -3.96 -24.99 -18.64
N LYS H 150 -3.75 -26.31 -18.67
CA LYS H 150 -3.79 -27.13 -17.46
C LYS H 150 -2.44 -27.79 -17.20
N ASP H 151 -2.02 -27.77 -15.93
CA ASP H 151 -0.92 -28.57 -15.37
C ASP H 151 0.39 -28.30 -16.12
N TYR H 152 0.93 -27.08 -15.95
CA TYR H 152 2.19 -26.73 -16.60
C TYR H 152 3.17 -26.18 -15.56
N PHE H 153 4.45 -26.10 -15.95
CA PHE H 153 5.50 -25.61 -15.08
C PHE H 153 6.78 -25.41 -15.89
N PRO H 154 7.56 -24.33 -15.65
CA PRO H 154 7.16 -23.25 -14.74
C PRO H 154 6.30 -22.21 -15.47
N GLU H 155 6.09 -21.06 -14.81
CA GLU H 155 5.52 -19.88 -15.46
C GLU H 155 6.56 -19.32 -16.42
N PRO H 156 6.17 -18.56 -17.47
CA PRO H 156 4.76 -18.31 -17.79
C PRO H 156 4.25 -19.05 -19.03
N VAL H 157 2.93 -18.97 -19.24
CA VAL H 157 2.31 -19.24 -20.53
C VAL H 157 1.70 -17.94 -21.04
N THR H 158 1.76 -17.73 -22.36
CA THR H 158 1.06 -16.61 -22.97
C THR H 158 -0.09 -17.16 -23.80
N VAL H 159 -1.20 -16.41 -23.84
CA VAL H 159 -2.33 -16.82 -24.66
C VAL H 159 -2.74 -15.65 -25.56
N SER H 160 -2.94 -15.96 -26.84
CA SER H 160 -3.62 -15.04 -27.74
C SER H 160 -4.78 -15.76 -28.41
N TRP H 161 -5.58 -14.99 -29.14
CA TRP H 161 -6.69 -15.54 -29.90
C TRP H 161 -6.55 -15.12 -31.36
N ASN H 162 -6.93 -16.01 -32.27
CA ASN H 162 -6.84 -15.75 -33.69
C ASN H 162 -5.54 -15.01 -34.00
N SER H 163 -4.44 -15.55 -33.47
CA SER H 163 -3.06 -15.14 -33.73
C SER H 163 -2.81 -13.70 -33.31
N GLY H 164 -3.74 -13.12 -32.54
CA GLY H 164 -3.57 -11.76 -32.04
C GLY H 164 -4.55 -10.79 -32.70
N ALA H 165 -5.44 -11.32 -33.55
CA ALA H 165 -6.42 -10.52 -34.27
C ALA H 165 -7.65 -10.24 -33.39
N LEU H 166 -7.79 -11.00 -32.29
CA LEU H 166 -8.90 -10.83 -31.37
C LEU H 166 -8.35 -10.47 -29.99
N THR H 167 -8.53 -9.19 -29.61
CA THR H 167 -7.93 -8.66 -28.40
C THR H 167 -9.02 -8.16 -27.45
N SER H 168 -10.13 -7.70 -28.02
CA SER H 168 -11.19 -7.09 -27.23
C SER H 168 -12.13 -8.18 -26.70
N GLY H 169 -12.50 -8.04 -25.42
CA GLY H 169 -13.36 -8.99 -24.74
C GLY H 169 -12.62 -10.25 -24.31
N VAL H 170 -11.28 -10.15 -24.25
CA VAL H 170 -10.42 -11.26 -23.85
C VAL H 170 -9.93 -11.02 -22.43
N HIS H 171 -10.16 -12.01 -21.56
CA HIS H 171 -9.65 -12.02 -20.20
C HIS H 171 -8.83 -13.29 -19.99
N THR H 172 -7.51 -13.17 -20.00
CA THR H 172 -6.67 -14.27 -19.56
C THR H 172 -6.42 -14.15 -18.06
N PHE H 173 -6.92 -15.14 -17.30
CA PHE H 173 -6.85 -15.13 -15.85
C PHE H 173 -5.44 -15.51 -15.37
N PRO H 174 -4.93 -14.86 -14.30
CA PRO H 174 -3.69 -15.33 -13.65
C PRO H 174 -3.82 -16.78 -13.18
N ALA H 175 -2.69 -17.49 -13.22
CA ALA H 175 -2.64 -18.93 -13.00
C ALA H 175 -2.92 -19.24 -11.53
N VAL H 176 -3.31 -20.50 -11.27
CA VAL H 176 -3.41 -21.02 -9.92
C VAL H 176 -2.21 -21.93 -9.68
N LEU H 177 -1.56 -21.79 -8.51
CA LEU H 177 -0.58 -22.78 -8.09
C LEU H 177 -1.33 -23.93 -7.41
N GLN H 178 -1.28 -25.10 -8.04
CA GLN H 178 -1.94 -26.28 -7.53
C GLN H 178 -1.13 -26.84 -6.35
N SER H 179 -1.73 -27.74 -5.57
CA SER H 179 -1.03 -28.36 -4.47
C SER H 179 -0.01 -29.36 -4.98
N SER H 180 -0.09 -29.68 -6.28
CA SER H 180 0.87 -30.57 -6.92
C SER H 180 2.11 -29.80 -7.35
N GLY H 181 2.04 -28.46 -7.22
CA GLY H 181 3.15 -27.60 -7.59
C GLY H 181 3.07 -27.10 -9.03
N LEU H 182 2.08 -27.61 -9.78
CA LEU H 182 1.91 -27.25 -11.18
C LEU H 182 0.98 -26.05 -11.29
N TYR H 183 0.99 -25.41 -12.46
CA TYR H 183 0.16 -24.26 -12.73
C TYR H 183 -1.00 -24.64 -13.66
N SER H 184 -2.12 -23.93 -13.51
CA SER H 184 -3.27 -24.03 -14.39
C SER H 184 -3.85 -22.64 -14.63
N LEU H 185 -4.35 -22.42 -15.85
CA LEU H 185 -4.72 -21.10 -16.33
C LEU H 185 -5.94 -21.23 -17.24
N SER H 186 -6.73 -20.14 -17.31
CA SER H 186 -7.90 -20.07 -18.17
C SER H 186 -7.93 -18.75 -18.92
N SER H 187 -8.41 -18.79 -20.16
CA SER H 187 -8.60 -17.61 -20.98
C SER H 187 -10.01 -17.62 -21.54
N VAL H 188 -10.78 -16.56 -21.29
CA VAL H 188 -12.12 -16.41 -21.83
C VAL H 188 -12.15 -15.24 -22.81
N VAL H 189 -12.98 -15.40 -23.85
CA VAL H 189 -13.36 -14.31 -24.73
C VAL H 189 -14.88 -14.23 -24.77
N THR H 190 -15.40 -13.00 -24.77
CA THR H 190 -16.81 -12.71 -24.97
C THR H 190 -17.00 -12.26 -26.43
N VAL H 191 -17.85 -13.00 -27.16
CA VAL H 191 -18.06 -12.76 -28.58
C VAL H 191 -19.56 -12.71 -28.85
N PRO H 192 -20.01 -11.99 -29.91
CA PRO H 192 -21.41 -12.05 -30.36
C PRO H 192 -21.88 -13.46 -30.73
N SER H 193 -23.11 -13.78 -30.34
CA SER H 193 -23.72 -15.10 -30.48
C SER H 193 -23.84 -15.52 -31.94
N SER H 194 -24.06 -14.54 -32.83
CA SER H 194 -24.39 -14.82 -34.22
C SER H 194 -23.16 -15.31 -34.99
N SER H 195 -21.97 -14.98 -34.47
CA SER H 195 -20.70 -15.31 -35.10
C SER H 195 -20.34 -16.78 -34.86
N LEU H 196 -21.02 -17.41 -33.88
CA LEU H 196 -20.70 -18.76 -33.46
C LEU H 196 -20.74 -19.73 -34.64
N GLY H 197 -21.63 -19.46 -35.60
CA GLY H 197 -21.67 -20.19 -36.85
C GLY H 197 -20.56 -19.75 -37.80
N THR H 198 -20.33 -18.44 -37.86
CA THR H 198 -19.44 -17.79 -38.82
C THR H 198 -17.98 -17.96 -38.42
N GLN H 199 -17.56 -17.18 -37.41
CA GLN H 199 -16.18 -17.06 -36.99
C GLN H 199 -15.71 -18.35 -36.32
N THR H 200 -14.50 -18.78 -36.68
CA THR H 200 -13.80 -19.80 -35.92
C THR H 200 -12.91 -19.10 -34.90
N TYR H 201 -12.84 -19.67 -33.69
CA TYR H 201 -12.05 -19.10 -32.62
C TYR H 201 -10.94 -20.07 -32.23
N ILE H 202 -9.70 -19.60 -32.36
CA ILE H 202 -8.53 -20.40 -32.04
C ILE H 202 -7.72 -19.67 -30.96
N CYS H 203 -7.49 -20.34 -29.83
CA CYS H 203 -6.63 -19.74 -28.83
C CYS H 203 -5.21 -20.26 -29.01
N ASN H 204 -4.24 -19.34 -28.92
CA ASN H 204 -2.84 -19.62 -29.19
C ASN H 204 -2.07 -19.66 -27.87
N VAL H 205 -1.84 -20.87 -27.37
CA VAL H 205 -1.14 -21.11 -26.11
C VAL H 205 0.31 -21.41 -26.43
N ASN H 206 1.21 -20.71 -25.74
CA ASN H 206 2.65 -20.86 -25.94
C ASN H 206 3.33 -20.98 -24.58
N HIS H 207 4.06 -22.09 -24.40
CA HIS H 207 4.78 -22.34 -23.16
C HIS H 207 6.25 -22.54 -23.48
N LYS H 208 7.00 -21.43 -23.52
CA LYS H 208 8.38 -21.41 -24.02
C LYS H 208 9.25 -22.36 -23.20
N PRO H 209 9.19 -22.33 -21.84
CA PRO H 209 9.97 -23.26 -21.00
C PRO H 209 9.92 -24.73 -21.41
N SER H 210 8.77 -25.19 -21.94
CA SER H 210 8.62 -26.58 -22.32
C SER H 210 8.73 -26.74 -23.84
N ASN H 211 8.81 -25.61 -24.55
CA ASN H 211 8.94 -25.60 -25.99
C ASN H 211 7.69 -26.19 -26.65
N THR H 212 6.51 -25.77 -26.19
CA THR H 212 5.28 -26.21 -26.83
C THR H 212 4.40 -25.02 -27.20
N LYS H 213 3.80 -25.12 -28.38
CA LYS H 213 2.76 -24.20 -28.83
C LYS H 213 1.50 -25.02 -29.12
N VAL H 214 0.35 -24.53 -28.64
CA VAL H 214 -0.92 -25.16 -28.95
C VAL H 214 -1.89 -24.13 -29.51
N ASP H 215 -2.41 -24.42 -30.70
CA ASP H 215 -3.53 -23.70 -31.28
C ASP H 215 -4.78 -24.60 -31.19
N LYS H 216 -5.68 -24.25 -30.28
CA LYS H 216 -6.88 -25.02 -30.01
C LYS H 216 -8.08 -24.29 -30.62
N LYS H 217 -8.83 -25.04 -31.43
CA LYS H 217 -10.06 -24.47 -32.02
C LYS H 217 -11.20 -24.74 -31.05
N VAL H 218 -11.91 -23.69 -30.66
CA VAL H 218 -13.03 -23.80 -29.73
C VAL H 218 -14.32 -23.75 -30.54
N GLU H 219 -15.00 -24.90 -30.62
CA GLU H 219 -16.19 -25.06 -31.44
C GLU H 219 -17.42 -25.10 -30.53
N PRO H 220 -18.60 -24.66 -31.04
CA PRO H 220 -19.85 -24.74 -30.27
C PRO H 220 -20.22 -26.18 -29.95
N LYS H 221 -20.88 -26.37 -28.79
CA LYS H 221 -21.41 -27.65 -28.37
C LYS H 221 -22.41 -28.15 -29.41
N SER H 222 -22.60 -29.48 -29.44
CA SER H 222 -23.62 -30.09 -30.26
C SER H 222 -24.51 -31.00 -29.40
N ILE I 9 20.07 15.50 -29.14
CA ILE I 9 19.29 14.24 -29.32
C ILE I 9 19.78 13.55 -30.59
N THR I 10 20.16 12.27 -30.47
CA THR I 10 20.52 11.44 -31.61
C THR I 10 19.34 10.54 -31.97
N ASN I 11 18.39 10.45 -31.04
CA ASN I 11 17.17 9.66 -31.15
C ASN I 11 16.49 9.93 -32.49
N LEU I 12 16.23 8.87 -33.26
CA LEU I 12 15.56 9.00 -34.55
C LEU I 12 14.08 8.66 -34.38
N CYS I 13 13.21 9.48 -34.97
CA CYS I 13 11.77 9.38 -34.73
C CYS I 13 11.24 8.07 -35.30
N PRO I 14 10.41 7.33 -34.54
CA PRO I 14 10.01 5.97 -34.90
C PRO I 14 8.88 5.95 -35.92
N PHE I 15 9.13 6.56 -37.09
CA PHE I 15 8.15 6.63 -38.15
C PHE I 15 7.80 5.22 -38.64
N GLY I 16 8.81 4.34 -38.69
CA GLY I 16 8.63 2.96 -39.07
C GLY I 16 7.44 2.31 -38.35
N GLU I 17 7.34 2.56 -37.04
CA GLU I 17 6.31 1.98 -36.18
C GLU I 17 4.91 2.33 -36.70
N VAL I 18 4.79 3.46 -37.41
CA VAL I 18 3.50 3.99 -37.83
C VAL I 18 3.19 3.54 -39.25
N PHE I 19 4.09 3.85 -40.18
CA PHE I 19 3.85 3.69 -41.60
C PHE I 19 3.88 2.21 -42.00
N ASN I 20 4.66 1.40 -41.28
CA ASN I 20 4.90 0.02 -41.65
C ASN I 20 4.25 -0.93 -40.64
N ALA I 21 3.05 -0.58 -40.18
CA ALA I 21 2.46 -1.16 -38.97
C ALA I 21 1.98 -2.60 -39.15
N THR I 22 1.66 -2.99 -40.39
CA THR I 22 1.05 -4.27 -40.76
C THR I 22 -0.44 -4.29 -40.44
N ARG I 23 -0.79 -4.03 -39.17
CA ARG I 23 -2.18 -3.82 -38.81
C ARG I 23 -2.47 -2.32 -38.77
N PHE I 24 -3.55 -1.93 -39.44
CA PHE I 24 -4.03 -0.55 -39.44
C PHE I 24 -5.46 -0.51 -38.92
N ALA I 25 -5.82 0.61 -38.30
CA ALA I 25 -7.08 0.77 -37.59
C ALA I 25 -8.18 1.18 -38.56
N SER I 26 -9.42 0.78 -38.23
CA SER I 26 -10.59 1.34 -38.89
C SER I 26 -10.62 2.84 -38.63
N VAL I 27 -11.24 3.58 -39.55
CA VAL I 27 -11.26 5.04 -39.49
C VAL I 27 -11.96 5.52 -38.22
N TYR I 28 -13.04 4.83 -37.83
CA TYR I 28 -13.84 5.24 -36.69
C TYR I 28 -13.03 5.11 -35.40
N ALA I 29 -12.10 4.14 -35.36
CA ALA I 29 -11.29 3.88 -34.19
C ALA I 29 -9.83 4.18 -34.48
N TRP I 30 -9.57 5.37 -35.04
CA TRP I 30 -8.27 5.76 -35.54
C TRP I 30 -7.24 5.84 -34.41
N ASN I 31 -6.01 5.39 -34.70
CA ASN I 31 -4.91 5.34 -33.76
C ASN I 31 -4.21 6.70 -33.68
N ARG I 32 -3.59 6.97 -32.53
CA ARG I 32 -2.72 8.12 -32.35
C ARG I 32 -1.40 7.66 -31.76
N LYS I 33 -0.30 8.17 -32.34
CA LYS I 33 1.03 7.93 -31.81
C LYS I 33 1.69 9.28 -31.53
N ARG I 34 2.01 9.52 -30.26
CA ARG I 34 2.74 10.71 -29.85
C ARG I 34 4.18 10.54 -30.27
N ILE I 35 4.78 11.63 -30.77
CA ILE I 35 6.17 11.61 -31.22
C ILE I 35 6.89 12.78 -30.55
N SER I 36 7.85 12.45 -29.68
CA SER I 36 8.57 13.44 -28.87
C SER I 36 10.03 13.02 -28.71
N ASN I 37 10.90 14.02 -28.54
CA ASN I 37 12.28 13.85 -28.10
C ASN I 37 13.09 13.04 -29.10
N CYS I 38 12.93 13.38 -30.39
CA CYS I 38 13.70 12.73 -31.43
C CYS I 38 13.93 13.71 -32.57
N VAL I 39 14.87 13.36 -33.47
CA VAL I 39 15.06 14.09 -34.70
C VAL I 39 14.30 13.37 -35.81
N ALA I 40 13.46 14.14 -36.53
CA ALA I 40 12.60 13.60 -37.56
C ALA I 40 13.24 13.83 -38.92
N ASP I 41 13.41 12.74 -39.67
CA ASP I 41 13.83 12.83 -41.05
C ASP I 41 12.61 12.66 -41.95
N TYR I 42 11.98 13.79 -42.30
CA TYR I 42 10.79 13.80 -43.14
C TYR I 42 11.17 13.38 -44.56
N SER I 43 12.48 13.40 -44.84
CA SER I 43 13.06 12.94 -46.10
C SER I 43 12.68 11.49 -46.39
N VAL I 44 12.63 10.67 -45.33
CA VAL I 44 12.32 9.25 -45.45
C VAL I 44 10.91 9.10 -46.03
N LEU I 45 10.03 10.08 -45.75
CA LEU I 45 8.65 10.03 -46.16
C LEU I 45 8.50 10.55 -47.59
N TYR I 46 8.95 11.79 -47.83
CA TYR I 46 8.67 12.46 -49.09
C TYR I 46 9.50 11.87 -50.24
N ASN I 47 10.47 11.02 -49.92
CA ASN I 47 11.30 10.38 -50.93
C ASN I 47 10.71 9.04 -51.35
N SER I 48 9.74 8.55 -50.58
CA SER I 48 9.16 7.24 -50.82
C SER I 48 8.19 7.30 -52.00
N ALA I 49 8.31 6.33 -52.91
CA ALA I 49 7.49 6.29 -54.11
C ALA I 49 6.16 5.56 -53.83
N SER I 50 5.65 5.72 -52.60
CA SER I 50 4.46 5.01 -52.17
C SER I 50 3.29 5.98 -52.06
N PHE I 51 3.59 7.25 -51.78
CA PHE I 51 2.60 8.21 -51.32
C PHE I 51 1.98 8.98 -52.49
N SER I 52 0.75 8.60 -52.83
CA SER I 52 0.00 9.25 -53.90
C SER I 52 -0.52 10.60 -53.44
N THR I 53 -0.45 10.85 -52.13
CA THR I 53 -0.96 12.08 -51.54
C THR I 53 -0.04 12.55 -50.43
N PHE I 54 0.29 13.85 -50.46
CA PHE I 54 1.15 14.49 -49.48
C PHE I 54 0.77 15.96 -49.38
N LYS I 55 -0.35 16.23 -48.72
CA LYS I 55 -0.88 17.57 -48.56
C LYS I 55 -0.44 18.11 -47.21
N CYS I 56 0.26 19.26 -47.24
CA CYS I 56 0.71 19.90 -46.01
C CYS I 56 0.02 21.25 -45.85
N TYR I 57 -0.30 21.60 -44.60
CA TYR I 57 -1.07 22.79 -44.28
C TYR I 57 -0.28 23.67 -43.31
N GLY I 58 -0.15 24.95 -43.67
CA GLY I 58 0.62 25.91 -42.90
C GLY I 58 2.11 25.54 -42.83
N VAL I 59 2.53 24.64 -43.72
CA VAL I 59 3.88 24.10 -43.74
C VAL I 59 4.12 23.48 -45.11
N SER I 60 5.41 23.35 -45.49
CA SER I 60 5.79 22.91 -46.82
C SER I 60 6.67 21.66 -46.75
N PRO I 61 6.41 20.63 -47.59
CA PRO I 61 7.22 19.41 -47.60
C PRO I 61 8.73 19.65 -47.71
N THR I 62 9.11 20.68 -48.47
CA THR I 62 10.50 21.07 -48.62
C THR I 62 11.04 21.57 -47.28
N LYS I 63 10.21 22.34 -46.57
CA LYS I 63 10.60 23.11 -45.41
C LYS I 63 10.74 22.20 -44.19
N LEU I 64 10.22 20.96 -44.29
CA LEU I 64 9.99 20.09 -43.15
C LEU I 64 11.26 19.84 -42.35
N ASN I 65 12.35 19.52 -43.05
CA ASN I 65 13.59 19.10 -42.40
C ASN I 65 14.31 20.28 -41.74
N ASP I 66 13.81 21.50 -41.97
CA ASP I 66 14.41 22.70 -41.44
C ASP I 66 13.51 23.33 -40.39
N LEU I 67 12.59 22.53 -39.82
CA LEU I 67 11.58 23.05 -38.93
C LEU I 67 11.59 22.30 -37.59
N CYS I 68 11.23 23.03 -36.53
CA CYS I 68 11.24 22.51 -35.17
C CYS I 68 9.85 22.64 -34.54
N PHE I 69 9.46 21.61 -33.78
CA PHE I 69 8.14 21.53 -33.17
C PHE I 69 8.25 21.02 -31.74
N THR I 70 7.22 21.33 -30.93
CA THR I 70 7.14 20.89 -29.55
C THR I 70 6.88 19.38 -29.50
N ASN I 71 5.90 18.93 -30.30
CA ASN I 71 5.52 17.53 -30.39
C ASN I 71 4.92 17.27 -31.77
N VAL I 72 4.88 16.00 -32.16
CA VAL I 72 4.23 15.58 -33.40
C VAL I 72 3.25 14.47 -33.06
N TYR I 73 2.10 14.47 -33.75
CA TYR I 73 1.04 13.49 -33.51
C TYR I 73 0.68 12.79 -34.81
N ALA I 74 0.86 11.46 -34.82
CA ALA I 74 0.61 10.65 -35.99
C ALA I 74 -0.68 9.85 -35.81
N ASP I 75 -1.72 10.24 -36.57
CA ASP I 75 -2.99 9.56 -36.59
C ASP I 75 -3.07 8.70 -37.85
N SER I 76 -3.44 7.43 -37.70
CA SER I 76 -3.44 6.50 -38.83
C SER I 76 -4.73 5.68 -38.86
N PHE I 77 -5.16 5.32 -40.08
CA PHE I 77 -6.39 4.56 -40.33
C PHE I 77 -6.48 4.19 -41.82
N VAL I 78 -7.58 3.51 -42.18
CA VAL I 78 -7.82 3.09 -43.55
C VAL I 78 -9.18 3.61 -44.01
N ILE I 79 -9.25 4.03 -45.29
CA ILE I 79 -10.48 4.51 -45.90
C ILE I 79 -10.52 4.13 -47.38
N ARG I 80 -11.63 4.48 -48.04
CA ARG I 80 -11.80 4.44 -49.49
C ARG I 80 -10.93 5.52 -50.12
N GLY I 81 -10.59 5.33 -51.40
CA GLY I 81 -9.82 6.31 -52.16
C GLY I 81 -10.52 7.66 -52.25
N ASP I 82 -11.82 7.63 -52.55
CA ASP I 82 -12.62 8.83 -52.79
C ASP I 82 -12.69 9.69 -51.53
N GLU I 83 -12.27 9.11 -50.41
CA GLU I 83 -12.44 9.74 -49.10
C GLU I 83 -11.14 10.41 -48.66
N VAL I 84 -10.08 10.24 -49.46
CA VAL I 84 -8.79 10.82 -49.14
C VAL I 84 -8.90 12.35 -49.12
N ARG I 85 -9.74 12.90 -50.01
CA ARG I 85 -9.94 14.34 -50.11
C ARG I 85 -10.60 14.88 -48.85
N GLN I 86 -11.25 14.02 -48.06
CA GLN I 86 -12.01 14.46 -46.91
C GLN I 86 -11.10 14.62 -45.69
N ILE I 87 -9.94 13.98 -45.71
CA ILE I 87 -9.00 14.10 -44.61
C ILE I 87 -8.25 15.42 -44.76
N ALA I 88 -8.99 16.52 -44.63
CA ALA I 88 -8.48 17.86 -44.87
C ALA I 88 -9.34 18.86 -44.11
N PRO I 89 -8.79 20.03 -43.73
CA PRO I 89 -9.60 21.09 -43.11
C PRO I 89 -10.77 21.57 -43.98
N GLY I 90 -11.90 21.84 -43.32
CA GLY I 90 -13.07 22.45 -43.93
C GLY I 90 -13.75 21.54 -44.95
N GLN I 91 -13.77 20.23 -44.67
CA GLN I 91 -14.40 19.27 -45.57
C GLN I 91 -15.66 18.70 -44.91
N THR I 92 -16.53 18.11 -45.74
CA THR I 92 -17.69 17.37 -45.26
C THR I 92 -17.79 16.04 -45.99
N GLY I 93 -18.59 15.14 -45.42
CA GLY I 93 -18.71 13.78 -45.90
C GLY I 93 -18.72 12.81 -44.72
N LYS I 94 -19.07 11.54 -44.98
CA LYS I 94 -19.26 10.57 -43.92
C LYS I 94 -18.02 10.49 -43.02
N ILE I 95 -16.84 10.76 -43.60
CA ILE I 95 -15.59 10.57 -42.87
C ILE I 95 -15.26 11.81 -42.05
N ALA I 96 -15.34 12.99 -42.67
CA ALA I 96 -15.02 14.25 -42.04
C ALA I 96 -16.05 14.59 -40.97
N ASP I 97 -17.28 14.08 -41.12
CA ASP I 97 -18.37 14.40 -40.22
C ASP I 97 -18.43 13.40 -39.07
N TYR I 98 -18.28 12.11 -39.38
CA TYR I 98 -18.69 11.04 -38.47
C TYR I 98 -17.50 10.24 -37.97
N ASN I 99 -16.31 10.43 -38.57
CA ASN I 99 -15.20 9.52 -38.34
C ASN I 99 -13.95 10.27 -37.88
N TYR I 100 -13.46 11.19 -38.73
CA TYR I 100 -12.21 11.88 -38.45
C TYR I 100 -12.27 13.31 -38.99
N LYS I 101 -12.24 14.28 -38.07
CA LYS I 101 -12.39 15.69 -38.40
C LYS I 101 -11.09 16.42 -38.07
N LEU I 102 -10.53 17.10 -39.07
CA LEU I 102 -9.44 18.03 -38.87
C LEU I 102 -10.02 19.41 -38.58
N PRO I 103 -9.33 20.26 -37.78
CA PRO I 103 -9.80 21.63 -37.52
C PRO I 103 -9.39 22.59 -38.62
N ASP I 104 -10.06 23.76 -38.64
CA ASP I 104 -9.83 24.79 -39.65
C ASP I 104 -8.39 25.29 -39.60
N ASP I 105 -7.78 25.27 -38.41
CA ASP I 105 -6.48 25.90 -38.19
C ASP I 105 -5.39 24.83 -38.13
N PHE I 106 -5.71 23.64 -38.64
CA PHE I 106 -4.82 22.49 -38.59
C PHE I 106 -3.46 22.83 -39.18
N THR I 107 -2.40 22.41 -38.48
CA THR I 107 -1.03 22.50 -38.99
C THR I 107 -0.46 21.09 -39.08
N GLY I 108 -0.18 20.64 -40.31
CA GLY I 108 0.44 19.34 -40.51
C GLY I 108 0.31 18.83 -41.95
N CYS I 109 0.64 17.54 -42.12
CA CYS I 109 0.66 16.90 -43.43
C CYS I 109 -0.24 15.68 -43.41
N VAL I 110 -0.97 15.50 -44.53
CA VAL I 110 -1.82 14.33 -44.72
C VAL I 110 -1.22 13.49 -45.83
N ILE I 111 -0.79 12.27 -45.45
CA ILE I 111 -0.08 11.38 -46.35
C ILE I 111 -0.93 10.12 -46.52
N ALA I 112 -1.14 9.71 -47.78
CA ALA I 112 -1.97 8.56 -48.11
C ALA I 112 -1.29 7.72 -49.18
N TRP I 113 -1.49 6.39 -49.10
CA TRP I 113 -0.98 5.46 -50.09
C TRP I 113 -1.98 4.33 -50.34
N ASN I 114 -2.01 3.84 -51.58
CA ASN I 114 -2.90 2.76 -51.97
C ASN I 114 -2.41 1.48 -51.30
N SER I 115 -3.34 0.76 -50.66
CA SER I 115 -3.00 -0.48 -49.99
C SER I 115 -3.93 -1.61 -50.44
N ASN I 116 -4.20 -1.67 -51.74
CA ASN I 116 -5.10 -2.65 -52.31
C ASN I 116 -4.54 -4.06 -52.11
N ASN I 117 -3.23 -4.20 -52.30
CA ASN I 117 -2.57 -5.50 -52.30
C ASN I 117 -2.47 -6.05 -50.88
N LEU I 118 -2.73 -5.20 -49.87
CA LEU I 118 -2.62 -5.58 -48.47
C LEU I 118 -4.01 -5.73 -47.86
N ASP I 119 -4.89 -4.77 -48.14
CA ASP I 119 -6.12 -4.62 -47.40
C ASP I 119 -7.33 -5.12 -48.20
N SER I 120 -7.07 -5.73 -49.37
CA SER I 120 -8.14 -6.32 -50.18
C SER I 120 -7.93 -7.81 -50.30
N LYS I 121 -9.05 -8.55 -50.36
CA LYS I 121 -9.06 -9.97 -50.64
C LYS I 121 -10.30 -10.32 -51.44
N VAL I 122 -10.19 -11.32 -52.33
CA VAL I 122 -11.26 -11.78 -53.19
C VAL I 122 -12.45 -12.17 -52.32
N GLY I 123 -13.64 -11.70 -52.72
CA GLY I 123 -14.84 -11.89 -51.93
C GLY I 123 -15.13 -10.67 -51.04
N GLY I 124 -14.14 -9.77 -50.95
CA GLY I 124 -14.23 -8.57 -50.15
C GLY I 124 -13.65 -8.73 -48.75
N ASN I 125 -12.94 -7.70 -48.28
CA ASN I 125 -12.44 -7.64 -46.93
C ASN I 125 -13.33 -6.71 -46.11
N TYR I 126 -14.05 -7.29 -45.15
CA TYR I 126 -15.11 -6.59 -44.44
C TYR I 126 -14.64 -6.15 -43.05
N ASN I 127 -13.34 -6.22 -42.80
CA ASN I 127 -12.76 -5.92 -41.49
C ASN I 127 -12.82 -4.43 -41.20
N TYR I 128 -12.37 -3.62 -42.17
CA TYR I 128 -12.35 -2.17 -42.01
C TYR I 128 -13.77 -1.61 -41.99
N LEU I 129 -14.07 -0.86 -40.93
CA LEU I 129 -15.39 -0.27 -40.72
C LEU I 129 -15.27 1.25 -40.76
N TYR I 130 -16.44 1.90 -40.89
CA TYR I 130 -16.59 3.34 -40.77
C TYR I 130 -17.97 3.63 -40.19
N ARG I 131 -18.13 4.82 -39.61
CA ARG I 131 -19.40 5.23 -39.03
C ARG I 131 -20.26 5.86 -40.13
N LEU I 132 -21.45 5.30 -40.33
CA LEU I 132 -22.35 5.76 -41.39
C LEU I 132 -23.39 6.72 -40.83
N PHE I 133 -23.72 6.59 -39.54
CA PHE I 133 -24.76 7.40 -38.92
C PHE I 133 -24.25 7.99 -37.62
N ARG I 134 -24.56 9.27 -37.39
CA ARG I 134 -24.32 9.93 -36.11
C ARG I 134 -25.37 11.03 -35.93
N LYS I 135 -25.70 11.33 -34.66
CA LYS I 135 -26.70 12.32 -34.32
C LYS I 135 -26.18 13.71 -34.66
N SER I 136 -24.85 13.86 -34.68
CA SER I 136 -24.20 15.14 -34.96
C SER I 136 -22.78 14.92 -35.45
N ASN I 137 -22.22 15.97 -36.06
CA ASN I 137 -20.85 15.92 -36.57
C ASN I 137 -19.88 15.88 -35.40
N LEU I 138 -18.73 15.24 -35.64
CA LEU I 138 -17.61 15.22 -34.71
C LEU I 138 -17.01 16.61 -34.60
N LYS I 139 -16.54 16.94 -33.40
CA LYS I 139 -15.62 18.04 -33.19
C LYS I 139 -14.22 17.57 -33.60
N PRO I 140 -13.28 18.47 -33.96
CA PRO I 140 -11.97 18.05 -34.44
C PRO I 140 -11.24 17.14 -33.46
N PHE I 141 -10.69 16.04 -33.99
CA PHE I 141 -9.89 15.08 -33.24
C PHE I 141 -10.74 14.30 -32.23
N GLU I 142 -12.06 14.47 -32.30
CA GLU I 142 -12.96 13.61 -31.55
C GLU I 142 -12.88 12.20 -32.15
N ARG I 143 -13.00 11.19 -31.28
CA ARG I 143 -12.95 9.81 -31.69
C ARG I 143 -14.09 9.05 -30.99
N ASP I 144 -15.07 8.61 -31.78
CA ASP I 144 -16.25 7.94 -31.27
C ASP I 144 -16.17 6.46 -31.62
N ILE I 145 -16.18 5.59 -30.60
CA ILE I 145 -16.06 4.16 -30.84
C ILE I 145 -17.32 3.42 -30.36
N SER I 146 -18.33 4.16 -29.92
CA SER I 146 -19.54 3.55 -29.39
C SER I 146 -20.37 2.95 -30.51
N THR I 147 -21.18 1.95 -30.16
CA THR I 147 -21.96 1.20 -31.15
C THR I 147 -23.43 1.18 -30.73
N GLU I 148 -23.89 2.32 -30.23
CA GLU I 148 -25.29 2.54 -29.91
C GLU I 148 -26.10 2.48 -31.21
N ILE I 149 -27.16 1.66 -31.21
CA ILE I 149 -28.09 1.61 -32.33
C ILE I 149 -28.59 3.03 -32.59
N TYR I 150 -28.59 3.44 -33.86
CA TYR I 150 -28.94 4.79 -34.26
C TYR I 150 -30.43 4.88 -34.59
N GLN I 151 -31.09 5.85 -33.96
CA GLN I 151 -32.52 6.10 -34.16
C GLN I 151 -32.70 7.02 -35.37
N ALA I 152 -33.13 6.41 -36.49
CA ALA I 152 -33.36 7.13 -37.74
C ALA I 152 -34.81 7.61 -37.78
N GLY I 153 -35.71 6.84 -37.15
CA GLY I 153 -37.14 7.08 -37.20
C GLY I 153 -37.65 7.81 -35.95
N SER I 154 -38.95 7.62 -35.67
CA SER I 154 -39.60 8.28 -34.56
C SER I 154 -39.76 7.32 -33.38
N THR I 155 -39.54 6.03 -33.65
CA THR I 155 -39.64 4.98 -32.64
C THR I 155 -38.30 4.86 -31.93
N PRO I 156 -38.27 4.81 -30.57
CA PRO I 156 -37.04 4.52 -29.85
C PRO I 156 -36.57 3.12 -30.22
N CYS I 157 -35.24 2.92 -30.24
CA CYS I 157 -34.65 1.67 -30.72
C CYS I 157 -34.50 0.66 -29.58
N ASN I 158 -34.11 1.15 -28.39
CA ASN I 158 -33.86 0.33 -27.22
C ASN I 158 -32.76 -0.70 -27.49
N GLY I 159 -31.75 -0.28 -28.26
CA GLY I 159 -30.57 -1.09 -28.52
C GLY I 159 -30.86 -2.32 -29.36
N VAL I 160 -31.96 -2.27 -30.13
CA VAL I 160 -32.34 -3.36 -31.03
C VAL I 160 -32.28 -2.83 -32.47
N GLU I 161 -31.52 -3.55 -33.30
CA GLU I 161 -31.45 -3.33 -34.73
C GLU I 161 -32.81 -3.67 -35.34
N GLY I 162 -33.15 -2.97 -36.44
CA GLY I 162 -34.40 -3.19 -37.15
C GLY I 162 -34.70 -2.03 -38.09
N PHE I 163 -35.99 -1.87 -38.40
CA PHE I 163 -36.43 -0.82 -39.31
C PHE I 163 -36.26 0.54 -38.64
N ASN I 164 -35.50 1.42 -39.31
CA ASN I 164 -35.22 2.77 -38.86
C ASN I 164 -34.33 2.76 -37.62
N CYS I 165 -33.70 1.60 -37.36
CA CYS I 165 -32.87 1.38 -36.19
C CYS I 165 -31.60 0.65 -36.63
N TYR I 166 -30.56 1.42 -36.95
CA TYR I 166 -29.41 0.86 -37.65
C TYR I 166 -28.19 0.80 -36.73
N PHE I 167 -27.40 -0.26 -36.91
CA PHE I 167 -26.06 -0.33 -36.34
C PHE I 167 -25.21 0.76 -36.99
N PRO I 168 -24.50 1.60 -36.21
CA PRO I 168 -23.87 2.81 -36.74
C PRO I 168 -22.64 2.57 -37.60
N LEU I 169 -22.14 1.33 -37.63
CA LEU I 169 -20.92 1.03 -38.36
C LEU I 169 -21.24 0.19 -39.59
N GLN I 170 -20.51 0.46 -40.67
CA GLN I 170 -20.66 -0.22 -41.94
C GLN I 170 -19.28 -0.72 -42.40
N SER I 171 -19.27 -1.86 -43.10
CA SER I 171 -18.06 -2.41 -43.69
C SER I 171 -17.81 -1.79 -45.06
N TYR I 172 -16.52 -1.75 -45.45
CA TYR I 172 -16.12 -1.22 -46.72
C TYR I 172 -16.22 -2.30 -47.80
N GLY I 173 -15.86 -3.53 -47.41
CA GLY I 173 -15.82 -4.64 -48.35
C GLY I 173 -14.88 -4.37 -49.53
N PHE I 174 -13.62 -4.06 -49.20
CA PHE I 174 -12.60 -3.82 -50.21
C PHE I 174 -12.33 -5.12 -50.97
N GLN I 175 -12.59 -5.10 -52.27
CA GLN I 175 -12.17 -6.19 -53.14
C GLN I 175 -11.18 -5.65 -54.16
N PRO I 176 -10.20 -6.46 -54.61
CA PRO I 176 -9.09 -5.95 -55.42
C PRO I 176 -9.46 -5.46 -56.83
N THR I 177 -10.67 -5.79 -57.28
CA THR I 177 -11.09 -5.48 -58.64
C THR I 177 -11.81 -4.12 -58.70
N ASN I 178 -11.99 -3.48 -57.54
CA ASN I 178 -12.68 -2.20 -57.47
C ASN I 178 -11.85 -1.13 -58.18
N GLY I 179 -12.53 -0.04 -58.59
CA GLY I 179 -11.85 1.18 -58.99
C GLY I 179 -11.17 1.82 -57.78
N VAL I 180 -10.21 2.73 -58.05
CA VAL I 180 -9.35 3.24 -56.99
C VAL I 180 -10.16 3.95 -55.91
N GLY I 181 -11.22 4.67 -56.31
CA GLY I 181 -12.04 5.41 -55.39
C GLY I 181 -12.75 4.50 -54.38
N TYR I 182 -12.65 3.19 -54.61
CA TYR I 182 -13.27 2.19 -53.76
C TYR I 182 -12.22 1.16 -53.34
N GLN I 183 -10.95 1.48 -53.59
CA GLN I 183 -9.82 0.70 -53.10
C GLN I 183 -9.39 1.23 -51.74
N PRO I 184 -8.75 0.41 -50.88
CA PRO I 184 -8.32 0.88 -49.58
C PRO I 184 -7.07 1.76 -49.69
N TYR I 185 -7.07 2.86 -48.93
CA TYR I 185 -5.89 3.69 -48.76
C TYR I 185 -5.54 3.76 -47.28
N ARG I 186 -4.24 3.61 -46.98
CA ARG I 186 -3.74 3.88 -45.64
C ARG I 186 -3.39 5.36 -45.56
N VAL I 187 -3.79 5.99 -44.45
CA VAL I 187 -3.58 7.43 -44.27
C VAL I 187 -2.88 7.65 -42.93
N VAL I 188 -1.86 8.53 -42.96
CA VAL I 188 -1.21 9.01 -41.76
C VAL I 188 -1.29 10.53 -41.76
N VAL I 189 -1.90 11.07 -40.70
CA VAL I 189 -1.92 12.51 -40.49
C VAL I 189 -0.85 12.84 -39.47
N LEU I 190 0.09 13.72 -39.87
CA LEU I 190 1.07 14.24 -38.94
C LEU I 190 0.59 15.62 -38.48
N SER I 191 0.34 15.73 -37.17
CA SER I 191 0.03 17.01 -36.55
C SER I 191 1.31 17.62 -36.01
N PHE I 192 1.54 18.90 -36.35
CA PHE I 192 2.70 19.62 -35.86
C PHE I 192 2.25 20.65 -34.83
N GLU I 193 2.61 20.39 -33.57
CA GLU I 193 2.25 21.22 -32.43
C GLU I 193 3.35 22.24 -32.18
N LEU I 194 2.96 23.46 -31.82
CA LEU I 194 3.91 24.55 -31.61
C LEU I 194 3.48 25.38 -30.40
N LEU I 195 3.99 25.02 -29.23
CA LEU I 195 3.69 25.71 -27.99
C LEU I 195 4.84 26.65 -27.65
N HIS I 196 4.55 27.69 -26.84
CA HIS I 196 5.58 28.54 -26.28
C HIS I 196 6.35 27.74 -25.23
N ALA I 197 7.15 26.78 -25.73
CA ALA I 197 7.90 25.83 -24.94
C ALA I 197 9.03 25.28 -25.80
N PRO I 198 10.14 24.77 -25.21
CA PRO I 198 11.22 24.14 -25.98
C PRO I 198 10.73 23.00 -26.86
N ALA I 199 11.28 22.93 -28.08
CA ALA I 199 10.90 21.97 -29.09
C ALA I 199 11.61 20.64 -28.82
N THR I 200 10.92 19.53 -29.07
CA THR I 200 11.49 18.22 -28.80
C THR I 200 11.65 17.42 -30.10
N VAL I 201 11.02 17.90 -31.17
CA VAL I 201 11.10 17.23 -32.46
C VAL I 201 11.59 18.23 -33.51
N CYS I 202 12.82 17.98 -34.01
CA CYS I 202 13.42 18.83 -35.02
C CYS I 202 13.93 17.97 -36.18
N GLY I 203 14.09 18.60 -37.35
CA GLY I 203 14.71 17.95 -38.50
C GLY I 203 16.23 17.92 -38.38
N PRO I 204 16.94 17.16 -39.24
CA PRO I 204 18.40 17.09 -39.17
C PRO I 204 19.01 18.48 -39.22
N LYS I 205 19.72 18.84 -38.14
CA LYS I 205 20.37 20.13 -38.01
C LYS I 205 21.63 20.15 -38.89
N ILE J 9 -8.48 5.12 39.00
CA ILE J 9 -8.13 4.18 40.11
C ILE J 9 -7.83 4.96 41.37
N THR J 10 -8.74 4.89 42.35
CA THR J 10 -8.60 5.53 43.64
C THR J 10 -9.08 4.60 44.76
N ASN J 11 -9.70 3.48 44.37
CA ASN J 11 -10.31 2.55 45.31
C ASN J 11 -9.27 1.55 45.79
N LEU J 12 -9.36 1.16 47.08
CA LEU J 12 -8.45 0.22 47.70
C LEU J 12 -8.69 -1.18 47.12
N CYS J 13 -7.66 -2.03 47.20
CA CYS J 13 -7.75 -3.41 46.74
C CYS J 13 -8.40 -4.26 47.82
N PRO J 14 -9.18 -5.30 47.45
CA PRO J 14 -9.84 -6.16 48.45
C PRO J 14 -8.87 -7.16 49.08
N PHE J 15 -7.94 -6.63 49.89
CA PHE J 15 -7.00 -7.45 50.65
C PHE J 15 -7.74 -8.12 51.81
N GLY J 16 -8.65 -7.37 52.44
CA GLY J 16 -9.42 -7.85 53.58
C GLY J 16 -10.56 -8.78 53.17
N GLU J 17 -10.46 -9.34 51.95
CA GLU J 17 -11.40 -10.34 51.47
C GLU J 17 -10.69 -11.68 51.33
N VAL J 18 -9.36 -11.61 51.27
CA VAL J 18 -8.52 -12.79 51.06
C VAL J 18 -7.94 -13.22 52.41
N PHE J 19 -7.52 -12.25 53.22
CA PHE J 19 -6.85 -12.50 54.49
C PHE J 19 -7.89 -12.64 55.60
N ASN J 20 -8.98 -11.87 55.51
CA ASN J 20 -10.03 -11.86 56.51
C ASN J 20 -11.15 -12.83 56.10
N ALA J 21 -10.83 -13.76 55.20
CA ALA J 21 -11.81 -14.65 54.60
C ALA J 21 -12.38 -15.60 55.65
N THR J 22 -13.67 -15.93 55.50
CA THR J 22 -14.38 -16.81 56.41
C THR J 22 -13.77 -18.21 56.33
N ARG J 23 -13.87 -18.82 55.14
CA ARG J 23 -13.36 -20.16 54.90
C ARG J 23 -12.08 -20.06 54.07
N PHE J 24 -11.14 -20.97 54.35
CA PHE J 24 -9.97 -21.16 53.50
C PHE J 24 -10.05 -22.53 52.84
N ALA J 25 -9.45 -22.63 51.65
CA ALA J 25 -9.54 -23.84 50.84
C ALA J 25 -8.48 -24.84 51.27
N SER J 26 -8.75 -26.12 50.98
CA SER J 26 -7.76 -27.18 51.05
C SER J 26 -6.73 -26.95 49.95
N VAL J 27 -5.51 -27.46 50.14
CA VAL J 27 -4.36 -27.11 49.31
C VAL J 27 -4.47 -27.74 47.92
N TYR J 28 -5.09 -28.93 47.82
CA TYR J 28 -5.19 -29.62 46.55
C TYR J 28 -6.13 -28.86 45.61
N ALA J 29 -7.18 -28.26 46.18
CA ALA J 29 -8.16 -27.47 45.45
C ALA J 29 -8.01 -26.00 45.81
N TRP J 30 -6.82 -25.45 45.53
CA TRP J 30 -6.40 -24.14 46.01
C TRP J 30 -7.22 -23.02 45.36
N ASN J 31 -7.38 -21.93 46.11
CA ASN J 31 -8.24 -20.82 45.73
C ASN J 31 -7.43 -19.75 45.02
N ARG J 32 -8.06 -19.07 44.06
CA ARG J 32 -7.44 -17.99 43.31
C ARG J 32 -8.41 -16.80 43.24
N LYS J 33 -7.86 -15.59 43.38
CA LYS J 33 -8.62 -14.37 43.16
C LYS J 33 -7.83 -13.41 42.27
N ARG J 34 -8.54 -12.83 41.29
CA ARG J 34 -7.97 -11.80 40.43
C ARG J 34 -8.19 -10.44 41.09
N ILE J 35 -7.13 -9.61 41.05
CA ILE J 35 -7.15 -8.27 41.61
C ILE J 35 -6.73 -7.29 40.51
N SER J 36 -7.63 -6.35 40.17
CA SER J 36 -7.41 -5.44 39.07
C SER J 36 -7.97 -4.06 39.38
N ASN J 37 -7.34 -3.03 38.80
CA ASN J 37 -7.82 -1.66 38.80
C ASN J 37 -8.04 -1.18 40.24
N CYS J 38 -6.97 -1.18 41.03
CA CYS J 38 -7.03 -0.71 42.40
C CYS J 38 -5.65 -0.31 42.90
N VAL J 39 -5.64 0.58 43.90
CA VAL J 39 -4.41 1.03 44.55
C VAL J 39 -4.11 0.09 45.72
N ALA J 40 -2.99 -0.63 45.60
CA ALA J 40 -2.60 -1.64 46.57
C ALA J 40 -1.71 -1.02 47.65
N ASP J 41 -2.21 -1.05 48.89
CA ASP J 41 -1.42 -0.68 50.06
C ASP J 41 -0.92 -1.97 50.70
N TYR J 42 0.28 -2.40 50.30
CA TYR J 42 0.90 -3.59 50.84
C TYR J 42 1.37 -3.31 52.27
N SER J 43 1.45 -2.02 52.59
CA SER J 43 1.86 -1.53 53.90
C SER J 43 0.90 -2.04 54.98
N VAL J 44 -0.35 -2.32 54.58
CA VAL J 44 -1.37 -2.83 55.49
C VAL J 44 -1.08 -4.29 55.83
N LEU J 45 -0.22 -4.94 55.03
CA LEU J 45 0.10 -6.34 55.22
C LEU J 45 1.39 -6.50 56.05
N TYR J 46 2.51 -6.01 55.51
CA TYR J 46 3.82 -6.30 56.08
C TYR J 46 4.07 -5.53 57.38
N ASN J 47 3.12 -4.66 57.76
CA ASN J 47 3.21 -3.91 59.01
C ASN J 47 2.32 -4.54 60.07
N SER J 48 1.50 -5.52 59.66
CA SER J 48 0.67 -6.27 60.58
C SER J 48 1.52 -7.32 61.28
N ALA J 49 1.68 -7.16 62.61
CA ALA J 49 2.41 -8.09 63.44
C ALA J 49 1.59 -9.35 63.60
N SER J 50 1.56 -10.18 62.55
CA SER J 50 0.73 -11.38 62.51
C SER J 50 1.18 -12.31 61.39
N PHE J 51 2.30 -11.96 60.73
CA PHE J 51 2.83 -12.77 59.64
C PHE J 51 4.20 -13.32 60.00
N SER J 52 4.37 -14.64 59.78
CA SER J 52 5.55 -15.38 60.19
C SER J 52 6.48 -15.63 58.99
N THR J 53 5.88 -15.89 57.82
CA THR J 53 6.66 -16.14 56.61
C THR J 53 6.23 -15.17 55.53
N PHE J 54 7.21 -14.44 54.98
CA PHE J 54 6.99 -13.43 53.97
C PHE J 54 8.14 -13.47 52.97
N LYS J 55 8.04 -14.38 51.99
CA LYS J 55 9.11 -14.64 51.06
C LYS J 55 8.73 -14.10 49.69
N CYS J 56 9.41 -13.02 49.27
CA CYS J 56 9.12 -12.36 48.00
C CYS J 56 10.22 -12.68 46.99
N TYR J 57 9.79 -12.98 45.76
CA TYR J 57 10.68 -13.42 44.70
C TYR J 57 10.66 -12.40 43.55
N GLY J 58 11.82 -11.79 43.30
CA GLY J 58 11.98 -10.82 42.23
C GLY J 58 11.59 -9.41 42.65
N VAL J 59 11.21 -9.25 43.94
CA VAL J 59 10.78 -7.99 44.50
C VAL J 59 11.00 -8.03 46.01
N SER J 60 11.46 -6.90 46.58
CA SER J 60 11.62 -6.79 48.02
C SER J 60 10.36 -6.19 48.64
N PRO J 61 9.98 -6.60 49.87
CA PRO J 61 8.76 -6.10 50.53
C PRO J 61 8.76 -4.59 50.77
N THR J 62 9.96 -4.02 50.93
CA THR J 62 10.14 -2.61 51.24
C THR J 62 9.83 -1.75 50.01
N LYS J 63 9.84 -2.38 48.83
CA LYS J 63 9.72 -1.68 47.55
C LYS J 63 8.45 -2.13 46.83
N LEU J 64 7.45 -2.58 47.60
CA LEU J 64 6.20 -3.07 47.03
C LEU J 64 5.32 -1.88 46.62
N ASN J 65 5.27 -0.86 47.48
CA ASN J 65 4.37 0.27 47.33
C ASN J 65 4.88 1.24 46.26
N ASP J 66 6.03 0.92 45.67
CA ASP J 66 6.68 1.78 44.69
C ASP J 66 6.50 1.21 43.28
N LEU J 67 5.98 -0.03 43.19
CA LEU J 67 5.93 -0.76 41.93
C LEU J 67 4.49 -0.89 41.42
N CYS J 68 4.36 -0.87 40.10
CA CYS J 68 3.09 -1.06 39.40
C CYS J 68 3.11 -2.37 38.64
N PHE J 69 1.98 -3.08 38.67
CA PHE J 69 1.82 -4.33 37.94
C PHE J 69 0.54 -4.29 37.11
N THR J 70 0.44 -5.21 36.14
CA THR J 70 -0.71 -5.27 35.26
C THR J 70 -1.89 -5.88 36.01
N ASN J 71 -1.68 -7.06 36.60
CA ASN J 71 -2.68 -7.77 37.38
C ASN J 71 -2.00 -8.46 38.56
N VAL J 72 -2.77 -8.72 39.62
CA VAL J 72 -2.32 -9.44 40.80
C VAL J 72 -3.25 -10.63 41.02
N TYR J 73 -2.64 -11.81 41.22
CA TYR J 73 -3.36 -13.05 41.48
C TYR J 73 -2.97 -13.57 42.86
N ALA J 74 -3.98 -13.85 43.69
CA ALA J 74 -3.79 -14.26 45.07
C ALA J 74 -4.36 -15.66 45.28
N ASP J 75 -3.45 -16.64 45.36
CA ASP J 75 -3.81 -18.02 45.63
C ASP J 75 -3.66 -18.28 47.13
N SER J 76 -4.69 -18.88 47.74
CA SER J 76 -4.66 -19.16 49.17
C SER J 76 -5.12 -20.58 49.47
N PHE J 77 -4.58 -21.15 50.55
CA PHE J 77 -4.85 -22.51 50.99
C PHE J 77 -4.34 -22.69 52.42
N VAL J 78 -4.49 -23.91 52.95
CA VAL J 78 -3.97 -24.28 54.26
C VAL J 78 -3.09 -25.52 54.11
N ILE J 79 -1.98 -25.56 54.88
CA ILE J 79 -1.04 -26.66 54.88
C ILE J 79 -0.48 -26.85 56.30
N ARG J 80 0.56 -27.69 56.41
CA ARG J 80 1.31 -27.90 57.64
C ARG J 80 2.40 -26.84 57.76
N GLY J 81 2.97 -26.72 58.96
CA GLY J 81 4.05 -25.78 59.23
C GLY J 81 5.32 -26.12 58.46
N ASP J 82 5.59 -27.42 58.30
CA ASP J 82 6.76 -27.91 57.62
C ASP J 82 6.66 -27.61 56.12
N GLU J 83 5.43 -27.75 55.58
CA GLU J 83 5.21 -27.70 54.15
C GLU J 83 5.19 -26.25 53.65
N VAL J 84 5.44 -25.29 54.55
CA VAL J 84 5.50 -23.89 54.21
C VAL J 84 6.71 -23.64 53.31
N ARG J 85 7.82 -24.34 53.60
CA ARG J 85 9.06 -24.18 52.86
C ARG J 85 8.91 -24.72 51.44
N GLN J 86 7.88 -25.54 51.20
CA GLN J 86 7.68 -26.20 49.92
C GLN J 86 7.01 -25.25 48.92
N ILE J 87 6.36 -24.20 49.45
CA ILE J 87 5.71 -23.22 48.60
C ILE J 87 6.75 -22.21 48.13
N ALA J 88 7.69 -22.70 47.30
CA ALA J 88 8.73 -21.88 46.69
C ALA J 88 9.10 -22.47 45.33
N PRO J 89 9.76 -21.69 44.44
CA PRO J 89 10.31 -22.24 43.19
C PRO J 89 11.38 -23.31 43.44
N GLY J 90 11.46 -24.26 42.49
CA GLY J 90 12.46 -25.32 42.49
C GLY J 90 12.42 -26.20 43.75
N GLN J 91 11.21 -26.49 44.24
CA GLN J 91 11.05 -27.29 45.45
C GLN J 91 10.46 -28.65 45.11
N THR J 92 10.79 -29.65 45.94
CA THR J 92 10.21 -30.98 45.83
C THR J 92 9.57 -31.38 47.15
N GLY J 93 8.83 -32.49 47.13
CA GLY J 93 7.94 -32.88 48.20
C GLY J 93 6.50 -32.98 47.69
N LYS J 94 5.64 -33.63 48.48
CA LYS J 94 4.29 -33.99 48.06
C LYS J 94 3.48 -32.78 47.61
N ILE J 95 3.66 -31.65 48.30
CA ILE J 95 2.87 -30.45 48.04
C ILE J 95 3.37 -29.77 46.76
N ALA J 96 4.69 -29.70 46.60
CA ALA J 96 5.30 -29.08 45.44
C ALA J 96 5.17 -30.00 44.22
N ASP J 97 4.94 -31.30 44.47
CA ASP J 97 4.85 -32.30 43.42
C ASP J 97 3.40 -32.41 42.94
N TYR J 98 2.45 -32.55 43.88
CA TYR J 98 1.12 -33.03 43.53
C TYR J 98 0.01 -32.04 43.92
N ASN J 99 0.38 -30.91 44.53
CA ASN J 99 -0.65 -30.02 45.06
C ASN J 99 -0.54 -28.63 44.45
N TYR J 100 0.56 -27.94 44.75
CA TYR J 100 0.74 -26.55 44.35
C TYR J 100 2.19 -26.32 43.93
N LYS J 101 2.41 -26.25 42.61
CA LYS J 101 3.73 -26.03 42.04
C LYS J 101 3.87 -24.56 41.65
N LEU J 102 5.01 -23.96 42.03
CA LEU J 102 5.37 -22.63 41.60
C LEU J 102 6.49 -22.73 40.56
N PRO J 103 6.46 -21.89 39.50
CA PRO J 103 7.50 -21.91 38.46
C PRO J 103 8.79 -21.25 38.93
N ASP J 104 9.90 -21.59 38.29
CA ASP J 104 11.22 -21.11 38.66
C ASP J 104 11.24 -19.57 38.64
N ASP J 105 10.77 -19.00 37.52
CA ASP J 105 10.88 -17.57 37.24
C ASP J 105 9.72 -16.80 37.87
N PHE J 106 9.21 -17.30 39.00
CA PHE J 106 8.05 -16.74 39.66
C PHE J 106 8.37 -15.35 40.21
N THR J 107 7.42 -14.43 40.03
CA THR J 107 7.51 -13.09 40.60
C THR J 107 6.29 -12.85 41.49
N GLY J 108 6.53 -12.81 42.81
CA GLY J 108 5.48 -12.61 43.79
C GLY J 108 5.95 -12.96 45.20
N CYS J 109 4.99 -13.03 46.13
CA CYS J 109 5.31 -13.20 47.54
C CYS J 109 4.49 -14.33 48.15
N VAL J 110 5.16 -15.13 49.00
CA VAL J 110 4.51 -16.18 49.77
C VAL J 110 4.32 -15.67 51.19
N ILE J 111 3.05 -15.46 51.56
CA ILE J 111 2.70 -14.93 52.87
C ILE J 111 2.03 -16.05 53.68
N ALA J 112 2.63 -16.38 54.83
CA ALA J 112 2.18 -17.48 55.67
C ALA J 112 2.17 -17.05 57.14
N TRP J 113 1.18 -17.56 57.88
CA TRP J 113 1.09 -17.35 59.32
C TRP J 113 0.49 -18.59 59.98
N ASN J 114 0.76 -18.71 61.29
CA ASN J 114 0.22 -19.80 62.09
C ASN J 114 -1.27 -19.56 62.30
N SER J 115 -2.06 -20.58 61.95
CA SER J 115 -3.51 -20.50 62.10
C SER J 115 -4.01 -21.65 62.99
N ASN J 116 -3.32 -21.84 64.11
CA ASN J 116 -3.66 -22.88 65.06
C ASN J 116 -4.96 -22.52 65.77
N ASN J 117 -5.13 -21.23 66.06
CA ASN J 117 -6.24 -20.77 66.89
C ASN J 117 -7.49 -20.50 66.04
N LEU J 118 -7.56 -21.16 64.87
CA LEU J 118 -8.76 -21.10 64.03
C LEU J 118 -9.06 -22.48 63.44
N ASP J 119 -8.04 -23.14 62.91
CA ASP J 119 -8.23 -24.33 62.08
C ASP J 119 -8.07 -25.61 62.89
N SER J 120 -7.48 -25.48 64.10
CA SER J 120 -7.32 -26.62 64.98
C SER J 120 -8.57 -26.82 65.82
N LYS J 121 -8.62 -27.96 66.53
CA LYS J 121 -9.65 -28.31 67.50
C LYS J 121 -9.23 -29.59 68.22
N VAL J 122 -9.69 -29.73 69.47
CA VAL J 122 -9.37 -30.89 70.29
C VAL J 122 -10.09 -32.11 69.71
N GLY J 123 -9.33 -33.17 69.43
CA GLY J 123 -9.88 -34.39 68.87
C GLY J 123 -9.31 -34.67 67.48
N GLY J 124 -9.36 -33.65 66.62
CA GLY J 124 -8.78 -33.73 65.29
C GLY J 124 -9.70 -33.11 64.22
N ASN J 125 -9.15 -32.14 63.47
CA ASN J 125 -9.83 -31.50 62.35
C ASN J 125 -9.32 -32.11 61.06
N TYR J 126 -10.13 -32.98 60.45
CA TYR J 126 -9.74 -33.73 59.28
C TYR J 126 -10.35 -33.12 58.02
N ASN J 127 -10.67 -31.82 58.09
CA ASN J 127 -11.38 -31.12 57.03
C ASN J 127 -10.46 -30.83 55.86
N TYR J 128 -9.26 -30.32 56.16
CA TYR J 128 -8.28 -29.97 55.15
C TYR J 128 -7.55 -31.23 54.68
N LEU J 129 -7.42 -31.36 53.35
CA LEU J 129 -6.84 -32.54 52.71
C LEU J 129 -5.65 -32.14 51.84
N TYR J 130 -4.93 -33.16 51.34
CA TYR J 130 -3.81 -32.98 50.43
C TYR J 130 -3.65 -34.22 49.55
N ARG J 131 -3.12 -34.03 48.34
CA ARG J 131 -2.87 -35.11 47.38
C ARG J 131 -1.55 -35.80 47.73
N LEU J 132 -1.61 -37.13 47.83
CA LEU J 132 -0.51 -37.94 48.33
C LEU J 132 0.08 -38.80 47.22
N PHE J 133 -0.68 -38.98 46.12
CA PHE J 133 -0.25 -39.81 45.01
C PHE J 133 -0.70 -39.17 43.70
N ARG J 134 0.13 -39.34 42.66
CA ARG J 134 -0.18 -38.91 41.30
C ARG J 134 0.86 -39.51 40.36
N LYS J 135 0.47 -39.69 39.08
CA LYS J 135 1.29 -40.36 38.10
C LYS J 135 2.45 -39.49 37.64
N SER J 136 2.32 -38.17 37.83
CA SER J 136 3.33 -37.21 37.43
C SER J 136 3.24 -35.94 38.28
N ASN J 137 4.35 -35.19 38.33
CA ASN J 137 4.41 -33.90 39.01
C ASN J 137 3.59 -32.89 38.20
N LEU J 138 2.95 -31.95 38.92
CA LEU J 138 2.17 -30.89 38.29
C LEU J 138 3.09 -29.93 37.55
N LYS J 139 2.55 -29.30 36.50
CA LYS J 139 3.17 -28.13 35.91
C LYS J 139 2.75 -26.91 36.74
N PRO J 140 3.58 -25.85 36.79
CA PRO J 140 3.22 -24.62 37.52
C PRO J 140 1.76 -24.18 37.37
N PHE J 141 1.05 -24.15 38.50
CA PHE J 141 -0.31 -23.65 38.63
C PHE J 141 -1.33 -24.64 38.05
N GLU J 142 -0.92 -25.89 37.86
CA GLU J 142 -1.86 -26.95 37.54
C GLU J 142 -2.66 -27.28 38.80
N ARG J 143 -3.97 -27.48 38.64
CA ARG J 143 -4.88 -27.64 39.75
C ARG J 143 -5.67 -28.93 39.58
N ASP J 144 -5.23 -29.98 40.30
CA ASP J 144 -5.90 -31.26 40.32
C ASP J 144 -7.03 -31.21 41.35
N ILE J 145 -8.11 -31.96 41.08
CA ILE J 145 -9.31 -31.92 41.89
C ILE J 145 -9.98 -33.30 41.83
N SER J 146 -9.43 -34.20 41.01
CA SER J 146 -9.97 -35.52 40.78
C SER J 146 -9.83 -36.39 42.02
N THR J 147 -10.59 -37.50 42.04
CA THR J 147 -10.65 -38.40 43.19
C THR J 147 -10.64 -39.84 42.71
N GLU J 148 -9.80 -40.14 41.70
CA GLU J 148 -9.71 -41.47 41.13
C GLU J 148 -8.59 -42.24 41.82
N ILE J 149 -8.89 -43.48 42.20
CA ILE J 149 -8.00 -44.35 42.98
C ILE J 149 -6.70 -44.57 42.22
N TYR J 150 -5.58 -44.34 42.92
CA TYR J 150 -4.23 -44.45 42.36
C TYR J 150 -3.79 -45.91 42.34
N GLN J 151 -3.21 -46.33 41.21
CA GLN J 151 -2.74 -47.70 41.01
C GLN J 151 -1.24 -47.76 41.25
N ALA J 152 -0.84 -48.62 42.19
CA ALA J 152 0.56 -48.78 42.57
C ALA J 152 1.09 -50.13 42.10
N GLY J 153 0.18 -51.08 41.87
CA GLY J 153 0.55 -52.45 41.54
C GLY J 153 0.37 -52.76 40.05
N SER J 154 0.61 -54.04 39.69
CA SER J 154 0.48 -54.52 38.32
C SER J 154 -0.99 -54.74 37.97
N THR J 155 -1.79 -55.15 38.98
CA THR J 155 -3.22 -55.38 38.81
C THR J 155 -3.94 -54.03 38.76
N PRO J 156 -4.82 -53.80 37.75
CA PRO J 156 -5.60 -52.56 37.68
C PRO J 156 -6.70 -52.50 38.73
N CYS J 157 -6.79 -51.36 39.42
CA CYS J 157 -7.89 -51.07 40.33
C CYS J 157 -9.16 -50.84 39.53
N ASN J 158 -10.31 -51.16 40.13
CA ASN J 158 -11.59 -50.98 39.47
C ASN J 158 -12.53 -50.14 40.34
N GLY J 159 -12.00 -49.03 40.84
CA GLY J 159 -12.76 -48.11 41.68
C GLY J 159 -12.70 -48.48 43.16
N VAL J 160 -12.67 -49.79 43.45
CA VAL J 160 -12.61 -50.29 44.81
C VAL J 160 -11.20 -50.09 45.36
N GLU J 161 -11.13 -49.79 46.67
CA GLU J 161 -9.86 -49.58 47.34
C GLU J 161 -9.31 -50.93 47.81
N GLY J 162 -8.00 -51.12 47.65
CA GLY J 162 -7.31 -52.31 48.10
C GLY J 162 -5.84 -52.04 48.33
N PHE J 163 -5.05 -53.12 48.50
CA PHE J 163 -3.61 -53.00 48.58
C PHE J 163 -3.05 -52.67 47.19
N ASN J 164 -2.22 -51.63 47.13
CA ASN J 164 -1.67 -51.09 45.89
C ASN J 164 -2.77 -50.39 45.09
N CYS J 165 -3.83 -49.96 45.79
CA CYS J 165 -4.90 -49.17 45.23
C CYS J 165 -5.39 -48.16 46.28
N TYR J 166 -4.77 -46.98 46.28
CA TYR J 166 -4.96 -46.02 47.35
C TYR J 166 -5.74 -44.79 46.85
N PHE J 167 -6.60 -44.26 47.72
CA PHE J 167 -7.30 -43.00 47.50
C PHE J 167 -6.26 -41.87 47.48
N PRO J 168 -6.36 -40.90 46.54
CA PRO J 168 -5.29 -39.92 46.34
C PRO J 168 -5.17 -38.85 47.43
N LEU J 169 -6.27 -38.62 48.16
CA LEU J 169 -6.31 -37.53 49.13
C LEU J 169 -6.24 -38.06 50.56
N GLN J 170 -5.64 -37.25 51.44
CA GLN J 170 -5.37 -37.63 52.81
C GLN J 170 -5.63 -36.43 53.72
N SER J 171 -6.13 -36.68 54.93
CA SER J 171 -6.46 -35.64 55.88
C SER J 171 -5.20 -35.13 56.58
N TYR J 172 -5.31 -33.95 57.21
CA TYR J 172 -4.20 -33.37 57.95
C TYR J 172 -4.31 -33.71 59.44
N GLY J 173 -5.54 -33.68 59.97
CA GLY J 173 -5.79 -34.00 61.37
C GLY J 173 -5.04 -33.04 62.30
N PHE J 174 -5.41 -31.75 62.21
CA PHE J 174 -4.78 -30.69 63.00
C PHE J 174 -5.40 -30.68 64.40
N GLN J 175 -4.59 -31.06 65.40
CA GLN J 175 -4.98 -30.88 66.79
C GLN J 175 -3.96 -29.96 67.47
N PRO J 176 -4.41 -29.09 68.41
CA PRO J 176 -3.61 -27.96 68.87
C PRO J 176 -2.22 -28.28 69.43
N THR J 177 -2.09 -29.43 70.12
CA THR J 177 -0.90 -29.75 70.89
C THR J 177 0.18 -30.38 70.01
N ASN J 178 -0.09 -30.49 68.70
CA ASN J 178 0.89 -30.99 67.74
C ASN J 178 2.13 -30.09 67.73
N GLY J 179 3.21 -30.59 67.13
CA GLY J 179 4.34 -29.73 66.80
C GLY J 179 3.92 -28.72 65.74
N VAL J 180 4.59 -27.56 65.70
CA VAL J 180 4.24 -26.52 64.74
C VAL J 180 4.38 -27.07 63.33
N GLY J 181 5.29 -28.05 63.17
CA GLY J 181 5.49 -28.73 61.89
C GLY J 181 4.33 -29.62 61.50
N TYR J 182 3.28 -29.64 62.35
CA TYR J 182 2.05 -30.36 62.08
C TYR J 182 0.84 -29.50 62.47
N GLN J 183 1.10 -28.22 62.74
CA GLN J 183 0.05 -27.25 63.04
C GLN J 183 -0.41 -26.58 61.75
N PRO J 184 -1.66 -26.07 61.68
CA PRO J 184 -2.16 -25.45 60.45
C PRO J 184 -1.61 -24.04 60.22
N TYR J 185 -1.23 -23.79 58.96
CA TYR J 185 -0.80 -22.49 58.50
C TYR J 185 -1.62 -22.10 57.28
N ARG J 186 -2.06 -20.84 57.23
CA ARG J 186 -2.68 -20.30 56.04
C ARG J 186 -1.61 -19.64 55.20
N VAL J 187 -1.69 -19.84 53.88
CA VAL J 187 -0.72 -19.30 52.94
C VAL J 187 -1.46 -18.50 51.87
N VAL J 188 -0.99 -17.26 51.66
CA VAL J 188 -1.46 -16.42 50.58
C VAL J 188 -0.29 -16.18 49.62
N VAL J 189 -0.45 -16.62 48.37
CA VAL J 189 0.55 -16.44 47.33
C VAL J 189 0.10 -15.29 46.45
N LEU J 190 0.89 -14.21 46.46
CA LEU J 190 0.63 -13.06 45.61
C LEU J 190 1.51 -13.18 44.36
N SER J 191 0.85 -13.22 43.19
CA SER J 191 1.51 -13.28 41.90
C SER J 191 1.47 -11.90 41.26
N PHE J 192 2.64 -11.41 40.83
CA PHE J 192 2.74 -10.12 40.17
C PHE J 192 2.98 -10.32 38.68
N GLU J 193 1.99 -9.89 37.87
CA GLU J 193 2.01 -10.04 36.43
C GLU J 193 2.43 -8.72 35.80
N LEU J 194 3.51 -8.74 35.02
CA LEU J 194 3.98 -7.57 34.31
C LEU J 194 3.99 -7.84 32.81
N LEU J 195 2.91 -7.39 32.14
CA LEU J 195 2.80 -7.52 30.70
C LEU J 195 3.11 -6.16 30.06
N HIS J 196 3.35 -6.17 28.75
CA HIS J 196 3.51 -4.94 27.99
C HIS J 196 2.13 -4.41 27.63
N ALA J 197 1.39 -4.01 28.67
CA ALA J 197 0.06 -3.45 28.59
C ALA J 197 -0.18 -2.55 29.81
N PRO J 198 -0.92 -1.42 29.68
CA PRO J 198 -1.13 -0.51 30.81
C PRO J 198 -1.43 -1.24 32.11
N ALA J 199 -0.74 -0.81 33.18
CA ALA J 199 -0.85 -1.40 34.52
C ALA J 199 -2.17 -0.97 35.16
N THR J 200 -2.71 -1.82 36.03
CA THR J 200 -3.98 -1.57 36.68
C THR J 200 -3.81 -1.51 38.20
N VAL J 201 -2.92 -2.37 38.73
CA VAL J 201 -2.68 -2.44 40.16
C VAL J 201 -1.36 -1.76 40.48
N CYS J 202 -1.45 -0.63 41.18
CA CYS J 202 -0.30 0.20 41.53
C CYS J 202 -0.32 0.51 43.03
N GLY J 203 0.83 0.93 43.55
CA GLY J 203 0.92 1.41 44.93
C GLY J 203 0.60 2.90 45.00
N PRO J 204 0.28 3.44 46.21
CA PRO J 204 0.01 4.88 46.35
C PRO J 204 1.30 5.69 46.20
N LYS J 205 1.19 6.83 45.52
CA LYS J 205 2.32 7.70 45.29
C LYS J 205 1.95 9.14 45.60
N LYS J 206 2.64 9.72 46.58
CA LYS J 206 2.42 11.10 47.00
C LYS J 206 3.78 11.82 47.11
C1 NAG K . 9.07 1.04 -44.18
C2 NAG K . 9.99 2.20 -43.75
C3 NAG K . 10.79 2.74 -44.94
C4 NAG K . 11.43 1.65 -45.79
C5 NAG K . 10.40 0.56 -46.13
C6 NAG K . 11.04 -0.60 -46.89
C7 NAG K . 9.72 4.25 -42.43
C8 NAG K . 9.17 5.61 -42.72
N2 NAG K . 9.19 3.25 -43.14
O3 NAG K . 11.84 3.61 -44.48
O4 NAG K . 11.95 2.23 -47.00
O5 NAG K . 9.83 0.07 -44.92
O6 NAG K . 11.66 -1.50 -45.96
O7 NAG K . 10.60 4.07 -41.61
C1 NAG L . -9.07 -7.52 58.58
C2 NAG L . -8.00 -6.59 57.99
C3 NAG L . -7.68 -5.38 58.89
C4 NAG L . -8.92 -4.78 59.57
C5 NAG L . -9.73 -5.88 60.25
C6 NAG L . -10.97 -5.33 60.94
C7 NAG L . -5.86 -7.02 56.82
C8 NAG L . -4.49 -6.76 57.33
N2 NAG L . -6.77 -7.35 57.75
O3 NAG L . -7.04 -4.36 58.11
O4 NAG L . -8.51 -3.78 60.52
O5 NAG L . -10.12 -6.82 59.26
O6 NAG L . -11.88 -6.40 61.23
O7 NAG L . -6.13 -6.97 55.64
#